data_9HFR
#
_entry.id   9HFR
#
_cell.length_a   1.00
_cell.length_b   1.00
_cell.length_c   1.00
_cell.angle_alpha   90.00
_cell.angle_beta   90.00
_cell.angle_gamma   90.00
#
_symmetry.space_group_name_H-M   'P 1'
#
loop_
_entity.id
_entity.type
_entity.pdbx_description
1 polymer 'Cytidine and dCMP deaminase domain-containing protein 1'
2 non-polymer 'ZINC ION'
3 water water
#
_entity_poly.entity_id   1
_entity_poly.type   'polypeptide(L)'
_entity_poly.pdbx_seq_one_letter_code
;MGSSHHHHHHSSGLVPRGSHMKEAGQMQNLESARAGRSVSTQTGSMTGQIPRLSKVNLFTLLSLWMELFPAEAQRQKSQK
NEEGKHGPLGDNEERTRVSTDKRQVKRTGLVVVKNMKIVGLHCSSEDLHAGQIALIKHGSRLKNCDLYFSRKPCSACLKM
IVNAGVNRISYWPADPEISLLTEASSSEDAKLDAKAVERLKSNSRAHVCVLLQPLVCYMVQFVEETSYKCDFIQKITKTL
PDANTDFYYECKQERIKEYEMLFLVSNEEMHKQILMTIGLENLCENPYFSNLRQNMKDLILLLATVASSVPNFKHFGFYR
SNPEQINEIHNQSLPQEIARHCMVQARLLAYRTEDHKTGVGAVIWAEGKSRSCDGTGAMYFVGCGYNAFPVGSEYADFPH
MDDKQKDREIRKFRYIIHAAQNALTFRCQEIKPEERSMIFVTKCPCDECVPLIKGAGIKQIYAGDVDVGKKKADISYMRF
GELEGVSKFTWQLNPSGAYGLEQNEPERRENGVLRPVPQKEEQHQDKKLRLGIH
;
_entity_poly.pdbx_strand_id   A,B,C,D,E,F
#
# COMPACT_ATOMS: atom_id res chain seq x y z
N ILE A 50 -25.57 25.77 6.96
CA ILE A 50 -24.76 26.59 7.85
C ILE A 50 -23.30 26.57 7.40
N PRO A 51 -22.58 27.66 7.63
CA PRO A 51 -21.16 27.68 7.29
C PRO A 51 -20.39 26.65 8.10
N ARG A 52 -19.37 26.07 7.47
CA ARG A 52 -18.54 25.05 8.11
C ARG A 52 -17.09 25.49 8.04
N LEU A 53 -16.43 25.53 9.20
CA LEU A 53 -15.04 25.95 9.24
C LEU A 53 -14.15 24.96 8.48
N SER A 54 -13.19 25.49 7.75
CA SER A 54 -12.26 24.65 7.01
C SER A 54 -11.32 23.91 7.97
N LYS A 55 -10.84 22.75 7.53
CA LYS A 55 -9.92 21.97 8.36
C LYS A 55 -8.62 22.74 8.59
N VAL A 56 -8.03 23.27 7.52
CA VAL A 56 -6.77 24.01 7.66
C VAL A 56 -6.98 25.32 8.38
N ASN A 57 -8.20 25.86 8.34
CA ASN A 57 -8.51 27.08 9.10
C ASN A 57 -8.68 26.79 10.58
N LEU A 58 -9.22 25.63 10.93
CA LEU A 58 -9.33 25.24 12.33
C LEU A 58 -7.97 24.93 12.93
N PHE A 59 -7.16 24.15 12.21
CA PHE A 59 -5.82 23.82 12.69
C PHE A 59 -4.95 25.07 12.79
N THR A 60 -5.21 26.07 11.94
CA THR A 60 -4.52 27.34 12.06
C THR A 60 -5.02 28.12 13.27
N LEU A 61 -6.34 28.15 13.46
CA LEU A 61 -6.91 28.87 14.60
C LEU A 61 -6.51 28.23 15.92
N LEU A 62 -6.50 26.89 15.97
CA LEU A 62 -6.10 26.20 17.19
C LEU A 62 -4.63 26.45 17.51
N SER A 63 -3.78 26.50 16.48
CA SER A 63 -2.37 26.79 16.69
C SER A 63 -2.17 28.18 17.28
N LEU A 64 -2.92 29.17 16.77
CA LEU A 64 -2.88 30.50 17.35
C LEU A 64 -3.40 30.49 18.78
N TRP A 65 -4.48 29.75 19.03
CA TRP A 65 -5.04 29.68 20.37
C TRP A 65 -4.08 28.97 21.33
N MET A 66 -3.41 27.92 20.87
CA MET A 66 -2.47 27.19 21.72
C MET A 66 -1.32 28.08 22.15
N GLU A 67 -0.97 29.08 21.36
CA GLU A 67 0.02 30.07 21.76
C GLU A 67 -0.40 30.86 22.98
N LEU A 68 -1.71 30.97 23.24
CA LEU A 68 -2.22 31.72 24.37
C LEU A 68 -2.50 30.84 25.58
N PHE A 69 -1.90 29.67 25.66
CA PHE A 69 -2.08 28.81 26.81
C PHE A 69 -1.47 29.47 28.05
N PRO A 70 -2.19 29.56 29.16
CA PRO A 70 -1.65 30.22 30.35
C PRO A 70 -0.42 29.51 30.88
N ALA A 71 0.50 30.30 31.43
CA ALA A 71 1.73 29.77 31.99
C ALA A 71 1.96 30.30 33.40
N GLN A 104 13.33 38.52 21.74
CA GLN A 104 14.31 37.48 21.47
C GLN A 104 13.66 36.32 20.73
N VAL A 105 13.03 35.41 21.48
CA VAL A 105 12.30 34.28 20.92
C VAL A 105 10.88 34.32 21.46
N LYS A 106 9.91 34.29 20.57
CA LYS A 106 8.50 34.42 20.94
C LYS A 106 7.84 33.06 21.11
N ARG A 107 6.77 33.05 21.90
CA ARG A 107 6.02 31.83 22.14
C ARG A 107 5.35 31.35 20.85
N THR A 108 5.26 30.03 20.70
CA THR A 108 4.67 29.43 19.51
C THR A 108 3.71 28.33 19.93
N GLY A 109 2.52 28.34 19.36
CA GLY A 109 1.61 27.23 19.49
C GLY A 109 1.75 26.25 18.33
N LEU A 110 1.27 25.03 18.54
CA LEU A 110 1.46 24.00 17.53
C LEU A 110 0.30 23.02 17.58
N VAL A 111 -0.10 22.54 16.40
CA VAL A 111 -1.11 21.52 16.24
C VAL A 111 -0.51 20.41 15.39
N VAL A 112 -0.45 19.21 15.95
CA VAL A 112 0.04 18.03 15.22
C VAL A 112 -1.18 17.26 14.73
N VAL A 113 -1.28 17.09 13.41
CA VAL A 113 -2.45 16.50 12.78
C VAL A 113 -2.00 15.27 12.01
N LYS A 114 -2.61 14.13 12.30
CA LYS A 114 -2.34 12.88 11.59
C LYS A 114 -3.66 12.32 11.07
N ASN A 115 -3.71 12.04 9.77
CA ASN A 115 -4.92 11.54 9.11
C ASN A 115 -6.10 12.48 9.34
N MET A 116 -5.83 13.79 9.24
CA MET A 116 -6.83 14.84 9.43
C MET A 116 -7.46 14.82 10.82
N LYS A 117 -6.76 14.24 11.80
CA LYS A 117 -7.21 14.20 13.19
C LYS A 117 -6.12 14.77 14.07
N ILE A 118 -6.49 15.65 14.99
CA ILE A 118 -5.51 16.28 15.87
C ILE A 118 -4.99 15.23 16.84
N VAL A 119 -3.67 15.06 16.88
CA VAL A 119 -3.02 14.09 17.75
C VAL A 119 -2.06 14.78 18.73
N GLY A 120 -2.19 16.10 18.88
CA GLY A 120 -1.36 16.83 19.83
C GLY A 120 -1.51 18.32 19.73
N LEU A 121 -1.60 18.98 20.88
CA LEU A 121 -1.68 20.44 20.97
C LEU A 121 -0.58 20.91 21.92
N HIS A 122 0.43 21.57 21.37
CA HIS A 122 1.61 21.95 22.14
C HIS A 122 1.72 23.47 22.21
N CYS A 123 2.65 23.92 23.06
CA CYS A 123 2.96 25.33 23.22
C CYS A 123 4.43 25.45 23.59
N SER A 124 5.00 26.63 23.34
CA SER A 124 6.41 26.86 23.60
C SER A 124 6.62 27.11 25.09
N SER A 125 7.39 26.24 25.73
CA SER A 125 7.72 26.43 27.14
C SER A 125 8.82 27.48 27.29
N GLU A 126 9.07 27.87 28.53
CA GLU A 126 10.12 28.84 28.80
C GLU A 126 11.51 28.28 28.48
N ASP A 127 11.65 26.97 28.41
CA ASP A 127 12.93 26.32 28.14
C ASP A 127 13.04 25.83 26.70
N LEU A 128 12.01 25.17 26.18
CA LEU A 128 12.05 24.53 24.87
C LEU A 128 11.20 25.30 23.87
N HIS A 129 11.21 24.82 22.64
CA HIS A 129 10.42 25.36 21.55
C HIS A 129 9.26 24.42 21.22
N ALA A 130 8.27 24.96 20.50
CA ALA A 130 7.11 24.16 20.13
C ALA A 130 7.50 23.03 19.20
N GLY A 131 8.39 23.29 18.25
CA GLY A 131 8.85 22.24 17.35
C GLY A 131 9.65 21.17 18.07
N GLN A 132 10.45 21.56 19.06
CA GLN A 132 11.24 20.60 19.82
C GLN A 132 10.40 19.80 20.81
N ILE A 133 9.35 20.43 21.36
CA ILE A 133 8.48 19.72 22.29
C ILE A 133 7.69 18.64 21.56
N ALA A 134 7.27 18.92 20.33
CA ALA A 134 6.56 17.91 19.54
C ALA A 134 7.45 16.70 19.26
N LEU A 135 8.73 16.93 19.02
CA LEU A 135 9.66 15.82 18.81
C LEU A 135 9.80 14.97 20.06
N ILE A 136 9.85 15.61 21.23
CA ILE A 136 9.95 14.86 22.48
C ILE A 136 8.69 14.05 22.73
N LYS A 137 7.52 14.68 22.53
CA LYS A 137 6.26 14.02 22.86
C LYS A 137 5.93 12.92 21.87
N HIS A 138 6.26 13.10 20.60
CA HIS A 138 5.89 12.16 19.55
C HIS A 138 7.06 11.35 19.00
N GLY A 139 8.21 11.97 18.78
CA GLY A 139 9.34 11.22 18.24
C GLY A 139 9.13 10.88 16.79
N SER A 140 9.37 9.63 16.44
CA SER A 140 9.21 9.17 15.06
C SER A 140 7.75 9.13 14.63
N ARG A 141 6.80 9.29 15.56
CA ARG A 141 5.39 9.28 15.22
C ARG A 141 4.97 10.54 14.46
N LEU A 142 5.85 11.53 14.36
CA LEU A 142 5.59 12.69 13.51
C LEU A 142 5.63 12.35 12.03
N LYS A 143 5.97 11.12 11.67
CA LYS A 143 5.98 10.70 10.28
C LYS A 143 4.59 10.85 9.66
N ASN A 144 4.55 11.46 8.47
CA ASN A 144 3.30 11.69 7.74
C ASN A 144 2.31 12.52 8.57
N CYS A 145 2.83 13.51 9.30
CA CYS A 145 2.01 14.39 10.11
C CYS A 145 2.06 15.81 9.55
N ASP A 146 0.93 16.51 9.63
CA ASP A 146 0.85 17.91 9.24
C ASP A 146 0.95 18.77 10.49
N LEU A 147 1.99 19.59 10.56
CA LEU A 147 2.25 20.44 11.73
C LEU A 147 1.87 21.88 11.39
N TYR A 148 1.05 22.48 12.24
CA TYR A 148 0.56 23.85 12.06
C TYR A 148 1.13 24.71 13.18
N PHE A 149 2.24 25.38 12.90
CA PHE A 149 2.80 26.32 13.86
C PHE A 149 2.11 27.67 13.77
N SER A 150 2.19 28.43 14.85
CA SER A 150 1.74 29.82 14.84
C SER A 150 2.85 30.79 14.48
N ARG A 151 4.08 30.30 14.39
CA ARG A 151 5.22 31.08 13.93
C ARG A 151 6.13 30.15 13.14
N LYS A 152 6.83 30.70 12.15
CA LYS A 152 7.70 29.87 11.33
C LYS A 152 8.78 29.26 12.21
N PRO A 153 8.94 27.93 12.21
CA PRO A 153 9.92 27.31 13.10
C PRO A 153 11.34 27.71 12.75
N CYS A 154 12.19 27.77 13.78
CA CYS A 154 13.59 28.09 13.58
C CYS A 154 14.29 26.95 12.83
N SER A 155 15.53 27.21 12.42
CA SER A 155 16.30 26.20 11.71
C SER A 155 16.54 24.98 12.58
N ALA A 156 16.74 25.19 13.89
CA ALA A 156 16.92 24.06 14.80
C ALA A 156 15.66 23.22 14.90
N CYS A 157 14.50 23.87 15.02
CA CYS A 157 13.24 23.14 15.13
C CYS A 157 12.81 22.55 13.79
N LEU A 158 13.18 23.18 12.67
CA LEU A 158 12.75 22.68 11.37
C LEU A 158 13.53 21.43 10.98
N LYS A 159 14.82 21.39 11.26
CA LYS A 159 15.64 20.25 10.87
C LYS A 159 15.22 18.98 11.61
N MET A 160 14.74 19.12 12.86
CA MET A 160 14.36 17.94 13.63
C MET A 160 13.04 17.37 13.15
N ILE A 161 12.06 18.22 12.85
CA ILE A 161 10.75 17.72 12.46
C ILE A 161 10.80 17.12 11.06
N VAL A 162 11.57 17.70 10.14
CA VAL A 162 11.70 17.11 8.81
C VAL A 162 12.48 15.81 8.89
N ASN A 163 13.39 15.70 9.85
CA ASN A 163 14.08 14.44 10.08
C ASN A 163 13.10 13.38 10.58
N ALA A 164 12.17 13.77 11.46
CA ALA A 164 11.19 12.82 11.97
C ALA A 164 10.27 12.31 10.87
N GLY A 165 10.07 13.08 9.82
CA GLY A 165 9.26 12.67 8.70
C GLY A 165 7.94 13.39 8.52
N VAL A 166 7.83 14.64 8.97
CA VAL A 166 6.58 15.37 8.83
C VAL A 166 6.27 15.57 7.35
N ASN A 167 4.99 15.76 7.06
CA ASN A 167 4.49 15.88 5.70
C ASN A 167 4.26 17.32 5.26
N ARG A 168 3.69 18.15 6.12
CA ARG A 168 3.31 19.51 5.74
C ARG A 168 3.50 20.42 6.94
N ILE A 169 4.39 21.38 6.81
CA ILE A 169 4.70 22.31 7.90
C ILE A 169 4.02 23.63 7.55
N SER A 170 2.80 23.81 8.04
CA SER A 170 2.11 25.08 7.88
C SER A 170 2.52 26.04 8.99
N TYR A 171 2.38 27.34 8.72
CA TYR A 171 2.73 28.33 9.72
C TYR A 171 1.95 29.60 9.47
N TRP A 172 1.82 30.39 10.53
CA TRP A 172 1.15 31.69 10.44
C TRP A 172 2.10 32.70 9.84
N PRO A 173 1.76 33.34 8.70
CA PRO A 173 2.70 34.23 7.99
C PRO A 173 2.90 35.59 8.68
N ALA A 174 3.22 35.56 9.95
CA ALA A 174 3.57 36.74 10.74
C ALA A 174 4.99 36.58 11.25
N ASP A 175 5.38 37.46 12.18
CA ASP A 175 6.70 37.45 12.82
C ASP A 175 7.08 36.03 13.23
N PRO A 176 8.17 35.48 12.69
CA PRO A 176 8.52 34.08 12.97
C PRO A 176 8.95 33.84 14.40
N GLU A 177 9.34 32.60 14.70
CA GLU A 177 9.68 32.24 16.07
C GLU A 177 10.90 33.02 16.56
N ILE A 178 11.93 33.10 15.74
CA ILE A 178 13.07 33.99 16.00
C ILE A 178 12.64 35.38 15.56
N SER A 179 12.36 36.25 16.53
CA SER A 179 11.70 37.53 16.25
C SER A 179 12.55 38.40 15.34
N LEU A 180 12.00 38.73 14.17
CA LEU A 180 12.63 39.68 13.26
C LEU A 180 12.38 41.13 13.66
N LEU A 181 11.47 41.39 14.58
CA LEU A 181 11.16 42.74 15.02
C LEU A 181 11.98 43.08 16.26
N THR A 182 13.28 43.21 16.04
CA THR A 182 14.22 43.53 17.11
C THR A 182 15.05 44.76 16.76
N SER A 187 17.65 41.90 14.19
CA SER A 187 18.92 41.33 14.63
C SER A 187 19.56 40.51 13.52
N GLU A 188 20.89 40.49 13.50
CA GLU A 188 21.61 39.72 12.50
C GLU A 188 21.36 38.23 12.66
N ASP A 189 21.32 37.75 13.91
CA ASP A 189 21.11 36.33 14.14
C ASP A 189 19.75 35.87 13.62
N ALA A 190 18.71 36.69 13.84
CA ALA A 190 17.37 36.33 13.38
C ALA A 190 17.31 36.26 11.86
N LYS A 191 17.92 37.24 11.18
CA LYS A 191 17.86 37.27 9.72
C LYS A 191 18.65 36.11 9.12
N LEU A 192 19.81 35.78 9.69
CA LEU A 192 20.56 34.63 9.22
C LEU A 192 19.80 33.33 9.47
N ASP A 193 19.11 33.23 10.61
CA ASP A 193 18.35 32.02 10.91
C ASP A 193 17.21 31.82 9.92
N ALA A 194 16.54 32.91 9.53
CA ALA A 194 15.48 32.80 8.53
C ALA A 194 16.03 32.32 7.19
N LYS A 195 17.23 32.79 6.82
CA LYS A 195 17.86 32.29 5.61
C LYS A 195 18.20 30.81 5.73
N ALA A 196 18.62 30.37 6.92
CA ALA A 196 18.95 28.97 7.12
C ALA A 196 17.74 28.08 6.92
N VAL A 197 16.57 28.54 7.34
CA VAL A 197 15.34 27.78 7.12
C VAL A 197 15.06 27.64 5.63
N GLU A 198 15.28 28.70 4.86
CA GLU A 198 14.99 28.67 3.44
C GLU A 198 15.88 27.68 2.70
N ARG A 199 17.18 27.65 3.03
CA ARG A 199 18.05 26.63 2.45
C ARG A 199 17.62 25.24 2.87
N LEU A 200 17.24 25.09 4.14
CA LEU A 200 16.76 23.80 4.62
C LEU A 200 15.40 23.45 4.02
N LYS A 201 14.55 24.45 3.79
CA LYS A 201 13.26 24.19 3.17
C LYS A 201 13.42 23.66 1.74
N SER A 202 14.34 24.24 0.98
CA SER A 202 14.58 23.80 -0.40
C SER A 202 15.28 22.45 -0.46
N ASN A 203 16.29 22.24 0.38
CA ASN A 203 17.00 20.97 0.38
C ASN A 203 16.10 19.82 0.83
N SER A 204 15.26 20.07 1.84
CA SER A 204 14.40 19.02 2.37
C SER A 204 13.21 18.78 1.44
N ARG A 205 12.39 17.80 1.80
CA ARG A 205 11.25 17.38 0.99
C ARG A 205 9.91 17.85 1.56
N ALA A 206 9.81 18.04 2.87
CA ALA A 206 8.54 18.41 3.47
C ALA A 206 8.06 19.77 2.98
N HIS A 207 6.75 19.91 2.82
CA HIS A 207 6.15 21.13 2.28
C HIS A 207 5.99 22.14 3.40
N VAL A 208 6.97 23.05 3.52
CA VAL A 208 6.87 24.17 4.44
C VAL A 208 6.10 25.26 3.70
N CYS A 209 4.78 25.30 3.87
CA CYS A 209 3.90 26.19 3.13
C CYS A 209 3.01 26.94 4.11
N VAL A 210 2.09 27.73 3.54
CA VAL A 210 1.09 28.46 4.31
C VAL A 210 -0.27 27.98 3.83
N LEU A 211 -0.98 27.26 4.69
CA LEU A 211 -2.29 26.70 4.37
C LEU A 211 -3.43 27.61 4.79
N LEU A 212 -3.13 28.85 5.18
CA LEU A 212 -4.16 29.81 5.52
C LEU A 212 -5.10 30.03 4.36
N GLN A 213 -6.41 30.07 4.64
CA GLN A 213 -7.43 30.16 3.62
C GLN A 213 -8.41 31.28 3.95
N PRO A 214 -9.01 31.90 2.93
CA PRO A 214 -10.05 32.90 3.19
C PRO A 214 -11.29 32.25 3.77
N LEU A 215 -11.94 32.97 4.67
CA LEU A 215 -13.16 32.48 5.30
C LEU A 215 -14.36 32.63 4.37
N VAL A 216 -15.40 31.84 4.64
CA VAL A 216 -16.66 32.01 3.94
C VAL A 216 -17.27 33.37 4.29
N CYS A 217 -18.03 33.93 3.33
CA CYS A 217 -18.57 35.27 3.51
C CYS A 217 -19.49 35.35 4.73
N TYR A 218 -20.34 34.34 4.91
CA TYR A 218 -21.27 34.31 6.03
C TYR A 218 -20.64 33.75 7.31
N MET A 219 -19.39 33.30 7.25
CA MET A 219 -18.79 32.62 8.40
C MET A 219 -18.65 33.54 9.60
N VAL A 220 -18.10 34.75 9.38
CA VAL A 220 -17.84 35.65 10.51
C VAL A 220 -19.15 36.12 11.13
N GLN A 221 -20.16 36.41 10.31
CA GLN A 221 -21.47 36.77 10.84
C GLN A 221 -22.09 35.58 11.57
N PHE A 222 -21.92 34.38 11.04
CA PHE A 222 -22.46 33.18 11.68
C PHE A 222 -21.80 32.93 13.03
N VAL A 223 -20.49 33.12 13.12
CA VAL A 223 -19.78 32.88 14.37
C VAL A 223 -20.24 33.85 15.44
N GLU A 224 -20.37 35.13 15.08
CA GLU A 224 -20.81 36.12 16.06
C GLU A 224 -22.25 35.86 16.50
N GLU A 225 -23.12 35.45 15.57
CA GLU A 225 -24.51 35.17 15.92
C GLU A 225 -24.60 34.00 16.90
N THR A 226 -23.86 32.92 16.63
CA THR A 226 -23.94 31.74 17.49
C THR A 226 -23.24 31.98 18.82
N SER A 227 -22.19 32.80 18.83
CA SER A 227 -21.44 33.04 20.07
C SER A 227 -22.31 33.77 21.10
N TYR A 228 -23.12 34.72 20.65
CA TYR A 228 -24.03 35.40 21.57
C TYR A 228 -25.09 34.46 22.12
N LYS A 229 -25.41 33.39 21.40
CA LYS A 229 -26.39 32.40 21.83
C LYS A 229 -25.75 31.17 22.45
N CYS A 230 -24.44 31.20 22.71
CA CYS A 230 -23.75 30.06 23.26
C CYS A 230 -24.18 29.82 24.72
N ASP A 231 -23.84 28.63 25.23
CA ASP A 231 -24.26 28.25 26.57
C ASP A 231 -23.59 29.08 27.66
N PHE A 232 -22.57 29.85 27.31
CA PHE A 232 -21.80 30.62 28.30
C PHE A 232 -22.17 32.09 28.31
N ILE A 233 -22.37 32.71 27.14
CA ILE A 233 -22.85 34.09 27.11
C ILE A 233 -24.30 34.17 27.57
N GLN A 234 -25.12 33.19 27.19
CA GLN A 234 -26.51 33.18 27.61
C GLN A 234 -26.63 33.02 29.12
N LYS A 235 -25.75 32.21 29.72
CA LYS A 235 -25.75 32.06 31.17
C LYS A 235 -25.42 33.38 31.87
N ILE A 236 -24.56 34.19 31.26
CA ILE A 236 -24.18 35.47 31.87
C ILE A 236 -25.37 36.43 31.85
N THR A 237 -26.09 36.48 30.73
CA THR A 237 -27.18 37.45 30.58
C THR A 237 -28.28 37.21 31.61
N LYS A 238 -28.52 35.95 31.97
CA LYS A 238 -29.54 35.64 32.96
C LYS A 238 -29.17 36.10 34.37
N THR A 239 -27.91 36.48 34.59
CA THR A 239 -27.47 36.94 35.91
C THR A 239 -26.97 38.37 35.85
N ASP A 246 -24.67 43.26 25.66
CA ASP A 246 -23.87 44.47 25.59
C ASP A 246 -22.45 44.22 26.10
N PHE A 247 -22.34 43.35 27.10
CA PHE A 247 -21.04 43.03 27.66
C PHE A 247 -20.18 42.25 26.67
N TYR A 248 -20.80 41.38 25.87
CA TYR A 248 -20.06 40.51 24.97
C TYR A 248 -19.27 41.30 23.95
N TYR A 249 -19.91 42.32 23.35
CA TYR A 249 -19.22 43.14 22.35
C TYR A 249 -18.11 43.95 22.98
N GLU A 250 -18.29 44.40 24.22
CA GLU A 250 -17.23 45.11 24.93
C GLU A 250 -16.03 44.21 25.16
N CYS A 251 -16.27 42.96 25.56
CA CYS A 251 -15.17 42.02 25.73
C CYS A 251 -14.58 41.60 24.39
N LYS A 252 -15.42 41.51 23.36
CA LYS A 252 -14.93 41.12 22.03
C LYS A 252 -13.93 42.11 21.48
N GLN A 253 -14.20 43.41 21.67
CA GLN A 253 -13.30 44.44 21.16
C GLN A 253 -11.94 44.37 21.84
N GLU A 254 -11.93 44.11 23.14
CA GLU A 254 -10.66 44.02 23.87
C GLU A 254 -9.81 42.86 23.35
N ARG A 255 -10.44 41.72 23.07
CA ARG A 255 -9.70 40.60 22.49
C ARG A 255 -9.20 40.94 21.09
N ILE A 256 -9.99 41.71 20.33
CA ILE A 256 -9.57 42.11 18.99
C ILE A 256 -8.29 42.93 19.05
N LYS A 257 -8.24 43.89 19.97
CA LYS A 257 -7.04 44.70 20.14
C LYS A 257 -5.86 43.84 20.61
N GLU A 258 -6.10 42.98 21.60
CA GLU A 258 -5.03 42.16 22.15
C GLU A 258 -4.48 41.18 21.10
N TYR A 259 -5.37 40.55 20.33
CA TYR A 259 -4.94 39.55 19.37
C TYR A 259 -4.41 40.16 18.07
N GLU A 260 -4.64 41.46 17.85
CA GLU A 260 -4.08 42.10 16.66
C GLU A 260 -2.64 42.49 16.87
N MET A 261 -2.30 43.05 18.04
CA MET A 261 -0.92 43.39 18.33
C MET A 261 -0.05 42.16 18.59
N LEU A 262 -0.64 40.98 18.70
CA LEU A 262 0.10 39.75 18.94
C LEU A 262 0.23 38.88 17.70
N PHE A 263 -0.88 38.59 17.03
CA PHE A 263 -0.89 37.69 15.89
C PHE A 263 -0.82 38.39 14.54
N LEU A 264 -0.74 39.72 14.52
CA LEU A 264 -0.73 40.48 13.28
C LEU A 264 0.38 41.52 13.30
N VAL A 265 0.89 41.85 12.12
CA VAL A 265 1.82 42.95 11.93
C VAL A 265 1.02 44.10 11.35
N SER A 266 0.73 45.09 12.20
CA SER A 266 -0.13 46.20 11.78
C SER A 266 0.50 47.01 10.66
N ASN A 267 1.79 47.29 10.78
CA ASN A 267 2.49 48.11 9.80
C ASN A 267 2.73 47.29 8.53
N GLU A 268 2.33 47.85 7.38
CA GLU A 268 2.52 47.16 6.11
C GLU A 268 4.00 47.08 5.75
N GLU A 269 4.78 48.10 6.10
CA GLU A 269 6.20 48.08 5.82
C GLU A 269 6.90 46.96 6.59
N MET A 270 6.57 46.80 7.87
CA MET A 270 7.17 45.75 8.66
C MET A 270 6.80 44.36 8.15
N HIS A 271 5.54 44.17 7.77
CA HIS A 271 5.09 42.86 7.30
C HIS A 271 5.77 42.49 5.99
N LYS A 272 5.95 43.45 5.09
CA LYS A 272 6.63 43.15 3.83
C LYS A 272 8.07 42.72 4.07
N GLN A 273 8.74 43.33 5.05
CA GLN A 273 10.09 42.90 5.40
C GLN A 273 10.09 41.47 5.90
N ILE A 274 9.13 41.11 6.73
CA ILE A 274 9.06 39.74 7.25
C ILE A 274 8.77 38.77 6.12
N LEU A 275 7.80 39.08 5.27
CA LEU A 275 7.45 38.18 4.18
C LEU A 275 8.59 38.01 3.19
N MET A 276 9.38 39.06 2.96
CA MET A 276 10.59 38.91 2.16
C MET A 276 11.62 38.04 2.87
N THR A 277 11.73 38.20 4.20
CA THR A 277 12.75 37.48 4.95
C THR A 277 12.40 36.01 5.12
N ILE A 278 11.11 35.67 5.21
CA ILE A 278 10.69 34.31 5.46
C ILE A 278 10.36 33.56 4.16
N GLY A 279 10.85 34.05 3.03
CA GLY A 279 10.74 33.33 1.78
C GLY A 279 9.42 33.47 1.05
N LEU A 280 8.51 34.31 1.55
CA LEU A 280 7.23 34.54 0.87
C LEU A 280 7.33 35.77 -0.04
N GLU A 281 8.23 35.67 -1.02
CA GLU A 281 8.46 36.79 -1.93
C GLU A 281 7.25 37.04 -2.82
N ASN A 282 6.55 35.98 -3.24
CA ASN A 282 5.40 36.12 -4.11
C ASN A 282 4.13 36.52 -3.36
N LEU A 283 4.24 36.78 -2.06
CA LEU A 283 3.11 37.28 -1.27
C LEU A 283 3.37 38.70 -0.78
N CYS A 284 4.37 39.37 -1.34
CA CYS A 284 4.71 40.74 -0.96
C CYS A 284 4.10 41.79 -1.87
N GLU A 285 3.55 41.40 -3.01
CA GLU A 285 3.00 42.31 -3.99
C GLU A 285 1.48 42.14 -4.08
N ASN A 286 0.78 43.26 -4.26
CA ASN A 286 -0.66 43.22 -4.38
C ASN A 286 -1.07 42.53 -5.67
N PRO A 287 -2.25 41.88 -5.70
CA PRO A 287 -3.25 41.77 -4.63
C PRO A 287 -2.96 40.65 -3.65
N TYR A 288 -1.85 39.93 -3.83
CA TYR A 288 -1.51 38.81 -2.96
C TYR A 288 -0.98 39.26 -1.60
N PHE A 289 -0.67 40.54 -1.43
CA PHE A 289 -0.29 41.06 -0.13
C PHE A 289 -1.51 41.48 0.69
N SER A 290 -2.47 42.15 0.07
CA SER A 290 -3.68 42.53 0.79
C SER A 290 -4.60 41.33 1.01
N ASN A 291 -4.54 40.33 0.11
CA ASN A 291 -5.34 39.13 0.30
C ASN A 291 -4.89 38.38 1.55
N LEU A 292 -3.58 38.17 1.69
CA LEU A 292 -3.08 37.50 2.88
C LEU A 292 -3.34 38.32 4.14
N ARG A 293 -3.13 39.63 4.07
CA ARG A 293 -3.35 40.49 5.23
C ARG A 293 -4.83 40.50 5.63
N GLN A 294 -5.74 40.59 4.65
CA GLN A 294 -7.16 40.57 4.96
C GLN A 294 -7.57 39.25 5.58
N ASN A 295 -7.10 38.14 5.01
CA ASN A 295 -7.43 36.83 5.55
C ASN A 295 -6.83 36.64 6.94
N MET A 296 -5.60 37.11 7.15
CA MET A 296 -4.99 37.02 8.48
C MET A 296 -5.81 37.81 9.50
N LYS A 297 -6.22 39.04 9.13
CA LYS A 297 -7.11 39.80 9.99
C LYS A 297 -8.47 39.15 10.12
N ASP A 298 -8.93 38.48 9.05
CA ASP A 298 -10.24 37.84 9.08
C ASP A 298 -10.28 36.68 10.07
N LEU A 299 -9.20 35.91 10.16
CA LEU A 299 -9.16 34.80 11.09
C LEU A 299 -8.97 35.26 12.53
N ILE A 300 -8.23 36.35 12.75
CA ILE A 300 -8.06 36.87 14.10
C ILE A 300 -9.38 37.42 14.63
N LEU A 301 -10.18 38.03 13.75
CA LEU A 301 -11.50 38.47 14.17
C LEU A 301 -12.37 37.29 14.59
N LEU A 302 -12.28 36.17 13.87
CA LEU A 302 -13.01 34.97 14.26
C LEU A 302 -12.49 34.43 15.59
N LEU A 303 -11.16 34.42 15.79
CA LEU A 303 -10.60 33.92 17.03
C LEU A 303 -11.02 34.79 18.21
N ALA A 304 -10.95 36.11 18.06
CA ALA A 304 -11.38 37.00 19.12
C ALA A 304 -12.88 36.89 19.37
N THR A 305 -13.65 36.52 18.35
CA THR A 305 -15.08 36.29 18.53
C THR A 305 -15.33 35.01 19.33
N VAL A 306 -14.61 33.93 19.00
CA VAL A 306 -14.77 32.68 19.73
C VAL A 306 -14.19 32.80 21.13
N ALA A 307 -13.01 33.41 21.26
CA ALA A 307 -12.37 33.52 22.57
C ALA A 307 -13.21 34.34 23.55
N SER A 308 -14.00 35.27 23.04
CA SER A 308 -14.86 36.07 23.90
C SER A 308 -16.15 35.35 24.29
N SER A 309 -16.48 34.25 23.63
CA SER A 309 -17.67 33.47 23.98
C SER A 309 -17.54 32.77 25.33
N VAL A 310 -16.32 32.63 25.84
CA VAL A 310 -16.08 32.09 27.18
C VAL A 310 -15.26 33.12 27.93
N PRO A 311 -15.88 34.23 28.35
CA PRO A 311 -15.09 35.39 28.79
C PRO A 311 -14.81 35.38 30.28
N ASN A 312 -13.74 36.08 30.64
CA ASN A 312 -13.43 36.41 32.03
C ASN A 312 -14.24 37.65 32.38
N PHE A 313 -15.30 37.47 33.15
CA PHE A 313 -16.27 38.54 33.37
C PHE A 313 -17.03 38.28 34.67
N LYS A 314 -16.96 39.22 35.60
CA LYS A 314 -17.74 39.18 36.85
C LYS A 314 -17.52 37.88 37.61
N HIS A 315 -16.26 37.44 37.65
CA HIS A 315 -15.86 36.26 38.40
C HIS A 315 -16.66 35.02 37.99
N PHE A 316 -16.87 34.86 36.69
CA PHE A 316 -17.54 33.69 36.12
C PHE A 316 -16.50 32.63 35.80
N GLY A 317 -16.82 31.39 36.14
CA GLY A 317 -15.92 30.28 35.88
C GLY A 317 -16.65 28.96 36.00
N PHE A 318 -15.87 27.88 35.98
CA PHE A 318 -16.41 26.53 36.06
C PHE A 318 -16.29 26.07 37.50
N TYR A 319 -17.44 25.94 38.17
CA TYR A 319 -17.48 25.55 39.58
C TYR A 319 -18.44 24.38 39.77
N ARG A 320 -18.25 23.68 40.88
CA ARG A 320 -19.09 22.54 41.20
C ARG A 320 -20.54 22.97 41.44
N SER A 321 -21.47 22.19 40.91
CA SER A 321 -22.89 22.42 41.16
C SER A 321 -23.35 21.88 42.51
N ASN A 322 -22.54 21.03 43.14
CA ASN A 322 -22.86 20.43 44.43
C ASN A 322 -24.21 19.71 44.41
N HIS A 330 -9.76 13.51 40.09
CA HIS A 330 -9.85 14.27 41.33
C HIS A 330 -11.03 15.22 41.30
N ASN A 331 -11.40 15.73 42.48
CA ASN A 331 -12.52 16.65 42.61
C ASN A 331 -12.09 18.11 42.56
N GLN A 332 -10.81 18.39 42.35
CA GLN A 332 -10.29 19.75 42.36
C GLN A 332 -10.45 20.39 40.99
N SER A 333 -10.92 21.63 40.96
CA SER A 333 -11.11 22.35 39.72
C SER A 333 -9.78 22.78 39.12
N LEU A 334 -9.75 22.88 37.80
CA LEU A 334 -8.60 23.42 37.10
C LEU A 334 -8.51 24.92 37.33
N PRO A 335 -7.33 25.51 37.13
CA PRO A 335 -7.24 26.98 37.14
C PRO A 335 -8.17 27.59 36.11
N GLN A 336 -8.77 28.72 36.47
CA GLN A 336 -9.80 29.32 35.63
C GLN A 336 -9.24 29.71 34.25
N GLU A 337 -7.98 30.14 34.20
CA GLU A 337 -7.37 30.47 32.92
C GLU A 337 -7.27 29.24 32.03
N ILE A 338 -6.91 28.09 32.61
CA ILE A 338 -6.81 26.87 31.83
C ILE A 338 -8.18 26.38 31.39
N ALA A 339 -9.16 26.41 32.30
CA ALA A 339 -10.49 25.90 31.98
C ALA A 339 -11.13 26.69 30.85
N ARG A 340 -11.01 28.02 30.89
CA ARG A 340 -11.56 28.85 29.82
C ARG A 340 -10.82 28.60 28.51
N HIS A 341 -9.50 28.46 28.57
CA HIS A 341 -8.73 28.22 27.36
C HIS A 341 -9.11 26.90 26.71
N CYS A 342 -9.27 25.84 27.51
CA CYS A 342 -9.66 24.55 26.97
C CYS A 342 -11.10 24.55 26.48
N MET A 343 -11.96 25.38 27.08
CA MET A 343 -13.33 25.46 26.62
C MET A 343 -13.44 26.19 25.28
N VAL A 344 -12.62 27.21 25.06
CA VAL A 344 -12.59 27.89 23.77
C VAL A 344 -12.11 26.92 22.68
N GLN A 345 -11.22 25.99 23.03
CA GLN A 345 -10.84 24.95 22.09
C GLN A 345 -12.06 24.14 21.67
N ALA A 346 -12.91 23.77 22.62
CA ALA A 346 -14.14 23.07 22.29
C ALA A 346 -15.07 23.95 21.46
N ARG A 347 -15.09 25.25 21.76
CA ARG A 347 -15.91 26.17 20.96
C ARG A 347 -15.42 26.26 19.53
N LEU A 348 -14.11 26.25 19.33
CA LEU A 348 -13.56 26.24 17.97
C LEU A 348 -13.94 24.97 17.23
N LEU A 349 -13.88 23.82 17.90
CA LEU A 349 -14.29 22.57 17.27
C LEU A 349 -15.77 22.56 16.97
N ALA A 350 -16.57 23.30 17.75
CA ALA A 350 -18.01 23.33 17.55
C ALA A 350 -18.38 23.93 16.19
N TYR A 351 -17.49 24.69 15.56
CA TYR A 351 -17.75 25.29 14.27
C TYR A 351 -17.34 24.40 13.10
N ARG A 352 -16.85 23.19 13.39
CA ARG A 352 -16.70 22.16 12.37
C ARG A 352 -17.96 21.31 12.24
N THR A 353 -18.98 21.57 13.06
CA THR A 353 -20.22 20.80 13.01
C THR A 353 -20.87 20.95 11.65
N GLU A 354 -20.95 19.84 10.92
CA GLU A 354 -21.44 19.86 9.54
C GLU A 354 -22.95 19.64 9.45
N ASP A 355 -23.53 18.87 10.37
CA ASP A 355 -24.90 18.41 10.20
C ASP A 355 -25.92 19.27 10.94
N HIS A 356 -25.84 19.32 12.26
CA HIS A 356 -26.92 19.91 13.02
C HIS A 356 -26.77 21.42 13.08
N LYS A 357 -27.92 22.11 13.17
CA LYS A 357 -27.93 23.57 13.10
C LYS A 357 -27.17 24.21 14.26
N THR A 358 -27.12 23.52 15.40
CA THR A 358 -26.37 23.97 16.57
C THR A 358 -25.12 23.13 16.72
N GLY A 359 -23.97 23.78 16.84
CA GLY A 359 -22.70 23.08 16.89
C GLY A 359 -22.24 22.83 18.32
N VAL A 360 -21.79 21.59 18.57
CA VAL A 360 -21.23 21.19 19.85
C VAL A 360 -19.85 20.60 19.59
N GLY A 361 -18.87 21.04 20.37
CA GLY A 361 -17.52 20.52 20.26
C GLY A 361 -17.00 20.11 21.62
N ALA A 362 -16.16 19.09 21.63
CA ALA A 362 -15.60 18.54 22.85
C ALA A 362 -14.10 18.35 22.71
N VAL A 363 -13.38 18.53 23.82
CA VAL A 363 -11.94 18.30 23.88
C VAL A 363 -11.64 17.62 25.20
N ILE A 364 -10.73 16.65 25.19
CA ILE A 364 -10.34 15.91 26.38
C ILE A 364 -8.90 16.25 26.71
N TRP A 365 -8.67 16.63 27.96
CA TRP A 365 -7.33 16.92 28.46
C TRP A 365 -7.06 16.07 29.70
N ALA A 366 -5.80 15.70 29.89
CA ALA A 366 -5.37 14.93 31.03
C ALA A 366 -4.17 15.59 31.68
N GLU A 367 -4.07 15.43 33.00
CA GLU A 367 -3.02 16.06 33.79
C GLU A 367 -2.07 14.99 34.31
N GLY A 368 -0.85 14.98 33.77
CA GLY A 368 0.14 14.04 34.25
C GLY A 368 0.60 14.35 35.66
N LYS A 369 1.01 13.31 36.37
CA LYS A 369 1.45 13.43 37.76
C LYS A 369 2.93 13.76 37.89
N SER A 370 3.65 13.88 36.78
CA SER A 370 5.08 14.12 36.79
C SER A 370 5.39 15.40 36.01
N ARG A 371 6.68 15.75 35.99
CA ARG A 371 7.13 16.93 35.26
C ARG A 371 7.02 16.71 33.76
N SER A 372 6.79 17.80 33.04
CA SER A 372 6.63 17.75 31.60
C SER A 372 7.45 18.86 30.93
N CYS A 373 7.84 18.62 29.69
CA CYS A 373 8.60 19.57 28.91
C CYS A 373 7.73 20.52 28.10
N ASP A 374 6.42 20.29 28.06
CA ASP A 374 5.53 21.08 27.23
C ASP A 374 5.30 22.47 27.83
N GLY A 375 4.85 23.39 26.99
CA GLY A 375 4.49 24.71 27.44
C GLY A 375 3.14 24.80 28.13
N THR A 376 2.34 23.73 28.05
CA THR A 376 1.07 23.65 28.76
C THR A 376 1.21 23.14 30.18
N GLY A 377 2.40 22.69 30.57
CA GLY A 377 2.62 22.16 31.90
C GLY A 377 2.41 20.66 31.96
N ALA A 378 1.84 20.19 33.07
CA ALA A 378 1.57 18.76 33.21
C ALA A 378 0.46 18.31 32.27
N MET A 379 -0.41 19.22 31.86
CA MET A 379 -1.54 18.85 31.02
C MET A 379 -1.09 18.44 29.63
N TYR A 380 -1.81 17.48 29.05
CA TYR A 380 -1.58 17.07 27.67
C TYR A 380 -2.92 16.76 27.03
N PHE A 381 -2.91 16.75 25.69
CA PHE A 381 -4.13 16.65 24.91
C PHE A 381 -4.45 15.19 24.61
N VAL A 382 -5.69 14.79 24.88
CA VAL A 382 -6.13 13.42 24.71
C VAL A 382 -6.92 13.23 23.42
N GLY A 383 -7.94 14.06 23.20
CA GLY A 383 -8.74 13.93 21.99
C GLY A 383 -9.66 15.11 21.82
N CYS A 384 -10.27 15.17 20.64
CA CYS A 384 -11.18 16.24 20.29
C CYS A 384 -12.23 15.71 19.33
N GLY A 385 -13.36 16.41 19.25
CA GLY A 385 -14.44 15.98 18.37
C GLY A 385 -15.55 16.99 18.33
N TYR A 386 -16.50 16.73 17.44
CA TYR A 386 -17.66 17.59 17.23
C TYR A 386 -18.78 16.74 16.65
N ASN A 387 -19.97 17.32 16.60
CA ASN A 387 -21.08 16.64 15.95
C ASN A 387 -20.77 16.41 14.47
N ALA A 388 -20.98 15.19 14.01
CA ALA A 388 -20.73 14.82 12.62
C ALA A 388 -21.34 13.46 12.37
N PHE A 389 -21.83 13.25 11.15
CA PHE A 389 -22.31 11.94 10.76
C PHE A 389 -21.16 10.95 10.75
N PRO A 390 -21.45 9.66 10.87
CA PRO A 390 -20.38 8.66 10.82
C PRO A 390 -19.59 8.79 9.52
N VAL A 391 -18.27 8.59 9.63
CA VAL A 391 -17.39 8.82 8.50
C VAL A 391 -17.84 7.97 7.33
N GLY A 392 -17.81 8.57 6.13
CA GLY A 392 -18.38 7.95 4.95
C GLY A 392 -19.76 8.45 4.57
N SER A 393 -20.22 9.57 5.13
CA SER A 393 -21.52 10.16 4.82
C SER A 393 -22.65 9.17 5.10
N GLU A 394 -22.80 8.84 6.39
CA GLU A 394 -23.82 7.89 6.84
C GLU A 394 -25.10 8.56 7.32
N TYR A 395 -25.46 9.71 6.75
CA TYR A 395 -26.69 10.39 7.14
C TYR A 395 -27.92 9.56 6.79
N ARG A 411 -35.28 9.81 11.96
CA ARG A 411 -34.79 11.06 12.53
C ARG A 411 -33.39 11.40 12.03
N LYS A 412 -33.07 12.68 11.98
CA LYS A 412 -31.75 13.14 11.58
C LYS A 412 -30.78 13.25 12.75
N PHE A 413 -31.23 13.00 13.98
CA PHE A 413 -30.39 13.12 15.16
C PHE A 413 -30.00 11.77 15.75
N ARG A 414 -30.62 10.68 15.33
CA ARG A 414 -30.20 9.36 15.79
C ARG A 414 -29.10 8.76 14.90
N TYR A 415 -28.64 9.50 13.91
CA TYR A 415 -27.49 9.10 13.09
C TYR A 415 -26.35 10.09 13.20
N ILE A 416 -26.29 10.85 14.29
CA ILE A 416 -25.26 11.85 14.52
C ILE A 416 -24.34 11.34 15.63
N ILE A 417 -23.04 11.53 15.46
CA ILE A 417 -22.07 11.20 16.49
C ILE A 417 -21.77 12.48 17.27
N HIS A 418 -22.06 12.46 18.57
CA HIS A 418 -21.94 13.65 19.38
C HIS A 418 -20.47 14.04 19.55
N ALA A 419 -20.26 15.24 20.10
CA ALA A 419 -18.91 15.75 20.28
C ALA A 419 -18.11 14.88 21.24
N ALA A 420 -18.74 14.44 22.32
CA ALA A 420 -18.03 13.59 23.29
C ALA A 420 -17.64 12.25 22.67
N GLN A 421 -18.52 11.69 21.84
CA GLN A 421 -18.24 10.37 21.27
C GLN A 421 -17.09 10.40 20.28
N ASN A 422 -17.01 11.46 19.47
CA ASN A 422 -15.88 11.60 18.56
C ASN A 422 -14.57 11.78 19.31
N ALA A 423 -14.60 12.55 20.40
CA ALA A 423 -13.40 12.73 21.22
C ALA A 423 -12.94 11.42 21.81
N LEU A 424 -13.87 10.59 22.29
CA LEU A 424 -13.52 9.28 22.82
C LEU A 424 -13.03 8.36 21.71
N THR A 425 -13.61 8.47 20.52
CA THR A 425 -13.22 7.59 19.41
C THR A 425 -11.86 7.99 18.86
N PHE A 426 -11.74 9.22 18.38
CA PHE A 426 -10.50 9.69 17.75
C PHE A 426 -9.63 10.41 18.79
N ARG A 427 -9.12 9.61 19.73
CA ARG A 427 -8.21 10.10 20.75
C ARG A 427 -6.83 9.51 20.51
N CYS A 428 -5.80 10.34 20.74
CA CYS A 428 -4.43 9.86 20.56
C CYS A 428 -3.91 9.19 21.82
N GLN A 429 -4.00 9.87 22.97
CA GLN A 429 -3.52 9.33 24.23
C GLN A 429 -4.65 8.59 24.95
N GLU A 430 -4.28 7.51 25.63
CA GLU A 430 -5.23 6.78 26.43
C GLU A 430 -5.50 7.49 27.75
N ILE A 431 -6.64 7.18 28.35
CA ILE A 431 -7.02 7.76 29.63
C ILE A 431 -6.37 6.96 30.75
N LYS A 432 -5.37 7.54 31.39
CA LYS A 432 -4.69 6.86 32.49
C LYS A 432 -5.58 6.89 33.73
N PRO A 433 -5.89 5.74 34.34
CA PRO A 433 -6.76 5.75 35.52
C PRO A 433 -6.22 6.56 36.68
N GLU A 434 -4.89 6.57 36.87
CA GLU A 434 -4.31 7.31 37.98
C GLU A 434 -4.27 8.82 37.72
N GLU A 435 -4.32 9.23 36.47
CA GLU A 435 -4.22 10.64 36.13
C GLU A 435 -5.57 11.34 36.26
N ARG A 436 -5.53 12.66 36.32
CA ARG A 436 -6.73 13.48 36.34
C ARG A 436 -7.03 13.93 34.92
N SER A 437 -8.07 13.36 34.32
CA SER A 437 -8.48 13.67 32.96
C SER A 437 -9.86 14.31 32.99
N MET A 438 -10.02 15.38 32.21
CA MET A 438 -11.26 16.13 32.16
C MET A 438 -11.64 16.41 30.72
N ILE A 439 -12.93 16.55 30.48
CA ILE A 439 -13.47 16.78 29.14
C ILE A 439 -14.22 18.11 29.15
N PHE A 440 -14.05 18.88 28.08
CA PHE A 440 -14.69 20.19 27.93
C PHE A 440 -15.67 20.10 26.76
N VAL A 441 -16.96 20.04 27.07
CA VAL A 441 -18.02 19.98 26.07
C VAL A 441 -18.78 21.29 26.10
N THR A 442 -18.99 21.89 24.93
CA THR A 442 -19.62 23.21 24.87
C THR A 442 -21.03 23.20 25.44
N LYS A 443 -21.74 22.08 25.32
CA LYS A 443 -23.11 21.97 25.80
C LYS A 443 -23.20 20.83 26.82
N CYS A 444 -24.33 20.77 27.50
CA CYS A 444 -24.55 19.73 28.50
C CYS A 444 -24.53 18.36 27.84
N PRO A 445 -23.72 17.42 28.32
CA PRO A 445 -23.69 16.09 27.70
C PRO A 445 -25.05 15.42 27.79
N CYS A 446 -25.42 14.74 26.71
CA CYS A 446 -26.71 14.06 26.64
C CYS A 446 -26.71 12.79 27.49
N ASP A 447 -27.88 12.18 27.59
CA ASP A 447 -28.00 10.90 28.29
C ASP A 447 -27.24 9.80 27.57
N GLU A 448 -26.85 10.02 26.31
CA GLU A 448 -26.10 9.03 25.57
C GLU A 448 -24.60 9.16 25.83
N CYS A 449 -24.11 10.38 26.00
CA CYS A 449 -22.67 10.61 26.14
C CYS A 449 -22.21 10.53 27.59
N VAL A 450 -23.08 10.78 28.56
CA VAL A 450 -22.69 10.71 29.97
C VAL A 450 -22.18 9.32 30.35
N PRO A 451 -22.87 8.22 30.02
CA PRO A 451 -22.29 6.90 30.33
C PRO A 451 -20.97 6.65 29.63
N LEU A 452 -20.79 7.16 28.41
CA LEU A 452 -19.53 6.97 27.70
C LEU A 452 -18.40 7.74 28.39
N ILE A 453 -18.67 8.98 28.80
CA ILE A 453 -17.66 9.77 29.51
C ILE A 453 -17.32 9.12 30.84
N LYS A 454 -18.34 8.70 31.59
CA LYS A 454 -18.10 8.00 32.86
C LYS A 454 -17.38 6.68 32.64
N GLY A 455 -17.81 5.92 31.62
CA GLY A 455 -17.20 4.62 31.38
C GLY A 455 -15.76 4.72 30.93
N ALA A 456 -15.43 5.74 30.14
CA ALA A 456 -14.07 5.89 29.63
C ALA A 456 -13.07 6.20 30.72
N GLY A 457 -13.52 6.60 31.90
CA GLY A 457 -12.63 6.95 32.98
C GLY A 457 -12.34 8.42 33.13
N ILE A 458 -13.04 9.28 32.40
CA ILE A 458 -12.83 10.72 32.52
C ILE A 458 -13.30 11.19 33.90
N LYS A 459 -12.44 11.89 34.61
CA LYS A 459 -12.69 12.22 36.01
C LYS A 459 -13.56 13.45 36.20
N GLN A 460 -13.44 14.45 35.32
CA GLN A 460 -14.17 15.69 35.47
C GLN A 460 -14.83 16.08 34.15
N ILE A 461 -15.95 16.77 34.25
CA ILE A 461 -16.69 17.26 33.09
C ILE A 461 -16.87 18.77 33.23
N TYR A 462 -16.47 19.51 32.19
CA TYR A 462 -16.71 20.94 32.12
C TYR A 462 -17.69 21.19 30.97
N ALA A 463 -18.80 21.86 31.26
CA ALA A 463 -19.84 22.06 30.27
C ALA A 463 -20.71 23.23 30.68
N GLY A 464 -21.60 23.63 29.78
CA GLY A 464 -22.56 24.68 30.05
C GLY A 464 -23.94 24.14 30.36
N ASP A 465 -24.35 24.26 31.62
CA ASP A 465 -25.62 23.67 32.08
C ASP A 465 -26.79 24.54 31.66
N VAL A 466 -27.01 24.62 30.35
CA VAL A 466 -28.16 25.30 29.79
C VAL A 466 -29.27 24.32 29.43
N ASP A 467 -28.91 23.22 28.78
CA ASP A 467 -29.87 22.19 28.39
C ASP A 467 -30.09 21.15 29.47
N VAL A 468 -29.46 21.29 30.63
CA VAL A 468 -29.55 20.26 31.67
C VAL A 468 -30.99 20.15 32.16
N GLY A 469 -31.46 18.90 32.27
CA GLY A 469 -32.81 18.62 32.69
C GLY A 469 -33.86 18.65 31.60
N LYS A 470 -33.49 19.05 30.38
CA LYS A 470 -34.43 19.12 29.28
C LYS A 470 -34.63 17.74 28.65
N LYS A 471 -35.88 17.45 28.29
CA LYS A 471 -36.25 16.19 27.66
C LYS A 471 -36.77 16.47 26.26
N LYS A 472 -35.88 16.45 25.28
CA LYS A 472 -36.28 16.63 23.89
C LYS A 472 -36.82 15.30 23.36
N ALA A 473 -37.02 15.22 22.04
CA ALA A 473 -37.58 14.01 21.45
C ALA A 473 -36.54 12.91 21.31
N ASP A 474 -35.48 13.18 20.54
CA ASP A 474 -34.45 12.19 20.29
C ASP A 474 -33.24 12.32 21.20
N ILE A 475 -33.19 13.36 22.03
CA ILE A 475 -32.07 13.61 22.93
C ILE A 475 -32.60 14.01 24.30
N SER A 476 -31.91 13.58 25.34
CA SER A 476 -32.29 13.89 26.71
C SER A 476 -31.06 14.32 27.49
N TYR A 477 -31.28 15.15 28.51
CA TYR A 477 -30.22 15.67 29.35
C TYR A 477 -30.52 15.43 30.82
N MET A 478 -31.00 14.22 31.14
CA MET A 478 -31.39 13.91 32.51
C MET A 478 -30.29 13.20 33.30
N ARG A 479 -29.43 12.44 32.64
CA ARG A 479 -28.41 11.68 33.35
C ARG A 479 -27.27 12.56 33.84
N PHE A 480 -27.05 13.73 33.23
CA PHE A 480 -25.97 14.61 33.66
C PHE A 480 -26.22 15.14 35.07
N GLY A 481 -27.46 15.52 35.37
CA GLY A 481 -27.75 16.10 36.68
C GLY A 481 -27.56 15.11 37.82
N GLU A 482 -27.95 13.85 37.60
CA GLU A 482 -27.87 12.81 38.62
C GLU A 482 -26.64 11.92 38.43
N LEU A 483 -25.58 12.44 37.84
CA LEU A 483 -24.36 11.67 37.60
C LEU A 483 -23.54 11.54 38.88
N GLU A 484 -23.16 10.31 39.21
CA GLU A 484 -22.28 10.03 40.34
C GLU A 484 -20.96 9.48 39.85
N GLY A 485 -19.88 9.86 40.51
CA GLY A 485 -18.56 9.36 40.21
C GLY A 485 -17.69 10.25 39.35
N VAL A 486 -18.27 11.26 38.71
CA VAL A 486 -17.53 12.19 37.87
C VAL A 486 -17.85 13.60 38.33
N SER A 487 -16.80 14.38 38.62
CA SER A 487 -17.00 15.76 39.04
C SER A 487 -17.50 16.60 37.87
N LYS A 488 -18.53 17.41 38.13
CA LYS A 488 -19.16 18.22 37.11
C LYS A 488 -18.94 19.70 37.44
N PHE A 489 -18.28 20.41 36.54
CA PHE A 489 -18.06 21.85 36.67
C PHE A 489 -18.83 22.55 35.56
N THR A 490 -19.59 23.58 35.93
CA THR A 490 -20.46 24.28 35.00
C THR A 490 -20.26 25.78 35.12
N TRP A 491 -20.54 26.48 34.02
CA TRP A 491 -20.39 27.93 33.98
C TRP A 491 -21.41 28.58 34.91
N GLN A 492 -20.92 29.33 35.90
CA GLN A 492 -21.79 29.93 36.91
C GLN A 492 -20.96 30.90 37.74
N LEU A 493 -21.64 31.58 38.66
CA LEU A 493 -20.97 32.42 39.65
C LEU A 493 -20.15 31.55 40.61
N ASN A 494 -19.18 32.19 41.25
CA ASN A 494 -18.42 31.51 42.28
C ASN A 494 -19.29 31.32 43.51
N PRO A 495 -19.51 30.09 43.99
CA PRO A 495 -20.33 29.90 45.19
C PRO A 495 -19.80 30.62 46.41
N SER A 496 -18.48 30.71 46.55
CA SER A 496 -17.88 31.40 47.69
C SER A 496 -17.56 32.86 47.34
N ILE B 50 35.15 10.48 4.67
CA ILE B 50 35.48 9.52 5.71
C ILE B 50 34.73 8.21 5.47
N PRO B 51 35.34 7.09 5.87
CA PRO B 51 34.64 5.80 5.76
C PRO B 51 33.39 5.78 6.62
N ARG B 52 32.35 5.12 6.11
CA ARG B 52 31.08 5.02 6.81
C ARG B 52 30.76 3.54 6.99
N LEU B 53 30.48 3.15 8.24
CA LEU B 53 30.17 1.76 8.53
C LEU B 53 28.86 1.35 7.86
N SER B 54 28.83 0.13 7.35
CA SER B 54 27.62 -0.38 6.72
C SER B 54 26.54 -0.65 7.76
N LYS B 55 25.28 -0.58 7.31
CA LYS B 55 24.16 -0.85 8.21
C LYS B 55 24.18 -2.29 8.70
N VAL B 56 24.31 -3.25 7.78
CA VAL B 56 24.31 -4.65 8.16
C VAL B 56 25.57 -5.00 8.94
N ASN B 57 26.65 -4.23 8.74
CA ASN B 57 27.86 -4.44 9.53
C ASN B 57 27.72 -3.90 10.94
N LEU B 58 26.98 -2.80 11.12
CA LEU B 58 26.73 -2.27 12.46
C LEU B 58 25.80 -3.18 13.23
N PHE B 59 24.70 -3.60 12.60
CA PHE B 59 23.76 -4.51 13.26
C PHE B 59 24.42 -5.84 13.58
N THR B 60 25.37 -6.27 12.77
CA THR B 60 26.15 -7.46 13.09
C THR B 60 27.11 -7.19 14.24
N LEU B 61 27.78 -6.04 14.22
CA LEU B 61 28.71 -5.69 15.29
C LEU B 61 27.98 -5.49 16.62
N LEU B 62 26.82 -4.85 16.59
CA LEU B 62 26.06 -4.66 17.81
C LEU B 62 25.55 -5.97 18.38
N SER B 63 25.17 -6.91 17.51
CA SER B 63 24.73 -8.23 17.96
C SER B 63 25.87 -8.95 18.67
N LEU B 64 27.08 -8.89 18.11
CA LEU B 64 28.24 -9.46 18.78
C LEU B 64 28.51 -8.76 20.10
N TRP B 65 28.39 -7.43 20.13
CA TRP B 65 28.63 -6.69 21.36
C TRP B 65 27.54 -7.00 22.40
N MET B 66 26.30 -7.17 21.95
CA MET B 66 25.22 -7.46 22.89
C MET B 66 25.42 -8.80 23.59
N GLU B 67 26.11 -9.74 22.93
CA GLU B 67 26.48 -11.00 23.58
C GLU B 67 27.38 -10.79 24.78
N LEU B 68 28.13 -9.69 24.83
CA LEU B 68 29.07 -9.41 25.90
C LEU B 68 28.48 -8.53 26.98
N PHE B 69 27.15 -8.47 27.08
CA PHE B 69 26.52 -7.68 28.12
C PHE B 69 26.81 -8.31 29.49
N PRO B 70 27.28 -7.54 30.46
CA PRO B 70 27.60 -8.11 31.77
C PRO B 70 26.37 -8.72 32.44
N ALA B 71 26.60 -9.81 33.17
CA ALA B 71 25.54 -10.49 33.87
C ALA B 71 25.91 -10.71 35.34
N GLN B 104 27.30 -26.14 26.60
CA GLN B 104 26.28 -26.84 25.83
C GLN B 104 25.46 -25.86 25.00
N VAL B 105 24.96 -24.80 25.63
CA VAL B 105 24.22 -23.74 24.96
C VAL B 105 24.95 -22.44 25.24
N LYS B 106 25.39 -21.77 24.17
CA LYS B 106 26.18 -20.56 24.31
C LYS B 106 25.29 -19.33 24.36
N ARG B 107 25.84 -18.25 24.91
CA ARG B 107 25.13 -16.98 24.96
C ARG B 107 24.98 -16.40 23.56
N THR B 108 23.92 -15.61 23.37
CA THR B 108 23.63 -15.03 22.07
C THR B 108 23.12 -13.61 22.24
N GLY B 109 23.75 -12.67 21.53
CA GLY B 109 23.21 -11.34 21.42
C GLY B 109 22.25 -11.21 20.25
N LEU B 110 21.51 -10.10 20.22
CA LEU B 110 20.49 -9.95 19.19
C LEU B 110 20.20 -8.47 18.99
N VAL B 111 19.96 -8.10 17.73
CA VAL B 111 19.55 -6.75 17.36
C VAL B 111 18.28 -6.87 16.53
N VAL B 112 17.21 -6.23 16.99
CA VAL B 112 15.95 -6.21 16.27
C VAL B 112 15.86 -4.88 15.54
N VAL B 113 15.73 -4.94 14.21
CA VAL B 113 15.76 -3.76 13.35
C VAL B 113 14.44 -3.69 12.59
N LYS B 114 13.77 -2.55 12.70
CA LYS B 114 12.53 -2.29 11.98
C LYS B 114 12.68 -0.99 11.21
N ASN B 115 12.44 -1.04 9.90
CA ASN B 115 12.59 0.12 9.02
C ASN B 115 13.99 0.71 9.11
N MET B 116 15.00 -0.16 9.17
CA MET B 116 16.41 0.21 9.25
C MET B 116 16.72 1.02 10.51
N LYS B 117 15.88 0.90 11.54
CA LYS B 117 16.11 1.53 12.83
C LYS B 117 16.08 0.48 13.92
N ILE B 118 17.04 0.52 14.83
CA ILE B 118 17.12 -0.48 15.89
C ILE B 118 15.98 -0.25 16.86
N VAL B 119 15.18 -1.30 17.10
CA VAL B 119 14.04 -1.23 18.01
C VAL B 119 14.19 -2.21 19.16
N GLY B 120 15.40 -2.72 19.39
CA GLY B 120 15.63 -3.61 20.50
C GLY B 120 17.01 -4.24 20.49
N LEU B 121 17.65 -4.28 21.66
CA LEU B 121 18.93 -4.94 21.84
C LEU B 121 18.79 -5.95 22.97
N HIS B 122 18.96 -7.23 22.65
CA HIS B 122 18.70 -8.30 23.59
C HIS B 122 19.95 -9.14 23.80
N CYS B 123 19.93 -9.92 24.89
CA CYS B 123 20.98 -10.88 25.20
C CYS B 123 20.34 -12.12 25.81
N SER B 124 21.08 -13.21 25.79
CA SER B 124 20.56 -14.49 26.27
C SER B 124 20.80 -14.60 27.77
N SER B 125 19.71 -14.68 28.54
CA SER B 125 19.82 -14.90 29.97
C SER B 125 20.10 -16.36 30.25
N GLU B 126 20.38 -16.66 31.53
CA GLU B 126 20.65 -18.03 31.93
C GLU B 126 19.42 -18.92 31.81
N ASP B 127 18.22 -18.32 31.68
CA ASP B 127 16.98 -19.07 31.59
C ASP B 127 16.48 -19.16 30.15
N LEU B 128 16.34 -18.03 29.48
CA LEU B 128 15.78 -17.97 28.13
C LEU B 128 16.87 -17.75 27.09
N HIS B 129 16.46 -17.78 25.83
CA HIS B 129 17.33 -17.53 24.70
C HIS B 129 17.10 -16.13 24.14
N ALA B 130 18.03 -15.70 23.29
CA ALA B 130 17.90 -14.38 22.66
C ALA B 130 16.69 -14.33 21.75
N GLY B 131 16.44 -15.38 20.98
CA GLY B 131 15.30 -15.41 20.09
C GLY B 131 13.97 -15.54 20.78
N GLN B 132 13.95 -16.07 22.00
CA GLN B 132 12.72 -16.17 22.79
C GLN B 132 12.45 -14.91 23.60
N ILE B 133 13.49 -14.20 24.02
CA ILE B 133 13.30 -12.94 24.72
C ILE B 133 12.74 -11.88 23.78
N ALA B 134 13.19 -11.89 22.52
CA ALA B 134 12.64 -10.96 21.54
C ALA B 134 11.15 -11.20 21.31
N LEU B 135 10.72 -12.45 21.34
CA LEU B 135 9.30 -12.75 21.20
C LEU B 135 8.51 -12.26 22.41
N ILE B 136 9.09 -12.37 23.60
CA ILE B 136 8.40 -11.87 24.80
C ILE B 136 8.32 -10.36 24.78
N LYS B 137 9.44 -9.70 24.46
CA LYS B 137 9.50 -8.25 24.52
C LYS B 137 8.65 -7.60 23.42
N HIS B 138 8.69 -8.16 22.21
CA HIS B 138 8.02 -7.57 21.06
C HIS B 138 6.74 -8.29 20.67
N GLY B 139 6.75 -9.62 20.61
CA GLY B 139 5.54 -10.33 20.22
C GLY B 139 5.29 -10.23 18.73
N SER B 140 4.06 -9.88 18.37
CA SER B 140 3.69 -9.73 16.97
C SER B 140 4.36 -8.52 16.31
N ARG B 141 4.98 -7.64 17.10
CA ARG B 141 5.67 -6.49 16.54
C ARG B 141 6.95 -6.86 15.81
N LEU B 142 7.37 -8.12 15.90
CA LEU B 142 8.50 -8.61 15.11
C LEU B 142 8.17 -8.73 13.63
N LYS B 143 6.93 -8.48 13.23
CA LYS B 143 6.54 -8.54 11.83
C LYS B 143 7.35 -7.54 11.01
N ASN B 144 7.88 -8.02 9.89
CA ASN B 144 8.71 -7.21 8.98
C ASN B 144 9.92 -6.61 9.70
N CYS B 145 10.57 -7.41 10.54
CA CYS B 145 11.75 -6.99 11.27
C CYS B 145 12.96 -7.81 10.83
N ASP B 146 14.11 -7.15 10.78
CA ASP B 146 15.38 -7.80 10.51
C ASP B 146 16.05 -8.13 11.84
N LEU B 147 16.25 -9.42 12.10
CA LEU B 147 16.87 -9.89 13.33
C LEU B 147 18.30 -10.32 13.04
N TYR B 148 19.23 -9.80 13.83
CA TYR B 148 20.66 -10.07 13.67
C TYR B 148 21.14 -10.79 14.92
N PHE B 149 21.22 -12.11 14.86
CA PHE B 149 21.76 -12.88 15.96
C PHE B 149 23.28 -12.98 15.86
N SER B 150 23.91 -13.23 17.00
CA SER B 150 25.34 -13.52 17.03
C SER B 150 25.62 -15.01 16.94
N ARG B 151 24.59 -15.85 17.00
CA ARG B 151 24.70 -17.28 16.79
C ARG B 151 23.42 -17.73 16.09
N LYS B 152 23.53 -18.77 15.28
CA LYS B 152 22.38 -19.25 14.54
C LYS B 152 21.29 -19.69 15.52
N PRO B 153 20.08 -19.17 15.42
CA PRO B 153 19.03 -19.54 16.39
C PRO B 153 18.68 -21.02 16.31
N CYS B 154 18.33 -21.59 17.46
CA CYS B 154 17.93 -22.98 17.52
C CYS B 154 16.58 -23.18 16.80
N SER B 155 16.20 -24.45 16.65
CA SER B 155 14.94 -24.76 16.00
C SER B 155 13.75 -24.20 16.78
N ALA B 156 13.80 -24.28 18.11
CA ALA B 156 12.76 -23.70 18.93
C ALA B 156 12.72 -22.18 18.78
N CYS B 157 13.89 -21.54 18.76
CA CYS B 157 13.97 -20.09 18.66
C CYS B 157 13.70 -19.58 17.25
N LEU B 158 13.78 -20.44 16.23
CA LEU B 158 13.50 -20.05 14.86
C LEU B 158 12.03 -20.18 14.50
N LYS B 159 11.37 -21.25 14.93
CA LYS B 159 9.96 -21.42 14.62
C LYS B 159 9.11 -20.32 15.25
N MET B 160 9.54 -19.77 16.38
CA MET B 160 8.76 -18.76 17.07
C MET B 160 8.87 -17.40 16.39
N ILE B 161 10.05 -17.08 15.84
CA ILE B 161 10.22 -15.77 15.23
C ILE B 161 9.67 -15.76 13.80
N VAL B 162 9.79 -16.86 13.07
CA VAL B 162 9.21 -16.91 11.73
C VAL B 162 7.69 -16.93 11.82
N ASN B 163 7.15 -17.50 12.90
CA ASN B 163 5.71 -17.40 13.14
C ASN B 163 5.30 -15.98 13.51
N ALA B 164 6.18 -15.26 14.20
CA ALA B 164 5.90 -13.87 14.54
C ALA B 164 5.75 -13.01 13.30
N GLY B 165 6.62 -13.22 12.31
CA GLY B 165 6.52 -12.51 11.06
C GLY B 165 7.80 -11.85 10.58
N VAL B 166 8.94 -12.21 11.20
CA VAL B 166 10.21 -11.65 10.78
C VAL B 166 10.49 -12.02 9.34
N ASN B 167 11.17 -11.14 8.61
CA ASN B 167 11.45 -11.35 7.21
C ASN B 167 12.91 -11.63 6.93
N ARG B 168 13.82 -11.26 7.84
CA ARG B 168 15.24 -11.50 7.65
C ARG B 168 15.89 -11.92 8.96
N ILE B 169 16.62 -13.03 8.96
CA ILE B 169 17.31 -13.53 10.13
C ILE B 169 18.78 -13.67 9.75
N SER B 170 19.58 -12.67 10.09
CA SER B 170 21.02 -12.77 9.91
C SER B 170 21.66 -13.41 11.13
N TYR B 171 22.86 -13.95 10.93
CA TYR B 171 23.56 -14.58 12.05
C TYR B 171 25.06 -14.60 11.76
N TRP B 172 25.83 -14.72 12.84
CA TRP B 172 27.27 -14.86 12.76
C TRP B 172 27.63 -16.29 12.39
N PRO B 173 28.45 -16.51 11.37
CA PRO B 173 28.68 -17.88 10.87
C PRO B 173 29.57 -18.72 11.76
N ALA B 174 29.82 -18.27 12.98
CA ALA B 174 30.59 -19.05 13.94
C ALA B 174 29.69 -20.09 14.60
N ASP B 175 30.13 -20.65 15.71
CA ASP B 175 29.40 -21.71 16.40
C ASP B 175 27.99 -21.23 16.73
N PRO B 176 26.95 -22.02 16.41
CA PRO B 176 25.57 -21.58 16.64
C PRO B 176 25.18 -21.62 18.11
N GLU B 177 23.89 -21.35 18.39
CA GLU B 177 23.41 -21.31 19.76
C GLU B 177 23.61 -22.66 20.45
N ILE B 178 23.13 -23.74 19.82
CA ILE B 178 23.37 -25.08 20.33
C ILE B 178 24.79 -25.46 19.92
N SER B 179 25.70 -25.47 20.88
CA SER B 179 27.13 -25.57 20.59
C SER B 179 27.46 -26.87 19.86
N LEU B 180 27.95 -26.74 18.63
CA LEU B 180 28.43 -27.87 17.87
C LEU B 180 29.82 -28.33 18.31
N LEU B 181 30.53 -27.52 19.10
CA LEU B 181 31.86 -27.86 19.58
C LEU B 181 31.75 -28.50 20.96
N THR B 182 31.26 -29.74 20.96
CA THR B 182 31.09 -30.49 22.20
C THR B 182 31.69 -31.88 22.08
N SER B 187 27.90 -33.05 19.71
CA SER B 187 26.83 -33.83 20.32
C SER B 187 25.76 -34.19 19.30
N GLU B 188 25.10 -35.33 19.51
CA GLU B 188 24.05 -35.77 18.59
C GLU B 188 22.87 -34.80 18.60
N ASP B 189 22.48 -34.33 19.79
CA ASP B 189 21.37 -33.40 19.88
C ASP B 189 21.69 -32.08 19.18
N ALA B 190 22.91 -31.58 19.36
CA ALA B 190 23.29 -30.31 18.73
C ALA B 190 23.31 -30.45 17.21
N LYS B 191 23.87 -31.55 16.70
CA LYS B 191 23.96 -31.73 15.26
C LYS B 191 22.58 -31.96 14.65
N LEU B 192 21.71 -32.69 15.35
CA LEU B 192 20.37 -32.92 14.84
C LEU B 192 19.53 -31.64 14.85
N ASP B 193 19.75 -30.77 15.83
CA ASP B 193 18.99 -29.53 15.91
C ASP B 193 19.33 -28.60 14.75
N ALA B 194 20.60 -28.59 14.33
CA ALA B 194 20.98 -27.77 13.18
C ALA B 194 20.28 -28.24 11.91
N LYS B 195 20.10 -29.55 11.76
CA LYS B 195 19.35 -30.07 10.62
C LYS B 195 17.90 -29.60 10.65
N ALA B 196 17.29 -29.56 11.83
CA ALA B 196 15.91 -29.10 11.96
C ALA B 196 15.79 -27.64 11.54
N VAL B 197 16.79 -26.82 11.88
CA VAL B 197 16.77 -25.42 11.47
C VAL B 197 16.79 -25.30 9.95
N GLU B 198 17.62 -26.12 9.29
CA GLU B 198 17.69 -26.07 7.83
C GLU B 198 16.38 -26.47 7.18
N ARG B 199 15.74 -27.53 7.68
CA ARG B 199 14.43 -27.91 7.17
C ARG B 199 13.39 -26.82 7.44
N LEU B 200 13.44 -26.22 8.63
CA LEU B 200 12.56 -25.11 8.93
C LEU B 200 12.84 -23.91 8.04
N LYS B 201 14.12 -23.65 7.76
CA LYS B 201 14.49 -22.54 6.88
C LYS B 201 14.02 -22.79 5.46
N SER B 202 13.93 -24.06 5.03
CA SER B 202 13.60 -24.36 3.65
C SER B 202 12.11 -24.15 3.37
N ASN B 203 11.24 -24.86 4.11
CA ASN B 203 9.81 -24.79 3.83
C ASN B 203 9.19 -23.46 4.24
N SER B 204 9.93 -22.63 4.98
CA SER B 204 9.43 -21.30 5.36
C SER B 204 9.99 -20.25 4.41
N ARG B 205 9.34 -19.09 4.41
CA ARG B 205 9.72 -17.98 3.55
C ARG B 205 10.72 -17.03 4.20
N ALA B 206 11.18 -17.35 5.42
CA ALA B 206 12.08 -16.46 6.12
C ALA B 206 13.44 -16.42 5.45
N HIS B 207 14.01 -15.21 5.35
CA HIS B 207 15.32 -15.01 4.72
C HIS B 207 16.42 -15.23 5.75
N VAL B 208 16.54 -16.47 6.20
CA VAL B 208 17.63 -16.84 7.10
C VAL B 208 18.92 -16.89 6.27
N CYS B 209 19.76 -15.87 6.43
CA CYS B 209 20.95 -15.71 5.62
C CYS B 209 22.06 -15.09 6.46
N VAL B 210 23.17 -14.77 5.81
CA VAL B 210 24.30 -14.11 6.44
C VAL B 210 24.51 -12.78 5.74
N LEU B 211 24.35 -11.69 6.47
CA LEU B 211 24.48 -10.34 5.93
C LEU B 211 25.84 -9.73 6.20
N LEU B 212 26.80 -10.53 6.68
CA LEU B 212 28.16 -10.06 6.88
C LEU B 212 28.76 -9.56 5.57
N GLN B 213 29.42 -8.40 5.65
CA GLN B 213 30.01 -7.78 4.47
C GLN B 213 31.45 -7.39 4.76
N PRO B 214 32.30 -7.38 3.73
CA PRO B 214 33.67 -6.89 3.92
C PRO B 214 33.70 -5.39 4.19
N LEU B 215 34.70 -4.98 4.98
CA LEU B 215 34.87 -3.58 5.30
C LEU B 215 35.69 -2.86 4.23
N VAL B 216 35.60 -1.53 4.24
CA VAL B 216 36.46 -0.72 3.38
C VAL B 216 37.90 -0.84 3.85
N CYS B 217 38.84 -0.71 2.91
CA CYS B 217 40.25 -0.86 3.25
C CYS B 217 40.69 0.16 4.29
N TYR B 218 40.24 1.41 4.15
CA TYR B 218 40.60 2.46 5.09
C TYR B 218 39.77 2.41 6.37
N MET B 219 38.74 1.56 6.43
CA MET B 219 37.85 1.55 7.58
C MET B 219 38.59 1.15 8.86
N VAL B 220 39.38 0.09 8.81
CA VAL B 220 40.08 -0.38 10.00
C VAL B 220 41.12 0.64 10.45
N GLN B 221 41.81 1.26 9.49
CA GLN B 221 42.74 2.35 9.83
C GLN B 221 41.98 3.54 10.40
N PHE B 222 40.81 3.86 9.82
CA PHE B 222 40.03 4.99 10.31
C PHE B 222 39.56 4.76 11.73
N VAL B 223 39.09 3.55 12.04
CA VAL B 223 38.58 3.26 13.38
C VAL B 223 39.71 3.37 14.41
N GLU B 224 40.88 2.81 14.09
CA GLU B 224 42.00 2.88 15.02
C GLU B 224 42.47 4.32 15.21
N GLU B 225 42.53 5.11 14.14
CA GLU B 225 42.96 6.49 14.25
C GLU B 225 42.00 7.31 15.10
N THR B 226 40.70 7.15 14.90
CA THR B 226 39.73 7.93 15.65
C THR B 226 39.59 7.45 17.08
N SER B 227 39.83 6.15 17.33
CA SER B 227 39.69 5.63 18.69
C SER B 227 40.75 6.21 19.62
N TYR B 228 41.97 6.39 19.12
CA TYR B 228 43.01 7.01 19.92
C TYR B 228 42.71 8.47 20.22
N LYS B 229 41.90 9.13 19.40
CA LYS B 229 41.52 10.52 19.59
C LYS B 229 40.15 10.67 20.25
N CYS B 230 39.55 9.57 20.70
CA CYS B 230 38.25 9.65 21.34
C CYS B 230 38.35 10.33 22.70
N ASP B 231 37.20 10.77 23.22
CA ASP B 231 37.16 11.51 24.46
C ASP B 231 37.56 10.67 25.68
N PHE B 232 37.63 9.35 25.53
CA PHE B 232 37.94 8.46 26.64
C PHE B 232 39.41 8.04 26.68
N ILE B 233 40.00 7.75 25.52
CA ILE B 233 41.44 7.49 25.48
C ILE B 233 42.23 8.78 25.73
N GLN B 234 41.75 9.89 25.18
CA GLN B 234 42.43 11.17 25.39
C GLN B 234 42.36 11.60 26.85
N LYS B 235 41.25 11.30 27.52
CA LYS B 235 41.12 11.63 28.94
C LYS B 235 42.16 10.88 29.77
N ILE B 236 42.39 9.60 29.46
CA ILE B 236 43.39 8.83 30.19
C ILE B 236 44.79 9.35 29.87
N THR B 237 45.02 9.74 28.62
CA THR B 237 46.35 10.22 28.23
C THR B 237 46.73 11.47 29.01
N LYS B 238 45.78 12.38 29.23
CA LYS B 238 46.05 13.58 30.01
C LYS B 238 46.38 13.30 31.47
N THR B 239 46.08 12.10 31.96
CA THR B 239 46.38 11.74 33.34
C THR B 239 47.87 11.48 33.53
N ASP B 246 50.22 4.45 24.54
CA ASP B 246 50.85 3.14 24.62
C ASP B 246 49.94 2.14 25.31
N PHE B 247 49.14 2.63 26.26
CA PHE B 247 48.23 1.75 26.99
C PHE B 247 47.11 1.24 26.09
N TYR B 248 46.67 2.07 25.15
CA TYR B 248 45.54 1.69 24.30
C TYR B 248 45.86 0.45 23.47
N TYR B 249 47.05 0.43 22.86
CA TYR B 249 47.44 -0.73 22.04
C TYR B 249 47.61 -1.97 22.89
N GLU B 250 48.17 -1.83 24.09
CA GLU B 250 48.32 -2.98 24.98
C GLU B 250 46.96 -3.55 25.37
N CYS B 251 46.00 -2.68 25.69
CA CYS B 251 44.66 -3.15 26.03
C CYS B 251 43.92 -3.67 24.81
N LYS B 252 44.18 -3.10 23.63
CA LYS B 252 43.50 -3.54 22.42
C LYS B 252 43.87 -4.96 22.06
N GLN B 253 45.14 -5.34 22.27
CA GLN B 253 45.59 -6.67 21.92
C GLN B 253 44.86 -7.74 22.74
N GLU B 254 44.62 -7.46 24.03
CA GLU B 254 43.91 -8.41 24.87
C GLU B 254 42.48 -8.63 24.37
N ARG B 255 41.82 -7.55 23.95
CA ARG B 255 40.48 -7.69 23.39
C ARG B 255 40.50 -8.51 22.11
N ILE B 256 41.54 -8.34 21.29
CA ILE B 256 41.68 -9.13 20.07
C ILE B 256 41.75 -10.61 20.41
N LYS B 257 42.54 -10.97 21.42
CA LYS B 257 42.64 -12.36 21.84
C LYS B 257 41.31 -12.84 22.41
N GLU B 258 40.70 -12.05 23.28
CA GLU B 258 39.46 -12.46 23.95
C GLU B 258 38.32 -12.60 22.95
N TYR B 259 38.20 -11.66 22.01
CA TYR B 259 37.06 -11.65 21.10
C TYR B 259 37.25 -12.58 19.91
N GLU B 260 38.43 -13.21 19.76
CA GLU B 260 38.65 -14.16 18.69
C GLU B 260 38.55 -15.61 19.13
N MET B 261 38.80 -15.89 20.41
CA MET B 261 38.52 -17.21 20.96
C MET B 261 37.05 -17.37 21.35
N LEU B 262 36.24 -16.32 21.18
CA LEU B 262 34.81 -16.36 21.47
C LEU B 262 33.96 -16.23 20.22
N PHE B 263 34.24 -15.24 19.37
CA PHE B 263 33.43 -14.98 18.19
C PHE B 263 33.97 -15.63 16.93
N LEU B 264 35.11 -16.32 16.99
CA LEU B 264 35.71 -16.92 15.81
C LEU B 264 36.10 -18.37 16.10
N VAL B 265 36.04 -19.20 15.07
CA VAL B 265 36.53 -20.56 15.12
C VAL B 265 37.95 -20.54 14.55
N SER B 266 38.94 -20.65 15.44
CA SER B 266 40.34 -20.54 15.02
C SER B 266 40.72 -21.66 14.05
N ASN B 267 40.29 -22.88 14.35
CA ASN B 267 40.65 -24.01 13.51
C ASN B 267 39.87 -23.98 12.21
N GLU B 268 40.58 -24.13 11.09
CA GLU B 268 39.93 -24.11 9.78
C GLU B 268 39.09 -25.36 9.55
N GLU B 269 39.53 -26.51 10.06
CA GLU B 269 38.75 -27.73 9.90
C GLU B 269 37.51 -27.74 10.77
N MET B 270 37.60 -27.18 11.99
CA MET B 270 36.42 -27.08 12.84
C MET B 270 35.37 -26.17 12.23
N HIS B 271 35.80 -25.05 11.64
CA HIS B 271 34.85 -24.11 11.05
C HIS B 271 34.14 -24.72 9.85
N LYS B 272 34.86 -25.50 9.04
CA LYS B 272 34.23 -26.16 7.89
C LYS B 272 33.14 -27.12 8.34
N GLN B 273 33.37 -27.83 9.44
CA GLN B 273 32.33 -28.71 9.98
C GLN B 273 31.09 -27.91 10.38
N ILE B 274 31.30 -26.76 11.04
CA ILE B 274 30.17 -25.93 11.45
C ILE B 274 29.45 -25.37 10.22
N LEU B 275 30.22 -24.87 9.25
CA LEU B 275 29.60 -24.30 8.05
C LEU B 275 28.86 -25.36 7.25
N MET B 276 29.33 -26.60 7.27
CA MET B 276 28.59 -27.68 6.63
C MET B 276 27.35 -28.06 7.43
N THR B 277 27.43 -27.99 8.76
CA THR B 277 26.31 -28.39 9.60
C THR B 277 25.18 -27.36 9.58
N ILE B 278 25.51 -26.09 9.38
CA ILE B 278 24.51 -25.03 9.43
C ILE B 278 24.05 -24.64 8.02
N GLY B 279 24.22 -25.52 7.04
CA GLY B 279 23.72 -25.28 5.70
C GLY B 279 24.40 -24.14 4.98
N LEU B 280 25.72 -24.08 5.04
CA LEU B 280 26.52 -23.09 4.34
C LEU B 280 27.59 -23.79 3.51
N GLU B 281 27.17 -24.80 2.74
CA GLU B 281 28.12 -25.57 1.94
C GLU B 281 28.79 -24.69 0.88
N ASN B 282 28.03 -23.81 0.25
CA ASN B 282 28.60 -22.93 -0.77
C ASN B 282 29.63 -21.96 -0.21
N LEU B 283 29.68 -21.79 1.11
CA LEU B 283 30.70 -20.98 1.75
C LEU B 283 31.82 -21.82 2.35
N CYS B 284 31.83 -23.13 2.08
CA CYS B 284 32.84 -24.03 2.61
C CYS B 284 34.05 -24.17 1.71
N GLU B 285 33.97 -23.70 0.46
CA GLU B 285 35.03 -23.87 -0.52
C GLU B 285 35.70 -22.54 -0.81
N ASN B 286 37.01 -22.58 -1.01
CA ASN B 286 37.76 -21.38 -1.32
C ASN B 286 37.37 -20.86 -2.71
N PRO B 287 37.43 -19.54 -2.92
CA PRO B 287 37.89 -18.49 -2.00
C PRO B 287 36.77 -18.00 -1.08
N TYR B 288 35.58 -18.59 -1.16
CA TYR B 288 34.48 -18.14 -0.32
C TYR B 288 34.67 -18.53 1.14
N PHE B 289 35.41 -19.62 1.40
CA PHE B 289 35.74 -19.96 2.77
C PHE B 289 36.71 -18.95 3.37
N SER B 290 37.72 -18.54 2.60
CA SER B 290 38.69 -17.56 3.10
C SER B 290 38.09 -16.16 3.14
N ASN B 291 37.21 -15.84 2.20
CA ASN B 291 36.57 -14.52 2.21
C ASN B 291 35.73 -14.33 3.47
N LEU B 292 34.90 -15.32 3.80
CA LEU B 292 34.09 -15.24 5.01
C LEU B 292 34.97 -15.21 6.26
N ARG B 293 35.99 -16.06 6.30
CA ARG B 293 36.88 -16.09 7.45
C ARG B 293 37.64 -14.78 7.62
N GLN B 294 38.14 -14.22 6.52
CA GLN B 294 38.88 -12.97 6.59
C GLN B 294 37.98 -11.83 7.06
N ASN B 295 36.76 -11.76 6.53
CA ASN B 295 35.84 -10.70 6.94
C ASN B 295 35.38 -10.89 8.37
N MET B 296 35.19 -12.15 8.80
CA MET B 296 34.84 -12.41 10.19
C MET B 296 35.94 -11.93 11.13
N LYS B 297 37.19 -12.23 10.77
CA LYS B 297 38.31 -11.70 11.55
C LYS B 297 38.42 -10.18 11.38
N ASP B 298 38.03 -9.66 10.23
CA ASP B 298 38.13 -8.23 9.97
C ASP B 298 37.16 -7.44 10.85
N LEU B 299 35.96 -7.97 11.07
CA LEU B 299 34.98 -7.30 11.91
C LEU B 299 35.30 -7.42 13.38
N ILE B 300 35.88 -8.54 13.80
CA ILE B 300 36.26 -8.70 15.21
C ILE B 300 37.39 -7.74 15.57
N LEU B 301 38.31 -7.52 14.64
CA LEU B 301 39.36 -6.53 14.87
C LEU B 301 38.77 -5.14 15.05
N LEU B 302 37.75 -4.80 14.27
CA LEU B 302 37.07 -3.52 14.44
C LEU B 302 36.37 -3.45 15.80
N LEU B 303 35.71 -4.54 16.19
CA LEU B 303 35.01 -4.56 17.48
C LEU B 303 36.01 -4.44 18.63
N ALA B 304 37.11 -5.18 18.57
CA ALA B 304 38.13 -5.08 19.61
C ALA B 304 38.78 -3.70 19.61
N THR B 305 38.81 -3.03 18.46
CA THR B 305 39.33 -1.67 18.41
C THR B 305 38.36 -0.69 19.07
N VAL B 306 37.06 -0.83 18.77
CA VAL B 306 36.06 0.06 19.37
C VAL B 306 35.90 -0.25 20.86
N ALA B 307 35.85 -1.54 21.22
CA ALA B 307 35.64 -1.90 22.62
C ALA B 307 36.79 -1.43 23.50
N SER B 308 38.00 -1.31 22.94
CA SER B 308 39.14 -0.83 23.70
C SER B 308 39.17 0.68 23.83
N SER B 309 38.37 1.40 23.04
CA SER B 309 38.32 2.85 23.15
C SER B 309 37.70 3.31 24.46
N VAL B 310 36.86 2.50 25.07
CA VAL B 310 36.32 2.77 26.40
C VAL B 310 36.88 1.67 27.30
N PRO B 311 38.13 1.80 27.76
CA PRO B 311 38.80 0.67 28.39
C PRO B 311 38.62 0.62 29.90
N ASN B 312 38.73 -0.60 30.43
CA ASN B 312 38.85 -0.84 31.86
C ASN B 312 40.32 -0.70 32.21
N PHE B 313 40.70 0.40 32.84
CA PHE B 313 42.10 0.75 33.01
C PHE B 313 42.24 1.74 34.15
N LYS B 314 43.05 1.39 35.15
CA LYS B 314 43.43 2.28 36.24
C LYS B 314 42.22 2.94 36.90
N HIS B 315 41.14 2.16 37.04
CA HIS B 315 39.94 2.58 37.76
C HIS B 315 39.34 3.86 37.17
N PHE B 316 39.40 4.00 35.85
CA PHE B 316 38.62 5.02 35.16
C PHE B 316 37.19 4.54 34.95
N GLY B 317 36.24 5.46 35.15
CA GLY B 317 34.84 5.15 34.97
C GLY B 317 34.05 6.43 34.84
N PHE B 318 32.73 6.29 34.98
CA PHE B 318 31.81 7.42 34.88
C PHE B 318 31.38 7.82 36.29
N TYR B 319 31.70 9.05 36.69
CA TYR B 319 31.41 9.53 38.03
C TYR B 319 30.92 10.97 37.95
N ARG B 320 30.24 11.40 39.01
CA ARG B 320 29.74 12.76 39.10
C ARG B 320 30.89 13.74 39.34
N SER B 321 30.61 15.01 39.05
CA SER B 321 31.54 16.09 39.37
C SER B 321 31.14 16.87 40.62
N ASN B 322 30.05 16.49 41.27
CA ASN B 322 29.57 17.18 42.46
C ASN B 322 30.54 16.99 43.64
N HIS B 330 17.20 8.74 38.95
CA HIS B 330 17.98 8.66 40.17
C HIS B 330 19.39 9.18 39.97
N ASN B 331 20.07 9.49 41.07
CA ASN B 331 21.43 10.01 41.04
C ASN B 331 22.48 8.91 41.20
N GLN B 332 22.05 7.64 41.24
CA GLN B 332 22.97 6.53 41.45
C GLN B 332 23.57 6.09 40.11
N SER B 333 24.88 5.87 40.10
CA SER B 333 25.56 5.46 38.89
C SER B 333 25.27 4.00 38.56
N LEU B 334 25.32 3.68 37.27
CA LEU B 334 25.23 2.30 36.83
C LEU B 334 26.50 1.55 37.19
N PRO B 335 26.44 0.22 37.23
CA PRO B 335 27.68 -0.56 37.36
C PRO B 335 28.64 -0.22 36.23
N GLN B 336 29.93 -0.17 36.57
CA GLN B 336 30.94 0.28 35.60
C GLN B 336 30.98 -0.63 34.37
N GLU B 337 30.76 -1.92 34.55
CA GLU B 337 30.73 -2.83 33.41
C GLU B 337 29.61 -2.48 32.46
N ILE B 338 28.43 -2.13 32.99
CA ILE B 338 27.30 -1.77 32.14
C ILE B 338 27.56 -0.44 31.44
N ALA B 339 28.07 0.54 32.19
CA ALA B 339 28.28 1.87 31.61
C ALA B 339 29.28 1.82 30.45
N ARG B 340 30.37 1.08 30.63
CA ARG B 340 31.34 0.93 29.55
C ARG B 340 30.74 0.19 28.36
N HIS B 341 29.94 -0.85 28.63
CA HIS B 341 29.32 -1.61 27.55
C HIS B 341 28.35 -0.73 26.76
N CYS B 342 27.55 0.07 27.45
CA CYS B 342 26.59 0.94 26.75
C CYS B 342 27.29 2.08 26.05
N MET B 343 28.46 2.50 26.55
CA MET B 343 29.20 3.56 25.89
C MET B 343 29.86 3.07 24.60
N VAL B 344 30.32 1.81 24.59
CA VAL B 344 30.86 1.24 23.36
C VAL B 344 29.77 1.13 22.30
N GLN B 345 28.53 0.86 22.72
CA GLN B 345 27.41 0.89 21.77
C GLN B 345 27.31 2.25 21.11
N ALA B 346 27.43 3.33 21.88
CA ALA B 346 27.44 4.67 21.31
C ALA B 346 28.64 4.86 20.40
N ARG B 347 29.80 4.29 20.79
CA ARG B 347 30.99 4.41 19.95
C ARG B 347 30.79 3.70 18.62
N LEU B 348 30.12 2.54 18.63
CA LEU B 348 29.84 1.84 17.39
C LEU B 348 28.90 2.64 16.50
N LEU B 349 27.89 3.27 17.10
CA LEU B 349 26.98 4.13 16.34
C LEU B 349 27.70 5.36 15.79
N ALA B 350 28.75 5.81 16.48
CA ALA B 350 29.49 6.98 16.04
C ALA B 350 30.16 6.79 14.69
N TYR B 351 30.36 5.55 14.27
CA TYR B 351 30.99 5.26 12.99
C TYR B 351 29.98 5.14 11.85
N ARG B 352 28.70 5.33 12.12
CA ARG B 352 27.70 5.52 11.08
C ARG B 352 27.58 6.98 10.67
N THR B 353 28.34 7.88 11.30
CA THR B 353 28.25 9.31 10.99
C THR B 353 28.65 9.56 9.54
N GLU B 354 27.85 10.36 8.85
CA GLU B 354 28.04 10.64 7.44
C GLU B 354 28.37 12.09 7.13
N ASP B 355 28.03 13.02 8.02
CA ASP B 355 28.05 14.44 7.66
C ASP B 355 29.36 15.13 8.06
N HIS B 356 29.92 14.78 9.20
CA HIS B 356 31.10 15.46 9.71
C HIS B 356 32.27 14.48 9.80
N LYS B 357 33.48 15.02 9.67
CA LYS B 357 34.67 14.19 9.78
C LYS B 357 34.84 13.59 11.15
N THR B 358 34.16 14.13 12.16
CA THR B 358 34.21 13.61 13.52
C THR B 358 32.85 13.01 13.86
N GLY B 359 32.85 11.75 14.29
CA GLY B 359 31.61 11.02 14.50
C GLY B 359 31.15 11.07 15.95
N VAL B 360 29.84 11.24 16.12
CA VAL B 360 29.20 11.23 17.43
C VAL B 360 28.04 10.25 17.40
N GLY B 361 27.94 9.43 18.43
CA GLY B 361 26.86 8.47 18.55
C GLY B 361 26.29 8.47 19.95
N ALA B 362 24.98 8.21 20.03
CA ALA B 362 24.27 8.22 21.30
C ALA B 362 23.36 7.00 21.38
N VAL B 363 23.15 6.54 22.61
CA VAL B 363 22.25 5.43 22.89
C VAL B 363 21.52 5.73 24.19
N ILE B 364 20.23 5.38 24.26
CA ILE B 364 19.41 5.62 25.43
C ILE B 364 19.01 4.28 26.02
N TRP B 365 19.26 4.10 27.32
CA TRP B 365 18.89 2.90 28.04
C TRP B 365 18.08 3.29 29.26
N ALA B 366 17.04 2.50 29.56
CA ALA B 366 16.19 2.72 30.71
C ALA B 366 16.16 1.47 31.57
N GLU B 367 16.01 1.67 32.88
CA GLU B 367 16.03 0.58 33.86
C GLU B 367 14.63 0.40 34.41
N GLY B 368 14.04 -0.76 34.13
CA GLY B 368 12.74 -1.07 34.70
C GLY B 368 12.81 -1.32 36.19
N LYS B 369 11.69 -1.07 36.87
CA LYS B 369 11.61 -1.23 38.31
C LYS B 369 11.14 -2.62 38.72
N SER B 370 10.92 -3.52 37.77
CA SER B 370 10.43 -4.86 38.04
C SER B 370 11.35 -5.89 37.41
N ARG B 371 11.03 -7.16 37.65
CA ARG B 371 11.81 -8.26 37.09
C ARG B 371 11.64 -8.32 35.57
N SER B 372 12.69 -8.79 34.90
CA SER B 372 12.70 -8.88 33.45
C SER B 372 13.26 -10.23 33.02
N CYS B 373 12.85 -10.67 31.84
CA CYS B 373 13.29 -11.93 31.26
C CYS B 373 14.53 -11.78 30.39
N ASP B 374 14.97 -10.55 30.12
CA ASP B 374 16.08 -10.33 29.21
C ASP B 374 17.41 -10.70 29.87
N GLY B 375 18.43 -10.88 29.03
CA GLY B 375 19.77 -11.12 29.51
C GLY B 375 20.50 -9.88 29.97
N THR B 376 19.93 -8.70 29.70
CA THR B 376 20.48 -7.44 30.19
C THR B 376 19.97 -7.07 31.56
N GLY B 377 19.04 -7.84 32.12
CA GLY B 377 18.47 -7.53 33.41
C GLY B 377 17.27 -6.61 33.32
N ALA B 378 17.12 -5.72 34.31
CA ALA B 378 16.00 -4.78 34.28
C ALA B 378 16.16 -3.75 33.18
N MET B 379 17.39 -3.55 32.68
CA MET B 379 17.65 -2.55 31.66
C MET B 379 17.05 -2.96 30.32
N TYR B 380 16.60 -1.96 29.56
CA TYR B 380 16.09 -2.19 28.23
C TYR B 380 16.48 -1.01 27.34
N PHE B 381 16.46 -1.26 26.04
CA PHE B 381 16.95 -0.30 25.04
C PHE B 381 15.82 0.63 24.61
N VAL B 382 16.09 1.93 24.65
CA VAL B 382 15.09 2.95 24.31
C VAL B 382 15.29 3.48 22.90
N GLY B 383 16.51 3.91 22.57
CA GLY B 383 16.78 4.44 21.25
C GLY B 383 18.25 4.63 21.03
N CYS B 384 18.60 4.88 19.76
CA CYS B 384 19.98 5.09 19.36
C CYS B 384 20.00 6.07 18.19
N GLY B 385 21.15 6.70 18.00
CA GLY B 385 21.29 7.66 16.92
C GLY B 385 22.73 8.11 16.77
N TYR B 386 22.96 8.87 15.71
CA TYR B 386 24.29 9.39 15.40
C TYR B 386 24.14 10.69 14.62
N ASN B 387 25.23 11.43 14.52
CA ASN B 387 25.22 12.66 13.74
C ASN B 387 24.94 12.34 12.27
N ALA B 388 23.96 13.04 11.70
CA ALA B 388 23.58 12.82 10.31
C ALA B 388 22.69 13.95 9.85
N PHE B 389 22.61 14.12 8.53
CA PHE B 389 21.69 15.08 7.96
C PHE B 389 20.26 14.55 8.07
N PRO B 390 19.27 15.43 7.98
CA PRO B 390 17.87 14.97 7.98
C PRO B 390 17.64 14.00 6.84
N VAL B 391 16.76 13.02 7.09
CA VAL B 391 16.48 11.99 6.09
C VAL B 391 15.97 12.64 4.81
N GLY B 392 16.49 12.19 3.67
CA GLY B 392 16.22 12.81 2.40
C GLY B 392 17.33 13.68 1.86
N SER B 393 18.53 13.61 2.44
CA SER B 393 19.69 14.38 2.00
C SER B 393 19.41 15.87 2.05
N GLU B 394 19.19 16.37 3.27
CA GLU B 394 18.87 17.77 3.50
C GLU B 394 20.10 18.62 3.83
N TYR B 395 21.27 18.24 3.30
CA TYR B 395 22.50 19.01 3.53
C TYR B 395 22.37 20.43 2.98
N ARG B 411 28.18 26.91 8.31
CA ARG B 411 26.75 26.73 8.12
C ARG B 411 26.41 25.29 7.82
N LYS B 412 27.41 24.52 7.38
CA LYS B 412 27.18 23.11 7.06
C LYS B 412 26.84 22.31 8.31
N PHE B 413 27.26 22.77 9.48
CA PHE B 413 26.97 22.06 10.72
C PHE B 413 25.61 22.43 11.32
N ARG B 414 24.95 23.47 10.82
CA ARG B 414 23.65 23.85 11.33
C ARG B 414 22.50 23.07 10.66
N TYR B 415 22.81 22.21 9.69
CA TYR B 415 21.83 21.34 9.06
C TYR B 415 22.03 19.87 9.41
N ILE B 416 22.64 19.59 10.56
CA ILE B 416 22.91 18.22 10.99
C ILE B 416 22.02 17.91 12.19
N ILE B 417 21.60 16.66 12.30
CA ILE B 417 20.87 16.18 13.46
C ILE B 417 21.86 15.48 14.37
N HIS B 418 22.00 15.96 15.60
CA HIS B 418 23.01 15.44 16.50
C HIS B 418 22.65 14.02 16.93
N ALA B 419 23.61 13.36 17.59
CA ALA B 419 23.40 11.99 18.03
C ALA B 419 22.27 11.89 19.04
N ALA B 420 22.21 12.83 19.99
CA ALA B 420 21.15 12.80 20.99
C ALA B 420 19.79 13.03 20.36
N GLN B 421 19.71 13.91 19.36
CA GLN B 421 18.43 14.23 18.76
C GLN B 421 17.86 13.06 17.96
N ASN B 422 18.73 12.32 17.26
CA ASN B 422 18.28 11.13 16.56
C ASN B 422 17.80 10.06 17.53
N ALA B 423 18.49 9.93 18.67
CA ALA B 423 18.08 8.95 19.67
C ALA B 423 16.69 9.25 20.22
N LEU B 424 16.41 10.53 20.49
CA LEU B 424 15.09 10.92 20.97
C LEU B 424 14.04 10.87 19.86
N THR B 425 14.45 10.97 18.60
CA THR B 425 13.50 10.92 17.50
C THR B 425 13.14 9.49 17.17
N PHE B 426 14.13 8.67 16.81
CA PHE B 426 13.89 7.28 16.43
C PHE B 426 14.10 6.37 17.65
N ARG B 427 13.19 6.51 18.59
CA ARG B 427 13.18 5.67 19.79
C ARG B 427 11.98 4.74 19.75
N CYS B 428 12.16 3.53 20.25
CA CYS B 428 11.08 2.54 20.27
C CYS B 428 10.27 2.66 21.56
N GLN B 429 10.92 2.51 22.71
CA GLN B 429 10.26 2.62 24.00
C GLN B 429 10.19 4.07 24.44
N GLU B 430 9.10 4.41 25.11
CA GLU B 430 8.95 5.74 25.67
C GLU B 430 9.70 5.86 26.99
N ILE B 431 10.02 7.10 27.36
CA ILE B 431 10.74 7.36 28.60
C ILE B 431 9.73 7.40 29.73
N LYS B 432 9.77 6.39 30.61
CA LYS B 432 8.87 6.34 31.75
C LYS B 432 9.35 7.32 32.82
N PRO B 433 8.51 8.25 33.28
CA PRO B 433 8.96 9.20 34.31
C PRO B 433 9.41 8.55 35.60
N GLU B 434 8.81 7.42 35.98
CA GLU B 434 9.16 6.76 37.23
C GLU B 434 10.42 5.90 37.12
N GLU B 435 10.86 5.60 35.91
CA GLU B 435 12.04 4.76 35.72
C GLU B 435 13.31 5.59 35.66
N ARG B 436 14.44 4.91 35.75
CA ARG B 436 15.75 5.52 35.61
C ARG B 436 16.23 5.29 34.17
N SER B 437 16.31 6.38 33.41
CA SER B 437 16.68 6.31 32.00
C SER B 437 18.01 7.04 31.81
N MET B 438 18.94 6.39 31.12
CA MET B 438 20.28 6.91 30.89
C MET B 438 20.50 7.12 29.40
N ILE B 439 21.33 8.11 29.07
CA ILE B 439 21.76 8.36 27.71
C ILE B 439 23.28 8.36 27.68
N PHE B 440 23.86 7.66 26.69
CA PHE B 440 25.31 7.54 26.56
C PHE B 440 25.71 8.21 25.25
N VAL B 441 26.24 9.42 25.35
CA VAL B 441 26.70 10.18 24.20
C VAL B 441 28.23 10.18 24.18
N THR B 442 28.82 9.88 23.03
CA THR B 442 30.27 9.75 22.95
C THR B 442 30.98 11.06 23.28
N LYS B 443 30.32 12.20 23.05
CA LYS B 443 30.90 13.50 23.31
C LYS B 443 30.01 14.28 24.26
N CYS B 444 30.50 15.45 24.66
CA CYS B 444 29.73 16.34 25.51
C CYS B 444 28.49 16.82 24.76
N PRO B 445 27.29 16.67 25.31
CA PRO B 445 26.09 17.17 24.62
C PRO B 445 26.17 18.67 24.39
N CYS B 446 25.74 19.09 23.21
CA CYS B 446 25.80 20.49 22.82
C CYS B 446 24.70 21.27 23.54
N ASP B 447 24.69 22.59 23.31
CA ASP B 447 23.64 23.43 23.86
C ASP B 447 22.30 23.16 23.20
N GLU B 448 22.29 22.48 22.05
CA GLU B 448 21.02 22.10 21.42
C GLU B 448 20.44 20.84 22.04
N CYS B 449 21.30 19.91 22.44
CA CYS B 449 20.84 18.59 22.88
C CYS B 449 20.54 18.55 24.36
N VAL B 450 21.23 19.37 25.17
CA VAL B 450 21.00 19.36 26.61
C VAL B 450 19.55 19.69 26.97
N PRO B 451 18.92 20.74 26.42
CA PRO B 451 17.49 20.95 26.71
C PRO B 451 16.61 19.80 26.25
N LEU B 452 16.96 19.16 25.13
CA LEU B 452 16.16 18.04 24.65
C LEU B 452 16.32 16.82 25.55
N ILE B 453 17.54 16.53 26.00
CA ILE B 453 17.75 15.41 26.91
C ILE B 453 17.05 15.67 28.24
N LYS B 454 17.20 16.89 28.77
CA LYS B 454 16.52 17.25 30.00
C LYS B 454 15.00 17.27 29.81
N GLY B 455 14.54 17.81 28.68
CA GLY B 455 13.11 17.89 28.43
C GLY B 455 12.47 16.53 28.25
N ALA B 456 13.17 15.60 27.60
CA ALA B 456 12.62 14.28 27.34
C ALA B 456 12.43 13.46 28.61
N GLY B 457 13.00 13.87 29.73
CA GLY B 457 12.89 13.14 30.97
C GLY B 457 14.01 12.18 31.25
N ILE B 458 15.12 12.26 30.53
CA ILE B 458 16.26 11.38 30.77
C ILE B 458 16.91 11.76 32.10
N LYS B 459 17.03 10.79 33.00
CA LYS B 459 17.49 11.07 34.35
C LYS B 459 19.00 11.28 34.43
N GLN B 460 19.78 10.51 33.67
CA GLN B 460 21.24 10.56 33.79
C GLN B 460 21.88 10.68 32.41
N ILE B 461 23.01 11.38 32.37
CA ILE B 461 23.78 11.57 31.15
C ILE B 461 25.18 11.01 31.36
N TYR B 462 25.62 10.15 30.46
CA TYR B 462 26.98 9.64 30.43
C TYR B 462 27.66 10.16 29.17
N ALA B 463 28.79 10.83 29.32
CA ALA B 463 29.48 11.43 28.19
C ALA B 463 30.94 11.65 28.53
N GLY B 464 31.69 12.14 27.55
CA GLY B 464 33.08 12.47 27.75
C GLY B 464 33.33 13.96 27.81
N ASP B 465 33.68 14.47 28.98
CA ASP B 465 33.81 15.90 29.22
C ASP B 465 35.15 16.40 28.66
N VAL B 466 35.27 16.34 27.34
CA VAL B 466 36.42 16.90 26.65
C VAL B 466 36.10 18.26 26.04
N ASP B 467 34.94 18.38 25.40
CA ASP B 467 34.49 19.63 24.79
C ASP B 467 33.72 20.52 25.74
N VAL B 468 33.58 20.12 27.01
CA VAL B 468 32.75 20.86 27.95
C VAL B 468 33.33 22.24 28.18
N GLY B 469 32.46 23.25 28.17
CA GLY B 469 32.87 24.62 28.41
C GLY B 469 33.47 25.34 27.22
N LYS B 470 33.50 24.71 26.04
CA LYS B 470 34.11 25.29 24.86
C LYS B 470 33.04 25.85 23.94
N LYS B 471 33.25 27.08 23.46
CA LYS B 471 32.34 27.73 22.53
C LYS B 471 32.96 27.72 21.13
N LYS B 472 32.20 27.24 20.16
CA LYS B 472 32.60 27.25 18.76
C LYS B 472 31.72 28.23 17.99
N ALA B 473 31.93 28.27 16.67
CA ALA B 473 31.17 29.20 15.83
C ALA B 473 29.69 28.81 15.77
N ASP B 474 29.42 27.52 15.55
CA ASP B 474 28.05 27.05 15.37
C ASP B 474 27.57 26.13 16.49
N ILE B 475 28.47 25.62 17.33
CA ILE B 475 28.12 24.70 18.40
C ILE B 475 28.72 25.22 19.70
N SER B 476 28.04 24.92 20.81
CA SER B 476 28.50 25.35 22.12
C SER B 476 28.28 24.23 23.12
N TYR B 477 29.11 24.22 24.17
CA TYR B 477 29.03 23.21 25.22
C TYR B 477 29.02 23.87 26.58
N MET B 478 28.25 24.94 26.73
CA MET B 478 28.19 25.67 28.00
C MET B 478 27.04 25.22 28.89
N ARG B 479 25.95 24.72 28.31
CA ARG B 479 24.79 24.36 29.11
C ARG B 479 25.01 23.06 29.88
N PHE B 480 25.89 22.19 29.38
CA PHE B 480 26.13 20.91 30.06
C PHE B 480 26.74 21.12 31.44
N GLY B 481 27.69 22.05 31.56
CA GLY B 481 28.36 22.26 32.84
C GLY B 481 27.43 22.77 33.92
N GLU B 482 26.52 23.67 33.56
CA GLU B 482 25.59 24.29 34.49
C GLU B 482 24.20 23.66 34.41
N LEU B 483 24.13 22.37 34.05
CA LEU B 483 22.85 21.69 33.92
C LEU B 483 22.34 21.23 35.29
N GLU B 484 21.10 21.60 35.61
CA GLU B 484 20.45 21.18 36.85
C GLU B 484 19.30 20.24 36.53
N GLY B 485 19.12 19.23 37.39
CA GLY B 485 18.01 18.31 37.28
C GLY B 485 18.35 16.99 36.64
N VAL B 486 19.51 16.87 36.00
CA VAL B 486 19.95 15.64 35.36
C VAL B 486 21.34 15.31 35.85
N SER B 487 21.53 14.07 36.32
CA SER B 487 22.83 13.63 36.82
C SER B 487 23.77 13.40 35.63
N LYS B 488 24.94 14.02 35.67
CA LYS B 488 25.92 13.94 34.60
C LYS B 488 27.13 13.15 35.06
N PHE B 489 27.34 11.99 34.46
CA PHE B 489 28.50 11.15 34.74
C PHE B 489 29.48 11.27 33.58
N THR B 490 30.74 11.52 33.89
CA THR B 490 31.76 11.75 32.89
C THR B 490 32.95 10.82 33.13
N TRP B 491 33.67 10.53 32.04
CA TRP B 491 34.83 9.66 32.10
C TRP B 491 35.94 10.33 32.90
N GLN B 492 36.31 9.74 34.03
CA GLN B 492 37.30 10.33 34.92
C GLN B 492 37.75 9.28 35.91
N LEU B 493 38.75 9.63 36.71
CA LEU B 493 39.18 8.78 37.81
C LEU B 493 38.12 8.77 38.91
N ASN B 494 38.19 7.74 39.74
CA ASN B 494 37.26 7.63 40.86
C ASN B 494 37.57 8.70 41.89
N PRO B 495 36.61 9.57 42.23
CA PRO B 495 36.89 10.58 43.26
C PRO B 495 37.26 9.98 44.61
N SER B 496 36.69 8.83 44.95
CA SER B 496 37.01 8.17 46.21
C SER B 496 38.42 7.59 46.18
N ILE C 50 -8.33 -34.36 10.94
CA ILE C 50 -9.30 -34.00 11.96
C ILE C 50 -10.05 -32.75 11.54
N PRO C 51 -11.30 -32.62 11.99
CA PRO C 51 -12.06 -31.39 11.70
C PRO C 51 -11.38 -30.19 12.32
N ARG C 52 -11.43 -29.06 11.61
CA ARG C 52 -10.87 -27.80 12.08
C ARG C 52 -12.00 -26.77 12.12
N LEU C 53 -12.16 -26.13 13.27
CA LEU C 53 -13.22 -25.14 13.42
C LEU C 53 -13.01 -23.99 12.45
N SER C 54 -14.11 -23.51 11.86
CA SER C 54 -14.03 -22.39 10.93
C SER C 54 -13.61 -21.13 11.69
N LYS C 55 -12.90 -20.24 10.98
CA LYS C 55 -12.43 -19.02 11.60
C LYS C 55 -13.59 -18.14 12.06
N VAL C 56 -14.62 -18.01 11.23
CA VAL C 56 -15.77 -17.18 11.59
C VAL C 56 -16.72 -17.92 12.52
N ASN C 57 -16.64 -19.25 12.60
CA ASN C 57 -17.45 -19.99 13.57
C ASN C 57 -16.88 -19.87 14.98
N LEU C 58 -15.55 -19.78 15.11
CA LEU C 58 -14.95 -19.57 16.43
C LEU C 58 -15.27 -18.18 16.96
N PHE C 59 -15.10 -17.16 16.12
CA PHE C 59 -15.42 -15.80 16.55
C PHE C 59 -16.89 -15.65 16.86
N THR C 60 -17.75 -16.42 16.18
CA THR C 60 -19.17 -16.43 16.52
C THR C 60 -19.40 -17.17 17.83
N LEU C 61 -18.74 -18.31 18.02
CA LEU C 61 -18.90 -19.09 19.25
C LEU C 61 -18.35 -18.33 20.45
N LEU C 62 -17.22 -17.66 20.28
CA LEU C 62 -16.64 -16.90 21.38
C LEU C 62 -17.53 -15.72 21.76
N SER C 63 -18.16 -15.08 20.77
CA SER C 63 -19.08 -13.98 21.06
C SER C 63 -20.26 -14.46 21.89
N LEU C 64 -20.82 -15.63 21.56
CA LEU C 64 -21.88 -16.20 22.37
C LEU C 64 -21.37 -16.55 23.76
N TRP C 65 -20.15 -17.09 23.85
CA TRP C 65 -19.59 -17.44 25.15
C TRP C 65 -19.29 -16.20 25.99
N MET C 66 -18.86 -15.12 25.34
CA MET C 66 -18.57 -13.89 26.06
C MET C 66 -19.83 -13.31 26.68
N GLU C 67 -20.99 -13.57 26.09
CA GLU C 67 -22.26 -13.15 26.69
C GLU C 67 -22.50 -13.82 28.03
N LEU C 68 -21.91 -14.98 28.27
CA LEU C 68 -22.11 -15.73 29.50
C LEU C 68 -21.03 -15.46 30.54
N PHE C 69 -20.30 -14.35 30.41
CA PHE C 69 -19.29 -14.02 31.39
C PHE C 69 -19.96 -13.71 32.74
N PRO C 70 -19.50 -14.29 33.83
CA PRO C 70 -20.14 -14.05 35.13
C PRO C 70 -20.05 -12.58 35.53
N ALA C 71 -21.10 -12.12 36.22
CA ALA C 71 -21.16 -10.74 36.68
C ALA C 71 -21.49 -10.68 38.18
N GLN C 104 -35.45 -4.97 29.20
CA GLN C 104 -35.66 -4.29 27.92
C GLN C 104 -34.48 -4.50 26.99
N VAL C 105 -33.28 -4.46 27.54
CA VAL C 105 -32.05 -4.65 26.78
C VAL C 105 -31.32 -5.87 27.35
N LYS C 106 -30.95 -6.79 26.47
CA LYS C 106 -30.31 -8.03 26.86
C LYS C 106 -28.79 -7.92 26.79
N ARG C 107 -28.12 -8.84 27.47
CA ARG C 107 -26.67 -8.88 27.46
C ARG C 107 -26.15 -9.22 26.07
N THR C 108 -24.96 -8.72 25.75
CA THR C 108 -24.35 -8.96 24.45
C THR C 108 -22.86 -9.23 24.63
N GLY C 109 -22.39 -10.34 24.06
CA GLY C 109 -20.96 -10.58 23.96
C GLY C 109 -20.39 -10.05 22.66
N LEU C 110 -19.08 -9.90 22.63
CA LEU C 110 -18.45 -9.29 21.46
C LEU C 110 -17.02 -9.80 21.33
N VAL C 111 -16.61 -10.00 20.09
CA VAL C 111 -15.24 -10.38 19.75
C VAL C 111 -14.73 -9.39 18.73
N VAL C 112 -13.63 -8.70 19.05
CA VAL C 112 -13.00 -7.76 18.14
C VAL C 112 -11.82 -8.45 17.49
N VAL C 113 -11.84 -8.56 16.16
CA VAL C 113 -10.84 -9.31 15.41
C VAL C 113 -10.15 -8.37 14.45
N LYS C 114 -8.83 -8.31 14.51
CA LYS C 114 -8.00 -7.51 13.61
C LYS C 114 -6.96 -8.42 12.97
N ASN C 115 -6.91 -8.42 11.64
CA ASN C 115 -5.98 -9.28 10.90
C ASN C 115 -6.16 -10.75 11.26
N MET C 116 -7.41 -11.17 11.40
CA MET C 116 -7.78 -12.55 11.74
C MET C 116 -7.22 -12.99 13.10
N LYS C 117 -6.93 -12.03 13.97
CA LYS C 117 -6.46 -12.32 15.33
C LYS C 117 -7.34 -11.57 16.31
N ILE C 118 -7.74 -12.24 17.39
CA ILE C 118 -8.62 -11.64 18.38
C ILE C 118 -7.83 -10.60 19.16
N VAL C 119 -8.33 -9.37 19.19
CA VAL C 119 -7.71 -8.27 19.90
C VAL C 119 -8.60 -7.71 20.99
N GLY C 120 -9.68 -8.41 21.32
CA GLY C 120 -10.55 -7.98 22.40
C GLY C 120 -11.77 -8.86 22.59
N LEU C 121 -12.07 -9.20 23.84
CA LEU C 121 -13.26 -9.96 24.19
C LEU C 121 -14.05 -9.13 25.20
N HIS C 122 -15.26 -8.74 24.83
CA HIS C 122 -16.06 -7.83 25.63
C HIS C 122 -17.43 -8.43 25.93
N CYS C 123 -18.03 -7.96 27.02
CA CYS C 123 -19.38 -8.29 27.40
C CYS C 123 -20.13 -6.99 27.65
N SER C 124 -21.42 -7.09 27.95
CA SER C 124 -22.27 -5.93 28.20
C SER C 124 -22.45 -5.76 29.71
N SER C 125 -21.98 -4.63 30.23
CA SER C 125 -22.18 -4.32 31.63
C SER C 125 -23.60 -3.82 31.87
N GLU C 126 -23.97 -3.69 33.14
CA GLU C 126 -25.31 -3.23 33.49
C GLU C 126 -25.51 -1.76 33.11
N ASP C 127 -24.44 -1.03 32.81
CA ASP C 127 -24.52 0.38 32.46
C ASP C 127 -24.33 0.62 30.97
N LEU C 128 -23.32 0.00 30.37
CA LEU C 128 -22.95 0.24 28.98
C LEU C 128 -23.33 -0.96 28.11
N HIS C 129 -23.09 -0.80 26.81
CA HIS C 129 -23.34 -1.84 25.83
C HIS C 129 -22.04 -2.44 25.35
N ALA C 130 -22.15 -3.61 24.70
CA ALA C 130 -20.96 -4.28 24.19
C ALA C 130 -20.31 -3.46 23.08
N GLY C 131 -21.11 -2.87 22.21
CA GLY C 131 -20.56 -2.04 21.13
C GLY C 131 -20.01 -0.72 21.59
N GLN C 132 -20.45 -0.22 22.76
CA GLN C 132 -19.93 1.01 23.32
C GLN C 132 -18.69 0.78 24.18
N ILE C 133 -18.58 -0.40 24.80
CA ILE C 133 -17.37 -0.74 25.55
C ILE C 133 -16.20 -0.94 24.60
N ALA C 134 -16.45 -1.52 23.43
CA ALA C 134 -15.40 -1.69 22.43
C ALA C 134 -14.86 -0.35 21.98
N LEU C 135 -15.75 0.64 21.81
CA LEU C 135 -15.29 1.98 21.44
C LEU C 135 -14.44 2.60 22.53
N ILE C 136 -14.83 2.40 23.80
CA ILE C 136 -14.05 2.96 24.90
C ILE C 136 -12.69 2.28 25.00
N LYS C 137 -12.66 0.94 24.91
CA LYS C 137 -11.43 0.20 25.07
C LYS C 137 -10.48 0.37 23.89
N HIS C 138 -11.01 0.50 22.67
CA HIS C 138 -10.19 0.58 21.47
C HIS C 138 -10.17 1.95 20.82
N GLY C 139 -11.33 2.59 20.67
CA GLY C 139 -11.34 3.90 20.05
C GLY C 139 -11.16 3.80 18.55
N SER C 140 -10.26 4.61 18.02
CA SER C 140 -9.97 4.59 16.58
C SER C 140 -9.26 3.32 16.14
N ARG C 141 -8.79 2.49 17.09
CA ARG C 141 -8.14 1.24 16.75
C ARG C 141 -9.12 0.21 16.21
N LEU C 142 -10.43 0.47 16.28
CA LEU C 142 -11.41 -0.39 15.65
C LEU C 142 -11.40 -0.31 14.14
N LYS C 143 -10.62 0.60 13.56
CA LYS C 143 -10.50 0.71 12.11
C LYS C 143 -10.03 -0.60 11.51
N ASN C 144 -10.72 -1.04 10.45
CA ASN C 144 -10.41 -2.29 9.75
C ASN C 144 -10.47 -3.50 10.69
N CYS C 145 -11.47 -3.52 11.57
CA CYS C 145 -11.65 -4.61 12.52
C CYS C 145 -12.95 -5.34 12.21
N ASP C 146 -12.94 -6.65 12.42
CA ASP C 146 -14.13 -7.48 12.29
C ASP C 146 -14.74 -7.67 13.67
N LEU C 147 -15.97 -7.18 13.83
CA LEU C 147 -16.68 -7.25 15.11
C LEU C 147 -17.76 -8.32 15.02
N TYR C 148 -17.77 -9.24 15.98
CA TYR C 148 -18.71 -10.35 16.03
C TYR C 148 -19.56 -10.19 17.29
N PHE C 149 -20.73 -9.59 17.14
CA PHE C 149 -21.65 -9.47 18.26
C PHE C 149 -22.48 -10.74 18.42
N SER C 150 -22.96 -10.97 19.63
CA SER C 150 -23.92 -12.04 19.88
C SER C 150 -25.36 -11.58 19.71
N ARG C 151 -25.58 -10.28 19.54
CA ARG C 151 -26.89 -9.70 19.26
C ARG C 151 -26.67 -8.52 18.34
N LYS C 152 -27.64 -8.27 17.47
CA LYS C 152 -27.51 -7.16 16.52
C LYS C 152 -27.36 -5.86 17.29
N PRO C 153 -26.32 -5.07 17.03
CA PRO C 153 -26.11 -3.84 17.79
C PRO C 153 -27.23 -2.83 17.56
N CYS C 154 -27.52 -2.06 18.60
CA CYS C 154 -28.53 -1.02 18.50
C CYS C 154 -28.05 0.10 17.58
N SER C 155 -28.98 1.03 17.28
CA SER C 155 -28.65 2.15 16.40
C SER C 155 -27.56 3.02 17.01
N ALA C 156 -27.62 3.25 18.32
CA ALA C 156 -26.58 4.03 18.98
C ALA C 156 -25.24 3.32 18.93
N CYS C 157 -25.23 2.00 19.13
CA CYS C 157 -23.99 1.25 19.10
C CYS C 157 -23.45 1.07 17.68
N LEU C 158 -24.33 1.00 16.68
CA LEU C 158 -23.88 0.78 15.32
C LEU C 158 -23.25 2.04 14.73
N LYS C 159 -23.82 3.21 15.02
CA LYS C 159 -23.28 4.45 14.47
C LYS C 159 -21.89 4.75 15.00
N MET C 160 -21.60 4.34 16.24
CA MET C 160 -20.30 4.63 16.83
C MET C 160 -19.22 3.74 16.24
N ILE C 161 -19.52 2.45 16.04
CA ILE C 161 -18.49 1.53 15.55
C ILE C 161 -18.20 1.80 14.07
N VAL C 162 -19.22 2.13 13.28
CA VAL C 162 -18.97 2.44 11.86
C VAL C 162 -18.21 3.75 11.73
N ASN C 163 -18.40 4.67 12.68
CA ASN C 163 -17.59 5.88 12.71
C ASN C 163 -16.13 5.53 13.00
N ALA C 164 -15.89 4.56 13.89
CA ALA C 164 -14.53 4.20 14.23
C ALA C 164 -13.77 3.66 13.03
N GLY C 165 -14.44 2.85 12.20
CA GLY C 165 -13.82 2.37 10.99
C GLY C 165 -13.95 0.88 10.76
N VAL C 166 -14.79 0.22 11.56
CA VAL C 166 -14.99 -1.22 11.39
C VAL C 166 -15.56 -1.50 10.00
N ASN C 167 -15.10 -2.57 9.38
CA ASN C 167 -15.54 -2.92 8.04
C ASN C 167 -16.63 -3.99 8.03
N ARG C 168 -16.58 -4.93 8.96
CA ARG C 168 -17.52 -6.04 9.00
C ARG C 168 -18.08 -6.18 10.40
N ILE C 169 -19.41 -6.24 10.50
CA ILE C 169 -20.10 -6.39 11.77
C ILE C 169 -20.97 -7.64 11.65
N SER C 170 -20.46 -8.78 12.09
CA SER C 170 -21.25 -9.99 12.15
C SER C 170 -22.09 -10.00 13.42
N TYR C 171 -23.16 -10.80 13.40
CA TYR C 171 -24.02 -10.90 14.56
C TYR C 171 -24.78 -12.21 14.53
N TRP C 172 -25.20 -12.64 15.71
CA TRP C 172 -26.04 -13.83 15.85
C TRP C 172 -27.47 -13.47 15.49
N PRO C 173 -28.10 -14.14 14.52
CA PRO C 173 -29.44 -13.73 14.09
C PRO C 173 -30.54 -14.22 15.03
N ALA C 174 -30.32 -14.06 16.32
CA ALA C 174 -31.32 -14.26 17.35
C ALA C 174 -31.98 -12.92 17.68
N ASP C 175 -32.66 -12.86 18.81
CA ASP C 175 -33.22 -11.61 19.29
C ASP C 175 -32.10 -10.58 19.44
N PRO C 176 -32.26 -9.36 18.90
CA PRO C 176 -31.17 -8.38 18.93
C PRO C 176 -30.96 -7.77 20.31
N GLU C 177 -30.07 -6.76 20.38
CA GLU C 177 -29.76 -6.14 21.67
C GLU C 177 -31.00 -5.52 22.30
N ILE C 178 -31.73 -4.70 21.54
CA ILE C 178 -33.00 -4.15 22.00
C ILE C 178 -34.04 -5.24 21.78
N SER C 179 -34.50 -5.84 22.88
CA SER C 179 -35.31 -7.05 22.79
C SER C 179 -36.62 -6.81 22.06
N LEU C 180 -36.83 -7.56 20.98
CA LEU C 180 -38.08 -7.54 20.25
C LEU C 180 -39.14 -8.45 20.87
N LEU C 181 -38.75 -9.28 21.85
CA LEU C 181 -39.69 -10.19 22.50
C LEU C 181 -40.23 -9.54 23.78
N THR C 182 -41.01 -8.49 23.58
CA THR C 182 -41.62 -7.76 24.69
C THR C 182 -43.13 -7.68 24.53
N SER C 187 -42.20 -4.14 21.58
CA SER C 187 -42.29 -2.73 21.94
C SER C 187 -42.09 -1.83 20.73
N GLU C 188 -42.78 -0.69 20.72
CA GLU C 188 -42.65 0.25 19.61
C GLU C 188 -41.24 0.82 19.53
N ASP C 189 -40.64 1.14 20.69
CA ASP C 189 -39.28 1.66 20.69
C ASP C 189 -38.29 0.63 20.17
N ALA C 190 -38.44 -0.62 20.58
CA ALA C 190 -37.54 -1.68 20.12
C ALA C 190 -37.68 -1.91 18.62
N LYS C 191 -38.91 -1.94 18.11
CA LYS C 191 -39.13 -2.20 16.70
C LYS C 191 -38.68 -1.04 15.82
N LEU C 192 -38.82 0.20 16.31
CA LEU C 192 -38.36 1.35 15.55
C LEU C 192 -36.83 1.40 15.51
N ASP C 193 -36.18 0.99 16.59
CA ASP C 193 -34.72 1.02 16.64
C ASP C 193 -34.12 0.06 15.62
N ALA C 194 -34.71 -1.12 15.46
CA ALA C 194 -34.22 -2.08 14.48
C ALA C 194 -34.33 -1.52 13.07
N LYS C 195 -35.43 -0.81 12.77
CA LYS C 195 -35.56 -0.14 11.48
C LYS C 195 -34.49 0.92 11.30
N ALA C 196 -34.15 1.63 12.38
CA ALA C 196 -33.13 2.67 12.30
C ALA C 196 -31.78 2.08 11.94
N VAL C 197 -31.48 0.87 12.44
CA VAL C 197 -30.23 0.21 12.09
C VAL C 197 -30.18 -0.09 10.60
N GLU C 198 -31.32 -0.48 10.02
CA GLU C 198 -31.35 -0.80 8.59
C GLU C 198 -31.05 0.42 7.73
N ARG C 199 -31.61 1.58 8.07
CA ARG C 199 -31.26 2.80 7.36
C ARG C 199 -29.78 3.14 7.56
N LEU C 200 -29.29 2.97 8.78
CA LEU C 200 -27.88 3.20 9.05
C LEU C 200 -27.01 2.19 8.29
N LYS C 201 -27.44 0.93 8.24
CA LYS C 201 -26.69 -0.08 7.50
C LYS C 201 -26.65 0.25 6.01
N SER C 202 -27.77 0.71 5.45
CA SER C 202 -27.80 1.06 4.03
C SER C 202 -26.98 2.32 3.77
N ASN C 203 -27.14 3.34 4.61
CA ASN C 203 -26.39 4.58 4.42
C ASN C 203 -24.89 4.37 4.57
N SER C 204 -24.49 3.57 5.55
CA SER C 204 -23.07 3.37 5.83
C SER C 204 -22.48 2.37 4.84
N ARG C 205 -21.17 2.14 4.97
CA ARG C 205 -20.42 1.28 4.07
C ARG C 205 -20.05 -0.06 4.69
N ALA C 206 -19.93 -0.13 6.02
CA ALA C 206 -19.49 -1.34 6.69
C ALA C 206 -20.47 -2.49 6.45
N HIS C 207 -19.93 -3.69 6.32
CA HIS C 207 -20.72 -4.89 6.02
C HIS C 207 -21.34 -5.42 7.31
N VAL C 208 -22.57 -5.00 7.59
CA VAL C 208 -23.34 -5.56 8.68
C VAL C 208 -24.03 -6.81 8.15
N CYS C 209 -23.37 -7.97 8.31
CA CYS C 209 -23.83 -9.22 7.73
C CYS C 209 -23.88 -10.29 8.81
N VAL C 210 -24.21 -11.51 8.38
CA VAL C 210 -24.22 -12.68 9.24
C VAL C 210 -23.22 -13.67 8.67
N LEU C 211 -22.19 -13.99 9.45
CA LEU C 211 -21.12 -14.89 9.02
C LEU C 211 -21.26 -16.30 9.59
N LEU C 212 -22.41 -16.62 10.17
CA LEU C 212 -22.65 -17.97 10.66
C LEU C 212 -22.55 -18.96 9.51
N GLN C 213 -21.85 -20.06 9.74
CA GLN C 213 -21.59 -21.05 8.71
C GLN C 213 -21.97 -22.44 9.19
N PRO C 214 -22.37 -23.33 8.27
CA PRO C 214 -22.63 -24.72 8.67
C PRO C 214 -21.36 -25.43 9.09
N LEU C 215 -21.52 -26.38 10.00
CA LEU C 215 -20.40 -27.14 10.52
C LEU C 215 -20.12 -28.36 9.64
N VAL C 216 -18.90 -28.89 9.78
CA VAL C 216 -18.56 -30.14 9.11
C VAL C 216 -19.35 -31.28 9.74
N CYS C 217 -19.65 -32.30 8.93
CA CYS C 217 -20.46 -33.42 9.42
C CYS C 217 -19.78 -34.13 10.58
N TYR C 218 -18.47 -34.36 10.48
CA TYR C 218 -17.73 -35.02 11.55
C TYR C 218 -17.42 -34.10 12.72
N MET C 219 -17.64 -32.79 12.56
CA MET C 219 -17.24 -31.83 13.59
C MET C 219 -18.00 -32.04 14.89
N VAL C 220 -19.31 -32.26 14.81
CA VAL C 220 -20.14 -32.25 16.02
C VAL C 220 -19.81 -33.44 16.91
N GLN C 221 -19.57 -34.61 16.32
CA GLN C 221 -19.19 -35.76 17.14
C GLN C 221 -17.69 -35.75 17.45
N PHE C 222 -16.89 -35.06 16.66
CA PHE C 222 -15.47 -34.90 16.99
C PHE C 222 -15.31 -34.09 18.27
N VAL C 223 -16.08 -33.02 18.43
CA VAL C 223 -16.00 -32.22 19.64
C VAL C 223 -16.44 -33.03 20.85
N GLU C 224 -17.52 -33.81 20.71
CA GLU C 224 -18.00 -34.63 21.81
C GLU C 224 -16.97 -35.71 22.18
N GLU C 225 -16.35 -36.33 21.18
CA GLU C 225 -15.34 -37.36 21.45
C GLU C 225 -14.15 -36.77 22.18
N THR C 226 -13.67 -35.62 21.74
CA THR C 226 -12.49 -35.01 22.36
C THR C 226 -12.83 -34.44 23.73
N SER C 227 -14.06 -33.95 23.91
CA SER C 227 -14.43 -33.36 25.19
C SER C 227 -14.45 -34.41 26.31
N TYR C 228 -14.93 -35.62 26.00
CA TYR C 228 -14.91 -36.68 26.99
C TYR C 228 -13.49 -37.10 27.36
N LYS C 229 -12.53 -36.89 26.46
CA LYS C 229 -11.14 -37.24 26.70
C LYS C 229 -10.30 -36.04 27.12
N CYS C 230 -10.93 -34.90 27.39
CA CYS C 230 -10.20 -33.71 27.77
C CYS C 230 -9.59 -33.88 29.17
N ASP C 231 -8.63 -33.00 29.48
CA ASP C 231 -7.91 -33.10 30.75
C ASP C 231 -8.78 -32.80 31.96
N PHE C 232 -9.99 -32.27 31.76
CA PHE C 232 -10.87 -31.91 32.86
C PHE C 232 -11.95 -32.94 33.14
N ILE C 233 -12.54 -33.52 32.09
CA ILE C 233 -13.48 -34.62 32.30
C ILE C 233 -12.75 -35.87 32.76
N GLN C 234 -11.58 -36.14 32.17
CA GLN C 234 -10.80 -37.31 32.56
C GLN C 234 -10.34 -37.20 34.01
N LYS C 235 -10.03 -35.98 34.46
CA LYS C 235 -9.61 -35.79 35.85
C LYS C 235 -10.73 -36.18 36.81
N ILE C 236 -11.97 -35.82 36.50
CA ILE C 236 -13.10 -36.14 37.38
C ILE C 236 -13.31 -37.64 37.45
N THR C 237 -13.22 -38.34 36.31
CA THR C 237 -13.47 -39.77 36.28
C THR C 237 -12.49 -40.53 37.16
N LYS C 238 -11.24 -40.05 37.24
CA LYS C 238 -10.27 -40.69 38.11
C LYS C 238 -10.61 -40.53 39.59
N THR C 239 -11.54 -39.63 39.92
CA THR C 239 -11.95 -39.44 41.30
C THR C 239 -13.25 -40.19 41.59
N ASP C 246 -20.13 -41.07 32.85
CA ASP C 246 -21.56 -41.24 33.06
C ASP C 246 -22.19 -39.95 33.59
N PHE C 247 -21.35 -38.93 33.79
CA PHE C 247 -21.78 -37.63 34.29
C PHE C 247 -21.72 -36.53 33.26
N TYR C 248 -20.87 -36.67 32.24
CA TYR C 248 -20.67 -35.59 31.28
C TYR C 248 -21.94 -35.29 30.49
N TYR C 249 -22.69 -36.34 30.13
CA TYR C 249 -23.87 -36.16 29.29
C TYR C 249 -25.00 -35.45 30.04
N GLU C 250 -25.13 -35.70 31.35
CA GLU C 250 -26.14 -34.97 32.12
C GLU C 250 -25.85 -33.48 32.14
N CYS C 251 -24.58 -33.11 32.33
CA CYS C 251 -24.19 -31.71 32.22
C CYS C 251 -24.39 -31.21 30.79
N LYS C 252 -24.06 -32.03 29.80
CA LYS C 252 -24.20 -31.62 28.41
C LYS C 252 -25.65 -31.27 28.08
N GLN C 253 -26.59 -32.09 28.54
CA GLN C 253 -28.00 -31.83 28.27
C GLN C 253 -28.47 -30.55 28.97
N GLU C 254 -28.00 -30.31 30.19
CA GLU C 254 -28.45 -29.13 30.93
C GLU C 254 -28.01 -27.84 30.25
N ARG C 255 -26.75 -27.77 29.80
CA ARG C 255 -26.30 -26.58 29.07
C ARG C 255 -26.97 -26.49 27.71
N ILE C 256 -27.36 -27.63 27.13
CA ILE C 256 -28.10 -27.59 25.88
C ILE C 256 -29.43 -26.88 26.08
N LYS C 257 -30.14 -27.22 27.17
CA LYS C 257 -31.41 -26.53 27.47
C LYS C 257 -31.16 -25.07 27.80
N GLU C 258 -30.15 -24.79 28.63
CA GLU C 258 -29.90 -23.42 29.06
C GLU C 258 -29.49 -22.53 27.88
N TYR C 259 -28.64 -23.04 26.99
CA TYR C 259 -28.16 -22.24 25.88
C TYR C 259 -29.13 -22.21 24.70
N GLU C 260 -30.22 -22.98 24.76
CA GLU C 260 -31.20 -22.93 23.69
C GLU C 260 -32.28 -21.88 23.97
N MET C 261 -32.76 -21.81 25.22
CA MET C 261 -33.70 -20.77 25.58
C MET C 261 -33.06 -19.39 25.65
N LEU C 262 -31.73 -19.30 25.57
CA LEU C 262 -31.02 -18.04 25.60
C LEU C 262 -30.53 -17.59 24.23
N PHE C 263 -29.85 -18.47 23.50
CA PHE C 263 -29.24 -18.12 22.23
C PHE C 263 -30.11 -18.48 21.02
N LEU C 264 -31.26 -19.09 21.22
CA LEU C 264 -32.11 -19.52 20.12
C LEU C 264 -33.54 -19.07 20.35
N VAL C 265 -34.25 -18.83 19.26
CA VAL C 265 -35.69 -18.57 19.27
C VAL C 265 -36.37 -19.87 18.87
N SER C 266 -36.92 -20.57 19.87
CA SER C 266 -37.50 -21.89 19.61
C SER C 266 -38.69 -21.80 18.66
N ASN C 267 -39.56 -20.82 18.85
CA ASN C 267 -40.74 -20.68 18.00
C ASN C 267 -40.35 -20.16 16.63
N GLU C 268 -40.81 -20.85 15.58
CA GLU C 268 -40.54 -20.39 14.22
C GLU C 268 -41.28 -19.11 13.90
N GLU C 269 -42.48 -18.91 14.48
CA GLU C 269 -43.22 -17.68 14.25
C GLU C 269 -42.48 -16.48 14.81
N MET C 270 -41.95 -16.59 16.03
CA MET C 270 -41.21 -15.48 16.64
C MET C 270 -39.94 -15.19 15.86
N HIS C 271 -39.22 -16.22 15.43
CA HIS C 271 -37.95 -16.01 14.74
C HIS C 271 -38.17 -15.33 13.40
N LYS C 272 -39.23 -15.70 12.68
CA LYS C 272 -39.51 -15.05 11.39
C LYS C 272 -39.82 -13.57 11.58
N GLN C 273 -40.53 -13.22 12.66
CA GLN C 273 -40.77 -11.82 12.96
C GLN C 273 -39.46 -11.07 13.20
N ILE C 274 -38.54 -11.69 13.95
CA ILE C 274 -37.26 -11.05 14.22
C ILE C 274 -36.45 -10.90 12.94
N LEU C 275 -36.39 -11.96 12.14
CA LEU C 275 -35.60 -11.92 10.91
C LEU C 275 -36.17 -10.92 9.92
N MET C 276 -37.49 -10.73 9.89
CA MET C 276 -38.07 -9.68 9.07
C MET C 276 -37.74 -8.30 9.65
N THR C 277 -37.71 -8.19 10.98
CA THR C 277 -37.47 -6.91 11.62
C THR C 277 -36.01 -6.47 11.50
N ILE C 278 -35.08 -7.42 11.53
CA ILE C 278 -33.66 -7.10 11.54
C ILE C 278 -33.12 -7.14 10.11
N GLY C 279 -34.01 -7.08 9.13
CA GLY C 279 -33.60 -6.93 7.75
C GLY C 279 -33.17 -8.19 7.04
N LEU C 280 -33.31 -9.35 7.66
CA LEU C 280 -32.98 -10.62 7.02
C LEU C 280 -34.24 -11.24 6.39
N GLU C 281 -34.84 -10.48 5.47
CA GLU C 281 -36.09 -10.93 4.86
C GLU C 281 -35.86 -12.13 3.94
N ASN C 282 -34.70 -12.19 3.28
CA ASN C 282 -34.42 -13.30 2.39
C ASN C 282 -34.08 -14.59 3.13
N LEU C 283 -33.86 -14.52 4.45
CA LEU C 283 -33.62 -15.70 5.26
C LEU C 283 -34.89 -16.18 5.95
N CYS C 284 -36.03 -15.59 5.66
CA CYS C 284 -37.31 -16.00 6.24
C CYS C 284 -38.02 -17.07 5.44
N GLU C 285 -37.51 -17.42 4.25
CA GLU C 285 -38.16 -18.37 3.37
C GLU C 285 -37.31 -19.63 3.26
N ASN C 286 -37.97 -20.78 3.31
CA ASN C 286 -37.27 -22.05 3.18
C ASN C 286 -36.71 -22.20 1.76
N PRO C 287 -35.58 -22.90 1.61
CA PRO C 287 -34.83 -23.64 2.64
C PRO C 287 -33.83 -22.77 3.39
N TYR C 288 -33.82 -21.46 3.13
CA TYR C 288 -32.88 -20.55 3.78
C TYR C 288 -33.29 -20.20 5.20
N PHE C 289 -34.51 -20.56 5.62
CA PHE C 289 -34.93 -20.38 7.00
C PHE C 289 -34.57 -21.56 7.88
N SER C 290 -34.78 -22.79 7.37
CA SER C 290 -34.39 -23.97 8.12
C SER C 290 -32.88 -24.17 8.12
N ASN C 291 -32.20 -23.68 7.07
CA ASN C 291 -30.74 -23.78 7.04
C ASN C 291 -30.12 -22.91 8.14
N LEU C 292 -30.58 -21.67 8.26
CA LEU C 292 -30.06 -20.79 9.31
C LEU C 292 -30.39 -21.33 10.69
N ARG C 293 -31.61 -21.83 10.89
CA ARG C 293 -31.98 -22.39 12.17
C ARG C 293 -31.17 -23.64 12.50
N GLN C 294 -30.91 -24.47 11.49
CA GLN C 294 -30.10 -25.67 11.73
C GLN C 294 -28.67 -25.31 12.09
N ASN C 295 -28.08 -24.34 11.38
CA ASN C 295 -26.73 -23.89 11.72
C ASN C 295 -26.69 -23.26 13.11
N MET C 296 -27.71 -22.48 13.46
CA MET C 296 -27.77 -21.91 14.79
C MET C 296 -27.86 -22.98 15.87
N LYS C 297 -28.63 -24.04 15.62
CA LYS C 297 -28.72 -25.12 16.58
C LYS C 297 -27.42 -25.91 16.67
N ASP C 298 -26.72 -26.07 15.56
CA ASP C 298 -25.49 -26.86 15.56
C ASP C 298 -24.39 -26.17 16.37
N LEU C 299 -24.29 -24.84 16.27
CA LEU C 299 -23.27 -24.13 17.04
C LEU C 299 -23.60 -24.11 18.53
N ILE C 300 -24.89 -24.01 18.87
CA ILE C 300 -25.28 -24.06 20.28
C ILE C 300 -25.04 -25.45 20.84
N LEU C 301 -25.28 -26.49 20.04
CA LEU C 301 -24.94 -27.84 20.46
C LEU C 301 -23.43 -27.99 20.67
N LEU C 302 -22.63 -27.40 19.76
CA LEU C 302 -21.19 -27.43 19.92
C LEU C 302 -20.75 -26.62 21.15
N LEU C 303 -21.37 -25.45 21.36
CA LEU C 303 -21.01 -24.63 22.50
C LEU C 303 -21.35 -25.33 23.81
N ALA C 304 -22.54 -25.93 23.90
CA ALA C 304 -22.90 -26.68 25.10
C ALA C 304 -22.02 -27.90 25.28
N THR C 305 -21.46 -28.43 24.18
CA THR C 305 -20.52 -29.53 24.29
C THR C 305 -19.19 -29.07 24.86
N VAL C 306 -18.68 -27.94 24.38
CA VAL C 306 -17.42 -27.40 24.89
C VAL C 306 -17.60 -26.87 26.30
N ALA C 307 -18.70 -26.15 26.55
CA ALA C 307 -18.90 -25.55 27.86
C ALA C 307 -19.04 -26.60 28.95
N SER C 308 -19.56 -27.78 28.61
CA SER C 308 -19.69 -28.86 29.57
C SER C 308 -18.39 -29.61 29.82
N SER C 309 -17.38 -29.39 28.97
CA SER C 309 -16.08 -30.04 29.18
C SER C 309 -15.36 -29.51 30.41
N VAL C 310 -15.69 -28.29 30.84
CA VAL C 310 -15.17 -27.74 32.09
C VAL C 310 -16.37 -27.56 33.02
N PRO C 311 -16.89 -28.63 33.60
CA PRO C 311 -18.20 -28.56 34.26
C PRO C 311 -18.10 -28.04 35.69
N ASN C 312 -19.27 -27.79 36.27
CA ASN C 312 -19.42 -27.45 37.68
C ASN C 312 -19.65 -28.69 38.54
N PHE C 313 -19.40 -29.88 38.01
CA PHE C 313 -19.66 -31.14 38.69
C PHE C 313 -18.93 -31.22 40.02
N LYS C 314 -19.69 -31.43 41.09
CA LYS C 314 -19.17 -31.52 42.46
C LYS C 314 -18.40 -30.25 42.79
N HIS C 315 -17.35 -30.37 43.61
CA HIS C 315 -16.55 -29.24 44.04
C HIS C 315 -15.26 -29.09 43.24
N PHE C 316 -15.23 -29.63 42.02
CA PHE C 316 -14.05 -29.52 41.19
C PHE C 316 -13.83 -28.07 40.75
N GLY C 317 -12.57 -27.65 40.77
CA GLY C 317 -12.21 -26.31 40.36
C GLY C 317 -10.71 -26.20 40.16
N PHE C 318 -10.26 -24.97 40.00
CA PHE C 318 -8.84 -24.68 39.80
C PHE C 318 -8.25 -24.24 41.14
N TYR C 319 -7.49 -25.14 41.76
CA TYR C 319 -6.88 -24.88 43.05
C TYR C 319 -5.37 -25.15 42.98
N ARG C 320 -4.64 -24.53 43.89
CA ARG C 320 -3.19 -24.65 43.89
C ARG C 320 -2.75 -26.07 44.23
N SER C 321 -1.72 -26.53 43.52
CA SER C 321 -1.07 -27.80 43.84
C SER C 321 0.07 -27.49 44.80
N ASN C 322 -0.25 -27.43 46.08
CA ASN C 322 0.72 -27.05 47.10
C ASN C 322 1.84 -28.07 47.23
N HIS C 330 -0.35 -12.07 41.60
CA HIS C 330 -0.67 -12.47 42.96
C HIS C 330 -0.82 -13.98 43.06
N ASN C 331 -0.96 -14.47 44.30
CA ASN C 331 -1.10 -15.90 44.56
C ASN C 331 -2.55 -16.30 44.83
N GLN C 332 -3.50 -15.40 44.64
CA GLN C 332 -4.90 -15.66 44.93
C GLN C 332 -5.63 -16.16 43.69
N SER C 333 -6.48 -17.16 43.88
CA SER C 333 -7.21 -17.76 42.78
C SER C 333 -8.32 -16.83 42.30
N LEU C 334 -8.65 -16.96 41.01
CA LEU C 334 -9.80 -16.28 40.46
C LEU C 334 -11.09 -16.93 40.97
N PRO C 335 -12.21 -16.21 40.89
CA PRO C 335 -13.50 -16.86 41.17
C PRO C 335 -13.72 -18.05 40.25
N GLN C 336 -14.31 -19.11 40.79
CA GLN C 336 -14.44 -20.35 40.03
C GLN C 336 -15.27 -20.16 38.77
N GLU C 337 -16.26 -19.28 38.81
CA GLU C 337 -17.06 -19.00 37.61
C GLU C 337 -16.21 -18.39 36.51
N ILE C 338 -15.31 -17.47 36.87
CA ILE C 338 -14.45 -16.85 35.87
C ILE C 338 -13.44 -17.85 35.33
N ALA C 339 -12.82 -18.64 36.21
CA ALA C 339 -11.79 -19.57 35.78
C ALA C 339 -12.34 -20.59 34.80
N ARG C 340 -13.51 -21.14 35.10
CA ARG C 340 -14.14 -22.09 34.19
C ARG C 340 -14.52 -21.42 32.87
N HIS C 341 -15.05 -20.19 32.94
CA HIS C 341 -15.42 -19.47 31.72
C HIS C 341 -14.21 -19.19 30.84
N CYS C 342 -13.11 -18.75 31.46
CA CYS C 342 -11.90 -18.46 30.69
C CYS C 342 -11.26 -19.74 30.16
N MET C 343 -11.44 -20.86 30.86
CA MET C 343 -10.89 -22.12 30.38
C MET C 343 -11.67 -22.67 29.20
N VAL C 344 -12.98 -22.45 29.16
CA VAL C 344 -13.77 -22.85 28.00
C VAL C 344 -13.34 -22.08 26.77
N GLN C 345 -12.96 -20.81 26.94
CA GLN C 345 -12.39 -20.05 25.82
C GLN C 345 -11.16 -20.75 25.26
N ALA C 346 -10.28 -21.24 26.14
CA ALA C 346 -9.13 -22.01 25.70
C ALA C 346 -9.58 -23.30 25.02
N ARG C 347 -10.62 -23.94 25.54
CA ARG C 347 -11.13 -25.17 24.92
C ARG C 347 -11.68 -24.87 23.53
N LEU C 348 -12.37 -23.75 23.36
CA LEU C 348 -12.86 -23.37 22.04
C LEU C 348 -11.71 -23.11 21.08
N LEU C 349 -10.66 -22.44 21.55
CA LEU C 349 -9.49 -22.21 20.72
C LEU C 349 -8.78 -23.51 20.37
N ALA C 350 -8.88 -24.52 21.24
CA ALA C 350 -8.22 -25.79 21.00
C ALA C 350 -8.73 -26.49 19.74
N TYR C 351 -9.92 -26.14 19.26
CA TYR C 351 -10.48 -26.76 18.08
C TYR C 351 -10.11 -26.05 16.79
N ARG C 352 -9.27 -25.03 16.87
CA ARG C 352 -8.67 -24.41 15.68
C ARG C 352 -7.32 -25.01 15.35
N THR C 353 -6.89 -26.06 16.07
CA THR C 353 -5.59 -26.67 15.85
C THR C 353 -5.46 -27.14 14.41
N GLU C 354 -4.32 -26.80 13.79
CA GLU C 354 -4.13 -27.01 12.36
C GLU C 354 -4.17 -28.48 11.97
N ASP C 355 -3.19 -29.26 12.45
CA ASP C 355 -3.07 -30.65 12.05
C ASP C 355 -2.79 -31.63 13.18
N HIS C 356 -2.33 -31.18 14.34
CA HIS C 356 -1.98 -32.10 15.41
C HIS C 356 -3.20 -32.86 15.88
N LYS C 357 -3.00 -34.14 16.22
CA LYS C 357 -4.12 -34.98 16.65
C LYS C 357 -4.74 -34.46 17.94
N THR C 358 -3.92 -33.98 18.87
CA THR C 358 -4.39 -33.44 20.14
C THR C 358 -4.40 -31.93 20.05
N GLY C 359 -5.58 -31.33 20.28
CA GLY C 359 -5.72 -29.89 20.19
C GLY C 359 -5.48 -29.20 21.53
N VAL C 360 -4.65 -28.16 21.49
CA VAL C 360 -4.33 -27.38 22.68
C VAL C 360 -4.63 -25.92 22.37
N GLY C 361 -5.32 -25.26 23.30
CA GLY C 361 -5.62 -23.84 23.15
C GLY C 361 -5.33 -23.11 24.44
N ALA C 362 -4.86 -21.87 24.29
CA ALA C 362 -4.50 -21.03 25.43
C ALA C 362 -5.09 -19.64 25.27
N VAL C 363 -5.41 -19.03 26.41
CA VAL C 363 -5.91 -17.66 26.46
C VAL C 363 -5.27 -16.97 27.65
N ILE C 364 -4.90 -15.69 27.48
CA ILE C 364 -4.27 -14.91 28.54
C ILE C 364 -5.22 -13.81 28.96
N TRP C 365 -5.46 -13.70 30.26
CA TRP C 365 -6.31 -12.67 30.83
C TRP C 365 -5.54 -11.94 31.93
N ALA C 366 -5.71 -10.62 31.97
CA ALA C 366 -5.08 -9.79 32.99
C ALA C 366 -6.15 -9.02 33.74
N GLU C 367 -5.86 -8.70 35.01
CA GLU C 367 -6.81 -8.04 35.89
C GLU C 367 -6.25 -6.69 36.29
N GLY C 368 -6.88 -5.62 35.82
CA GLY C 368 -6.45 -4.28 36.19
C GLY C 368 -6.80 -3.97 37.64
N LYS C 369 -6.01 -3.08 38.23
CA LYS C 369 -6.19 -2.67 39.61
C LYS C 369 -7.16 -1.51 39.77
N SER C 370 -7.69 -0.98 38.67
CA SER C 370 -8.60 0.15 38.70
C SER C 370 -9.97 -0.27 38.19
N ARG C 371 -10.90 0.68 38.20
CA ARG C 371 -12.26 0.43 37.73
C ARG C 371 -12.28 0.30 36.20
N SER C 372 -13.26 -0.45 35.71
CA SER C 372 -13.39 -0.68 34.28
C SER C 372 -14.86 -0.58 33.88
N CYS C 373 -15.07 -0.22 32.62
CA CYS C 373 -16.41 -0.09 32.06
C CYS C 373 -16.92 -1.38 31.42
N ASP C 374 -16.07 -2.40 31.30
CA ASP C 374 -16.45 -3.61 30.61
C ASP C 374 -17.41 -4.45 31.45
N GLY C 375 -18.11 -5.35 30.78
CA GLY C 375 -18.96 -6.31 31.46
C GLY C 375 -18.22 -7.46 32.10
N THR C 376 -16.94 -7.61 31.79
CA THR C 376 -16.10 -8.62 32.42
C THR C 376 -15.53 -8.17 33.75
N GLY C 377 -15.71 -6.90 34.11
CA GLY C 377 -15.14 -6.36 35.34
C GLY C 377 -13.77 -5.76 35.13
N ALA C 378 -12.90 -5.90 36.11
CA ALA C 378 -11.54 -5.37 35.99
C ALA C 378 -10.71 -6.18 35.00
N MET C 379 -11.12 -7.41 34.69
CA MET C 379 -10.34 -8.26 33.81
C MET C 379 -10.47 -7.83 32.35
N TYR C 380 -9.36 -7.93 31.62
CA TYR C 380 -9.34 -7.68 30.19
C TYR C 380 -8.55 -8.78 29.50
N PHE C 381 -8.71 -8.86 28.18
CA PHE C 381 -8.18 -9.96 27.39
C PHE C 381 -6.83 -9.55 26.80
N VAL C 382 -5.82 -10.39 27.00
CA VAL C 382 -4.46 -10.09 26.56
C VAL C 382 -4.13 -10.78 25.24
N GLY C 383 -4.38 -12.08 25.15
CA GLY C 383 -4.08 -12.79 23.92
C GLY C 383 -4.67 -14.19 23.94
N CYS C 384 -4.61 -14.84 22.78
CA CYS C 384 -5.11 -16.19 22.61
C CYS C 384 -4.31 -16.89 21.54
N GLY C 385 -4.34 -18.22 21.57
CA GLY C 385 -3.60 -18.99 20.60
C GLY C 385 -3.91 -20.46 20.72
N TYR C 386 -3.36 -21.23 19.79
CA TYR C 386 -3.57 -22.67 19.73
C TYR C 386 -2.38 -23.30 19.04
N ASN C 387 -2.26 -24.62 19.17
CA ASN C 387 -1.22 -25.36 18.46
C ASN C 387 -1.39 -25.18 16.96
N ALA C 388 -0.31 -24.79 16.29
CA ALA C 388 -0.35 -24.56 14.86
C ALA C 388 1.08 -24.43 14.34
N PHE C 389 1.27 -24.76 13.07
CA PHE C 389 2.55 -24.56 12.43
C PHE C 389 2.79 -23.07 12.19
N PRO C 390 4.04 -22.65 12.04
CA PRO C 390 4.32 -21.23 11.81
C PRO C 390 3.59 -20.73 10.57
N VAL C 391 3.19 -19.45 10.61
CA VAL C 391 2.47 -18.86 9.49
C VAL C 391 3.32 -18.99 8.23
N GLY C 392 2.66 -19.33 7.12
CA GLY C 392 3.35 -19.71 5.91
C GLY C 392 3.46 -21.20 5.68
N SER C 393 2.78 -22.02 6.49
CA SER C 393 2.75 -23.47 6.34
C SER C 393 4.16 -24.07 6.39
N GLU C 394 4.77 -23.94 7.55
CA GLU C 394 6.10 -24.51 7.77
C GLU C 394 5.99 -25.98 8.17
N TYR C 395 6.36 -26.86 7.25
CA TYR C 395 6.30 -28.31 7.42
C TYR C 395 4.94 -28.75 8.00
N ARG C 411 9.32 -35.73 14.41
CA ARG C 411 9.87 -34.50 13.86
C ARG C 411 8.78 -33.52 13.45
N LYS C 412 7.58 -34.06 13.19
CA LYS C 412 6.47 -33.21 12.77
C LYS C 412 6.04 -32.28 13.90
N PHE C 413 6.15 -32.72 15.14
CA PHE C 413 5.83 -31.87 16.28
C PHE C 413 6.92 -30.85 16.57
N ARG C 414 8.13 -31.03 16.04
CA ARG C 414 9.22 -30.11 16.28
C ARG C 414 9.03 -28.76 15.61
N TYR C 415 8.16 -28.67 14.60
CA TYR C 415 7.91 -27.44 13.87
C TYR C 415 6.51 -26.90 14.12
N ILE C 416 6.01 -27.03 15.34
CA ILE C 416 4.67 -26.56 15.70
C ILE C 416 4.82 -25.50 16.79
N ILE C 417 3.97 -24.49 16.73
CA ILE C 417 3.94 -23.43 17.74
C ILE C 417 2.85 -23.79 18.75
N HIS C 418 3.24 -23.92 20.02
CA HIS C 418 2.31 -24.35 21.04
C HIS C 418 1.27 -23.26 21.32
N ALA C 419 0.24 -23.65 22.06
CA ALA C 419 -0.85 -22.73 22.37
C ALA C 419 -0.36 -21.54 23.17
N ALA C 420 0.49 -21.79 24.18
CA ALA C 420 1.01 -20.70 24.99
C ALA C 420 1.88 -19.75 24.16
N GLN C 421 2.70 -20.31 23.26
CA GLN C 421 3.58 -19.49 22.45
C GLN C 421 2.81 -18.59 21.50
N ASN C 422 1.72 -19.10 20.92
CA ASN C 422 0.89 -18.28 20.05
C ASN C 422 0.24 -17.14 20.83
N ALA C 423 -0.22 -17.42 22.05
CA ALA C 423 -0.83 -16.39 22.87
C ALA C 423 0.17 -15.28 23.22
N LEU C 424 1.40 -15.66 23.55
CA LEU C 424 2.43 -14.68 23.83
C LEU C 424 2.81 -13.88 22.59
N THR C 425 2.75 -14.51 21.42
CA THR C 425 3.14 -13.83 20.18
C THR C 425 2.05 -12.87 19.73
N PHE C 426 0.84 -13.39 19.47
CA PHE C 426 -0.27 -12.58 18.97
C PHE C 426 -1.14 -12.11 20.14
N ARG C 427 -0.56 -11.21 20.92
CA ARG C 427 -1.27 -10.59 22.04
C ARG C 427 -1.49 -9.12 21.73
N CYS C 428 -2.68 -8.62 22.09
CA CYS C 428 -2.99 -7.21 21.88
C CYS C 428 -2.44 -6.36 23.03
N GLN C 429 -2.89 -6.62 24.24
CA GLN C 429 -2.44 -5.88 25.41
C GLN C 429 -1.11 -6.44 25.92
N GLU C 430 -0.34 -5.57 26.57
CA GLU C 430 0.92 -5.97 27.16
C GLU C 430 0.71 -6.46 28.59
N ILE C 431 1.65 -7.28 29.06
CA ILE C 431 1.58 -7.83 30.41
C ILE C 431 2.14 -6.78 31.37
N LYS C 432 1.26 -6.13 32.11
CA LYS C 432 1.68 -5.14 33.09
C LYS C 432 2.29 -5.83 34.31
N PRO C 433 3.53 -5.49 34.70
CA PRO C 433 4.13 -6.17 35.86
C PRO C 433 3.36 -6.00 37.15
N GLU C 434 2.69 -4.87 37.34
CA GLU C 434 1.96 -4.62 38.58
C GLU C 434 0.59 -5.31 38.62
N GLU C 435 0.10 -5.76 37.48
CA GLU C 435 -1.22 -6.38 37.42
C GLU C 435 -1.12 -7.88 37.64
N ARG C 436 -2.28 -8.51 37.77
CA ARG C 436 -2.39 -9.96 37.88
C ARG C 436 -2.71 -10.53 36.51
N SER C 437 -1.83 -11.39 35.99
CA SER C 437 -1.97 -11.98 34.67
C SER C 437 -2.21 -13.47 34.80
N MET C 438 -3.20 -13.97 34.07
CA MET C 438 -3.57 -15.38 34.10
C MET C 438 -3.53 -15.95 32.70
N ILE C 439 -3.03 -17.18 32.58
CA ILE C 439 -3.04 -17.91 31.33
C ILE C 439 -3.79 -19.22 31.54
N PHE C 440 -4.68 -19.54 30.61
CA PHE C 440 -5.52 -20.74 30.70
C PHE C 440 -5.16 -21.64 29.53
N VAL C 441 -4.40 -22.69 29.80
CA VAL C 441 -3.97 -23.65 28.78
C VAL C 441 -4.71 -24.96 29.02
N THR C 442 -5.28 -25.52 27.95
CA THR C 442 -6.09 -26.72 28.10
C THR C 442 -5.27 -27.89 28.63
N LYS C 443 -4.06 -28.08 28.12
CA LYS C 443 -3.17 -29.13 28.56
C LYS C 443 -2.08 -28.56 29.46
N CYS C 444 -1.32 -29.46 30.08
CA CYS C 444 -0.21 -29.04 30.92
C CYS C 444 0.84 -28.35 30.06
N PRO C 445 1.32 -27.17 30.45
CA PRO C 445 2.37 -26.50 29.66
C PRO C 445 3.63 -27.35 29.58
N CYS C 446 4.24 -27.35 28.40
CA CYS C 446 5.44 -28.14 28.17
C CYS C 446 6.67 -27.42 28.72
N ASP C 447 7.82 -28.09 28.61
CA ASP C 447 9.07 -27.48 29.01
C ASP C 447 9.47 -26.33 28.09
N GLU C 448 8.85 -26.24 26.91
CA GLU C 448 9.13 -25.12 26.01
C GLU C 448 8.36 -23.87 26.44
N CYS C 449 7.13 -24.05 26.94
CA CYS C 449 6.25 -22.92 27.19
C CYS C 449 6.39 -22.37 28.61
N VAL C 450 6.78 -23.21 29.57
CA VAL C 450 6.91 -22.74 30.95
C VAL C 450 7.92 -21.61 31.09
N PRO C 451 9.13 -21.70 30.51
CA PRO C 451 10.03 -20.52 30.57
C PRO C 451 9.46 -19.29 29.91
N LEU C 452 8.69 -19.46 28.82
CA LEU C 452 8.11 -18.30 28.15
C LEU C 452 7.00 -17.68 28.98
N ILE C 453 6.15 -18.51 29.59
CA ILE C 453 5.10 -17.98 30.45
C ILE C 453 5.70 -17.29 31.67
N LYS C 454 6.70 -17.93 32.29
CA LYS C 454 7.38 -17.30 33.42
C LYS C 454 8.14 -16.05 32.98
N GLY C 455 8.81 -16.12 31.83
CA GLY C 455 9.57 -14.97 31.37
C GLY C 455 8.70 -13.78 31.00
N ALA C 456 7.53 -14.04 30.41
CA ALA C 456 6.65 -12.97 30.00
C ALA C 456 6.05 -12.19 31.17
N GLY C 457 6.16 -12.72 32.40
CA GLY C 457 5.60 -12.06 33.55
C GLY C 457 4.21 -12.50 33.91
N ILE C 458 3.72 -13.60 33.36
CA ILE C 458 2.38 -14.10 33.69
C ILE C 458 2.40 -14.62 35.11
N LYS C 459 1.53 -14.07 35.96
CA LYS C 459 1.59 -14.35 37.39
C LYS C 459 1.02 -15.72 37.75
N GLN C 460 -0.04 -16.14 37.07
CA GLN C 460 -0.74 -17.37 37.43
C GLN C 460 -0.97 -18.22 36.18
N ILE C 461 -0.94 -19.54 36.38
CA ILE C 461 -1.18 -20.51 35.33
C ILE C 461 -2.36 -21.37 35.74
N TYR C 462 -3.37 -21.44 34.87
CA TYR C 462 -4.48 -22.38 35.03
C TYR C 462 -4.40 -23.39 33.89
N ALA C 463 -4.32 -24.66 34.23
CA ALA C 463 -4.15 -25.70 33.22
C ALA C 463 -4.54 -27.04 33.82
N GLY C 464 -4.67 -28.03 32.93
CA GLY C 464 -4.89 -29.39 33.38
C GLY C 464 -3.61 -30.04 33.85
N ASP C 465 -3.77 -31.21 34.46
CA ASP C 465 -2.62 -31.93 35.02
C ASP C 465 -2.63 -33.40 34.64
N VAL C 466 -3.20 -33.73 33.49
CA VAL C 466 -3.13 -35.11 33.00
C VAL C 466 -1.71 -35.44 32.55
N ASP C 467 -1.07 -34.53 31.84
CA ASP C 467 0.24 -34.77 31.25
C ASP C 467 1.40 -34.31 32.12
N VAL C 468 1.13 -33.86 33.35
CA VAL C 468 2.21 -33.35 34.20
C VAL C 468 3.15 -34.48 34.60
N GLY C 469 4.45 -34.23 34.49
CA GLY C 469 5.45 -35.21 34.87
C GLY C 469 5.85 -36.18 33.79
N LYS C 470 5.16 -36.20 32.66
CA LYS C 470 5.48 -37.12 31.58
C LYS C 470 6.72 -36.66 30.82
N LYS C 471 7.43 -37.62 30.24
CA LYS C 471 8.62 -37.36 29.43
C LYS C 471 8.44 -38.07 28.09
N LYS C 472 7.83 -37.39 27.13
CA LYS C 472 7.66 -37.94 25.80
C LYS C 472 8.96 -37.80 25.01
N ALA C 473 8.91 -38.07 23.71
CA ALA C 473 10.11 -37.99 22.89
C ALA C 473 10.47 -36.55 22.55
N ASP C 474 9.58 -35.84 21.88
CA ASP C 474 9.83 -34.47 21.44
C ASP C 474 9.23 -33.43 22.37
N ILE C 475 8.60 -33.84 23.47
CA ILE C 475 7.97 -32.91 24.40
C ILE C 475 8.09 -33.47 25.80
N SER C 476 8.24 -32.57 26.78
CA SER C 476 8.35 -32.95 28.18
C SER C 476 7.53 -32.00 29.02
N TYR C 477 7.07 -32.50 30.17
CA TYR C 477 6.24 -31.74 31.10
C TYR C 477 6.82 -31.79 32.49
N MET C 478 8.13 -31.56 32.61
CA MET C 478 8.82 -31.66 33.89
C MET C 478 9.02 -30.31 34.57
N ARG C 479 9.13 -29.22 33.80
CA ARG C 479 9.35 -27.92 34.41
C ARG C 479 8.11 -27.35 35.08
N PHE C 480 6.92 -27.83 34.69
CA PHE C 480 5.70 -27.34 35.31
C PHE C 480 5.65 -27.70 36.79
N GLY C 481 6.01 -28.93 37.12
CA GLY C 481 6.02 -29.34 38.52
C GLY C 481 7.07 -28.62 39.34
N GLU C 482 8.22 -28.35 38.74
CA GLU C 482 9.33 -27.67 39.40
C GLU C 482 9.31 -26.16 39.15
N LEU C 483 8.14 -25.58 38.93
CA LEU C 483 8.04 -24.16 38.62
C LEU C 483 8.01 -23.33 39.89
N GLU C 484 8.87 -22.31 39.93
CA GLU C 484 8.93 -21.38 41.06
C GLU C 484 8.73 -19.96 40.55
N GLY C 485 7.93 -19.19 41.29
CA GLY C 485 7.67 -17.81 40.96
C GLY C 485 6.34 -17.56 40.26
N VAL C 486 5.67 -18.60 39.80
CA VAL C 486 4.37 -18.47 39.13
C VAL C 486 3.39 -19.41 39.83
N SER C 487 2.25 -18.86 40.24
CA SER C 487 1.23 -19.67 40.90
C SER C 487 0.56 -20.59 39.88
N LYS C 488 0.43 -21.86 40.24
CA LYS C 488 -0.13 -22.87 39.35
C LYS C 488 -1.44 -23.38 39.93
N PHE C 489 -2.51 -23.30 39.15
CA PHE C 489 -3.82 -23.80 39.52
C PHE C 489 -4.20 -24.91 38.55
N THR C 490 -4.61 -26.06 39.09
CA THR C 490 -4.93 -27.22 38.29
C THR C 490 -6.32 -27.73 38.64
N TRP C 491 -6.94 -28.38 37.66
CA TRP C 491 -8.28 -28.93 37.86
C TRP C 491 -8.24 -30.05 38.89
N GLN C 492 -8.92 -29.84 40.01
CA GLN C 492 -8.92 -30.81 41.11
C GLN C 492 -10.04 -30.45 42.07
N LEU C 493 -10.29 -31.34 43.02
CA LEU C 493 -11.23 -31.08 44.09
C LEU C 493 -10.66 -30.06 45.06
N ASN C 494 -11.54 -29.38 45.78
CA ASN C 494 -11.11 -28.38 46.74
C ASN C 494 -10.36 -29.04 47.88
N PRO C 495 -9.12 -28.65 48.16
CA PRO C 495 -8.39 -29.23 49.30
C PRO C 495 -9.08 -29.00 50.63
N SER C 496 -9.76 -27.87 50.80
CA SER C 496 -10.47 -27.57 52.03
C SER C 496 -11.71 -28.44 52.17
N ILE D 50 -25.94 -26.03 -3.73
CA ILE D 50 -25.23 -26.76 -4.77
C ILE D 50 -23.74 -26.76 -4.49
N PRO D 51 -23.05 -27.84 -4.87
CA PRO D 51 -21.59 -27.84 -4.76
C PRO D 51 -20.97 -26.77 -5.64
N ARG D 52 -19.90 -26.17 -5.14
CA ARG D 52 -19.18 -25.12 -5.85
C ARG D 52 -17.71 -25.52 -5.97
N LEU D 53 -17.19 -25.51 -7.19
CA LEU D 53 -15.80 -25.87 -7.41
C LEU D 53 -14.88 -24.83 -6.77
N SER D 54 -13.81 -25.30 -6.13
CA SER D 54 -12.86 -24.39 -5.52
C SER D 54 -11.99 -23.73 -6.57
N LYS D 55 -11.43 -22.57 -6.21
CA LYS D 55 -10.60 -21.81 -7.14
C LYS D 55 -9.34 -22.60 -7.50
N VAL D 56 -8.53 -22.94 -6.49
CA VAL D 56 -7.31 -23.70 -6.72
C VAL D 56 -7.60 -25.07 -7.28
N ASN D 57 -8.83 -25.57 -7.09
CA ASN D 57 -9.25 -26.86 -7.61
C ASN D 57 -9.75 -26.75 -9.05
N LEU D 58 -10.15 -25.57 -9.49
CA LEU D 58 -10.54 -25.35 -10.88
C LEU D 58 -9.34 -25.00 -11.75
N PHE D 59 -8.44 -24.16 -11.24
CA PHE D 59 -7.22 -23.85 -11.96
C PHE D 59 -6.37 -25.10 -12.15
N THR D 60 -6.46 -26.05 -11.22
CA THR D 60 -5.80 -27.34 -11.42
C THR D 60 -6.45 -28.13 -12.54
N LEU D 61 -7.78 -28.15 -12.58
CA LEU D 61 -8.48 -28.87 -13.63
C LEU D 61 -8.24 -28.24 -14.99
N LEU D 62 -8.23 -26.90 -15.06
CA LEU D 62 -7.98 -26.23 -16.33
C LEU D 62 -6.56 -26.47 -16.82
N SER D 63 -5.60 -26.53 -15.90
CA SER D 63 -4.22 -26.83 -16.29
C SER D 63 -4.10 -28.21 -16.90
N LEU D 64 -4.77 -29.20 -16.31
CA LEU D 64 -4.80 -30.53 -16.91
C LEU D 64 -5.49 -30.51 -18.26
N TRP D 65 -6.59 -29.76 -18.38
CA TRP D 65 -7.30 -29.69 -19.65
C TRP D 65 -6.47 -28.97 -20.71
N MET D 66 -5.72 -27.94 -20.32
CA MET D 66 -4.89 -27.23 -21.28
C MET D 66 -3.81 -28.12 -21.85
N GLU D 67 -3.37 -29.14 -21.10
CA GLU D 67 -2.43 -30.12 -21.63
C GLU D 67 -3.01 -30.90 -22.81
N LEU D 68 -4.33 -31.01 -22.90
CA LEU D 68 -4.98 -31.76 -23.97
C LEU D 68 -5.41 -30.88 -25.13
N PHE D 69 -4.81 -29.70 -25.27
CA PHE D 69 -5.14 -28.84 -26.40
C PHE D 69 -4.65 -29.49 -27.69
N PRO D 70 -5.49 -29.57 -28.72
CA PRO D 70 -5.08 -30.23 -29.97
C PRO D 70 -3.92 -29.50 -30.62
N ALA D 71 -3.05 -30.26 -31.27
CA ALA D 71 -1.90 -29.72 -31.97
C ALA D 71 -1.84 -30.21 -33.41
N GLN D 104 10.89 -38.23 -23.78
CA GLN D 104 11.69 -37.47 -22.82
C GLN D 104 10.85 -36.41 -22.14
N VAL D 105 10.62 -35.31 -22.84
CA VAL D 105 9.82 -34.20 -22.31
C VAL D 105 8.36 -34.42 -22.70
N LYS D 106 7.46 -34.09 -21.78
CA LYS D 106 6.04 -34.32 -21.96
C LYS D 106 5.30 -32.98 -22.05
N ARG D 107 4.21 -32.99 -22.80
CA ARG D 107 3.39 -31.80 -22.96
C ARG D 107 2.82 -31.35 -21.61
N THR D 108 2.79 -30.04 -21.39
CA THR D 108 2.35 -29.47 -20.12
C THR D 108 1.38 -28.33 -20.37
N GLY D 109 0.26 -28.34 -19.65
CA GLY D 109 -0.67 -27.23 -19.63
C GLY D 109 -0.37 -26.30 -18.48
N LEU D 110 -0.88 -25.08 -18.58
CA LEU D 110 -0.58 -24.06 -17.59
C LEU D 110 -1.72 -23.06 -17.50
N VAL D 111 -1.98 -22.60 -16.29
CA VAL D 111 -2.97 -21.55 -16.02
C VAL D 111 -2.27 -20.45 -15.24
N VAL D 112 -2.29 -19.24 -15.79
CA VAL D 112 -1.73 -18.07 -15.13
C VAL D 112 -2.87 -17.30 -14.49
N VAL D 113 -2.81 -17.12 -13.17
CA VAL D 113 -3.89 -16.51 -12.41
C VAL D 113 -3.35 -15.28 -11.70
N LYS D 114 -4.00 -14.14 -11.92
CA LYS D 114 -3.67 -12.89 -11.25
C LYS D 114 -4.92 -12.37 -10.56
N ASN D 115 -4.82 -12.10 -9.26
CA ASN D 115 -5.95 -11.61 -8.45
C ASN D 115 -7.14 -12.56 -8.55
N MET D 116 -6.87 -13.87 -8.49
CA MET D 116 -7.88 -14.92 -8.56
C MET D 116 -8.68 -14.86 -9.86
N LYS D 117 -8.08 -14.30 -10.91
CA LYS D 117 -8.69 -14.26 -12.23
C LYS D 117 -7.71 -14.82 -13.24
N ILE D 118 -8.19 -15.71 -14.11
CA ILE D 118 -7.32 -16.32 -15.11
C ILE D 118 -6.91 -15.27 -16.14
N VAL D 119 -5.60 -15.10 -16.32
CA VAL D 119 -5.06 -14.13 -17.26
C VAL D 119 -4.24 -14.81 -18.35
N GLY D 120 -4.37 -16.12 -18.48
CA GLY D 120 -3.66 -16.84 -19.53
C GLY D 120 -3.78 -18.34 -19.43
N LEU D 121 -4.01 -18.99 -20.57
CA LEU D 121 -4.05 -20.45 -20.65
C LEU D 121 -3.05 -20.89 -21.71
N HIS D 122 -2.03 -21.65 -21.30
CA HIS D 122 -0.94 -22.02 -22.19
C HIS D 122 -0.79 -23.53 -22.25
N CYS D 123 -0.14 -23.98 -23.32
CA CYS D 123 0.19 -25.39 -23.52
C CYS D 123 1.60 -25.47 -24.06
N SER D 124 2.25 -26.61 -23.82
CA SER D 124 3.64 -26.79 -24.23
C SER D 124 3.69 -27.08 -25.73
N SER D 125 4.32 -26.19 -26.48
CA SER D 125 4.49 -26.40 -27.91
C SER D 125 5.57 -27.45 -28.17
N GLU D 126 5.65 -27.88 -29.43
CA GLU D 126 6.66 -28.86 -29.82
C GLU D 126 8.08 -28.30 -29.74
N ASP D 127 8.24 -26.97 -29.61
CA ASP D 127 9.54 -26.35 -29.54
C ASP D 127 9.85 -25.72 -28.19
N LEU D 128 8.83 -25.34 -27.43
CA LEU D 128 9.03 -24.62 -26.17
C LEU D 128 8.33 -25.36 -25.04
N HIS D 129 8.48 -24.83 -23.83
CA HIS D 129 7.83 -25.36 -22.65
C HIS D 129 6.71 -24.43 -22.18
N ALA D 130 5.83 -24.97 -21.34
CA ALA D 130 4.71 -24.17 -20.84
C ALA D 130 5.19 -23.02 -19.97
N GLY D 131 6.20 -23.28 -19.12
CA GLY D 131 6.74 -22.23 -18.29
C GLY D 131 7.54 -21.19 -19.05
N GLN D 132 8.03 -21.55 -20.24
CA GLN D 132 8.76 -20.61 -21.08
C GLN D 132 7.84 -19.80 -21.98
N ILE D 133 6.70 -20.37 -22.38
CA ILE D 133 5.73 -19.63 -23.18
C ILE D 133 5.07 -18.55 -22.33
N ALA D 134 4.80 -18.84 -21.06
CA ALA D 134 4.23 -17.85 -20.17
C ALA D 134 5.16 -16.66 -20.00
N LEU D 135 6.47 -16.91 -19.93
CA LEU D 135 7.43 -15.81 -19.83
C LEU D 135 7.43 -14.96 -21.09
N ILE D 136 7.31 -15.60 -22.26
CA ILE D 136 7.27 -14.86 -23.51
C ILE D 136 5.98 -14.05 -23.61
N LYS D 137 4.85 -14.68 -23.28
CA LYS D 137 3.57 -14.02 -23.45
C LYS D 137 3.37 -12.90 -22.44
N HIS D 138 3.81 -13.10 -21.20
CA HIS D 138 3.57 -12.14 -20.13
C HIS D 138 4.80 -11.35 -19.73
N GLY D 139 5.96 -11.98 -19.64
CA GLY D 139 7.15 -11.25 -19.24
C GLY D 139 7.12 -10.88 -17.77
N SER D 140 7.40 -9.62 -17.48
CA SER D 140 7.39 -9.14 -16.10
C SER D 140 6.00 -9.09 -15.51
N ARG D 141 4.94 -9.25 -16.33
CA ARG D 141 3.58 -9.25 -15.83
C ARG D 141 3.25 -10.50 -15.02
N LEU D 142 4.14 -11.50 -15.00
CA LEU D 142 3.96 -12.65 -14.13
C LEU D 142 4.17 -12.32 -12.66
N LYS D 143 4.56 -11.09 -12.33
CA LYS D 143 4.73 -10.67 -10.95
C LYS D 143 3.43 -10.84 -10.18
N ASN D 144 3.54 -11.45 -8.99
CA ASN D 144 2.40 -11.70 -8.10
C ASN D 144 1.31 -12.53 -8.80
N CYS D 145 1.73 -13.53 -9.57
CA CYS D 145 0.81 -14.42 -10.25
C CYS D 145 0.94 -15.84 -9.69
N ASP D 146 -0.18 -16.54 -9.64
CA ASP D 146 -0.23 -17.94 -9.25
C ASP D 146 -0.26 -18.79 -10.51
N LEU D 147 0.78 -19.60 -10.70
CA LEU D 147 0.91 -20.45 -11.88
C LEU D 147 0.57 -21.88 -11.52
N TYR D 148 -0.34 -22.49 -12.27
CA TYR D 148 -0.80 -23.85 -12.03
C TYR D 148 -0.36 -24.70 -13.22
N PHE D 149 0.77 -25.39 -13.07
CA PHE D 149 1.24 -26.31 -14.09
C PHE D 149 0.56 -27.67 -13.92
N SER D 150 0.50 -28.41 -15.02
CA SER D 150 0.07 -29.80 -14.97
C SER D 150 1.23 -30.76 -14.76
N ARG D 151 2.46 -30.27 -14.82
CA ARG D 151 3.65 -31.05 -14.51
C ARG D 151 4.63 -30.12 -13.82
N LYS D 152 5.45 -30.68 -12.93
CA LYS D 152 6.41 -29.86 -12.21
C LYS D 152 7.38 -29.22 -13.21
N PRO D 153 7.53 -27.89 -13.21
CA PRO D 153 8.41 -27.25 -14.18
C PRO D 153 9.86 -27.66 -13.98
N CYS D 154 10.61 -27.70 -15.07
CA CYS D 154 12.02 -28.03 -15.02
C CYS D 154 12.80 -26.89 -14.36
N SER D 155 14.08 -27.15 -14.12
CA SER D 155 14.94 -26.13 -13.50
C SER D 155 15.06 -24.90 -14.39
N ALA D 156 15.10 -25.10 -15.71
CA ALA D 156 15.18 -23.97 -16.63
C ALA D 156 13.91 -23.12 -16.58
N CYS D 157 12.75 -23.77 -16.54
CA CYS D 157 11.49 -23.03 -16.52
C CYS D 157 11.23 -22.42 -15.14
N LEU D 158 11.62 -23.11 -14.08
CA LEU D 158 11.39 -22.59 -12.73
C LEU D 158 12.19 -21.33 -12.48
N LYS D 159 13.46 -21.30 -12.91
CA LYS D 159 14.31 -20.17 -12.61
C LYS D 159 13.84 -18.89 -13.29
N MET D 160 13.24 -19.00 -14.48
CA MET D 160 12.79 -17.80 -15.17
C MET D 160 11.47 -17.28 -14.60
N ILE D 161 10.56 -18.17 -14.19
CA ILE D 161 9.29 -17.71 -13.65
C ILE D 161 9.48 -17.08 -12.27
N VAL D 162 10.37 -17.64 -11.45
CA VAL D 162 10.64 -17.04 -10.15
C VAL D 162 11.43 -15.74 -10.32
N ASN D 163 12.24 -15.66 -11.37
CA ASN D 163 12.90 -14.40 -11.70
C ASN D 163 11.89 -13.34 -12.11
N ALA D 164 10.85 -13.74 -12.82
CA ALA D 164 9.80 -12.80 -13.20
C ALA D 164 9.08 -12.25 -11.99
N GLY D 165 8.87 -13.08 -10.96
CA GLY D 165 8.26 -12.62 -9.74
C GLY D 165 6.95 -13.30 -9.40
N VAL D 166 6.77 -14.54 -9.87
CA VAL D 166 5.54 -15.26 -9.59
C VAL D 166 5.41 -15.52 -8.09
N ASN D 167 4.17 -15.74 -7.65
CA ASN D 167 3.87 -15.93 -6.23
C ASN D 167 3.87 -17.41 -5.85
N ARG D 168 3.01 -18.20 -6.50
CA ARG D 168 2.88 -19.62 -6.19
C ARG D 168 2.99 -20.42 -7.48
N ILE D 169 3.69 -21.54 -7.41
CA ILE D 169 3.81 -22.47 -8.52
C ILE D 169 3.18 -23.78 -8.08
N SER D 170 1.90 -23.96 -8.36
CA SER D 170 1.25 -25.23 -8.12
C SER D 170 1.52 -26.18 -9.29
N TYR D 171 1.42 -27.47 -9.00
CA TYR D 171 1.66 -28.47 -10.04
C TYR D 171 0.90 -29.75 -9.70
N TRP D 172 0.71 -30.57 -10.73
CA TRP D 172 0.04 -31.84 -10.59
C TRP D 172 1.10 -32.88 -10.22
N PRO D 173 1.06 -33.46 -9.02
CA PRO D 173 2.16 -34.33 -8.57
C PRO D 173 2.05 -35.75 -9.13
N ALA D 174 2.11 -35.86 -10.46
CA ALA D 174 2.12 -37.16 -11.13
C ALA D 174 3.46 -37.42 -11.82
N ASP D 175 3.89 -36.52 -12.69
CA ASP D 175 5.15 -36.68 -13.42
C ASP D 175 5.64 -35.32 -13.90
N PRO D 176 6.86 -34.93 -13.59
CA PRO D 176 7.35 -33.60 -13.98
C PRO D 176 7.53 -33.48 -15.49
N GLU D 177 7.95 -32.29 -15.92
CA GLU D 177 8.16 -32.04 -17.34
C GLU D 177 9.20 -32.98 -17.92
N ILE D 178 10.35 -33.09 -17.27
CA ILE D 178 11.38 -34.05 -17.64
C ILE D 178 10.96 -35.39 -17.05
N SER D 179 10.43 -36.27 -17.89
CA SER D 179 9.78 -37.48 -17.40
C SER D 179 10.76 -38.37 -16.64
N LEU D 180 10.34 -38.82 -15.46
CA LEU D 180 11.11 -39.76 -14.68
C LEU D 180 10.82 -41.21 -15.04
N LEU D 181 9.84 -41.46 -15.91
CA LEU D 181 9.48 -42.81 -16.32
C LEU D 181 10.18 -43.14 -17.64
N THR D 182 11.50 -43.27 -17.55
CA THR D 182 12.33 -43.60 -18.71
C THR D 182 13.21 -44.80 -18.42
N SER D 187 15.98 -41.72 -16.12
CA SER D 187 17.20 -41.20 -16.72
C SER D 187 18.01 -40.39 -15.71
N GLU D 188 19.33 -40.41 -15.88
CA GLU D 188 20.20 -39.64 -14.99
C GLU D 188 19.96 -38.15 -15.14
N ASP D 189 19.77 -37.68 -16.38
CA ASP D 189 19.51 -36.26 -16.59
C ASP D 189 18.19 -35.84 -15.96
N ALA D 190 17.15 -36.66 -16.10
CA ALA D 190 15.85 -36.32 -15.53
C ALA D 190 15.91 -36.30 -14.01
N LYS D 191 16.57 -37.30 -13.41
CA LYS D 191 16.66 -37.35 -11.95
C LYS D 191 17.51 -36.21 -11.41
N LEU D 192 18.60 -35.87 -12.10
CA LEU D 192 19.42 -34.74 -11.69
C LEU D 192 18.65 -33.44 -11.81
N ASP D 193 17.84 -33.30 -12.86
CA ASP D 193 17.08 -32.07 -13.07
C ASP D 193 16.07 -31.86 -11.94
N ALA D 194 15.43 -32.93 -11.47
CA ALA D 194 14.48 -32.80 -10.38
C ALA D 194 15.16 -32.29 -9.12
N LYS D 195 16.38 -32.76 -8.84
CA LYS D 195 17.12 -32.27 -7.69
C LYS D 195 17.46 -30.79 -7.83
N ALA D 196 17.77 -30.34 -9.05
CA ALA D 196 18.06 -28.94 -9.28
C ALA D 196 16.85 -28.06 -8.97
N VAL D 197 15.65 -28.55 -9.31
CA VAL D 197 14.43 -27.82 -8.99
C VAL D 197 14.28 -27.68 -7.48
N GLU D 198 14.57 -28.76 -6.74
CA GLU D 198 14.41 -28.72 -5.29
C GLU D 198 15.37 -27.73 -4.65
N ARG D 199 16.63 -27.71 -5.09
CA ARG D 199 17.58 -26.73 -4.58
C ARG D 199 17.16 -25.32 -4.99
N LEU D 200 16.68 -25.17 -6.23
CA LEU D 200 16.21 -23.86 -6.68
C LEU D 200 15.02 -23.37 -5.87
N LYS D 201 14.09 -24.27 -5.56
CA LYS D 201 12.93 -23.90 -4.77
C LYS D 201 13.33 -23.53 -3.35
N SER D 202 14.34 -24.22 -2.80
CA SER D 202 14.72 -24.01 -1.40
C SER D 202 15.25 -22.61 -1.18
N ASN D 203 16.30 -22.23 -1.91
CA ASN D 203 16.92 -20.93 -1.71
C ASN D 203 16.12 -19.78 -2.31
N SER D 204 15.09 -20.05 -3.10
CA SER D 204 14.24 -19.01 -3.64
C SER D 204 13.10 -18.71 -2.68
N ARG D 205 12.22 -17.79 -3.07
CA ARG D 205 11.13 -17.33 -2.23
C ARG D 205 9.76 -17.79 -2.69
N ALA D 206 9.59 -18.06 -3.99
CA ALA D 206 8.28 -18.43 -4.51
C ALA D 206 7.80 -19.76 -3.93
N HIS D 207 6.51 -19.86 -3.68
CA HIS D 207 5.91 -21.03 -3.06
C HIS D 207 5.66 -22.09 -4.12
N VAL D 208 6.64 -22.97 -4.32
CA VAL D 208 6.48 -24.13 -5.20
C VAL D 208 5.80 -25.21 -4.37
N CYS D 209 4.47 -25.27 -4.42
CA CYS D 209 3.69 -26.16 -3.59
C CYS D 209 2.68 -26.92 -4.44
N VAL D 210 1.82 -27.68 -3.77
CA VAL D 210 0.73 -28.40 -4.41
C VAL D 210 -0.56 -27.91 -3.77
N LEU D 211 -1.42 -27.27 -4.57
CA LEU D 211 -2.68 -26.71 -4.10
C LEU D 211 -3.86 -27.63 -4.37
N LEU D 212 -3.59 -28.88 -4.74
CA LEU D 212 -4.65 -29.86 -4.97
C LEU D 212 -5.47 -30.06 -3.70
N GLN D 213 -6.79 -30.09 -3.86
CA GLN D 213 -7.70 -30.20 -2.73
C GLN D 213 -8.70 -31.32 -2.95
N PRO D 214 -9.17 -31.96 -1.88
CA PRO D 214 -10.22 -32.98 -2.03
C PRO D 214 -11.53 -32.35 -2.49
N LEU D 215 -12.30 -33.13 -3.26
CA LEU D 215 -13.59 -32.68 -3.73
C LEU D 215 -14.64 -32.77 -2.64
N VAL D 216 -15.70 -31.98 -2.79
CA VAL D 216 -16.87 -32.11 -1.92
C VAL D 216 -17.54 -33.45 -2.20
N CYS D 217 -18.18 -34.00 -1.17
CA CYS D 217 -18.79 -35.33 -1.29
C CYS D 217 -19.85 -35.35 -2.38
N TYR D 218 -20.68 -34.31 -2.46
CA TYR D 218 -21.73 -34.22 -3.47
C TYR D 218 -21.21 -33.71 -4.81
N MET D 219 -19.95 -33.28 -4.88
CA MET D 219 -19.44 -32.65 -6.10
C MET D 219 -19.45 -33.60 -7.28
N VAL D 220 -18.89 -34.80 -7.11
CA VAL D 220 -18.74 -35.73 -8.24
C VAL D 220 -20.11 -36.15 -8.74
N GLN D 221 -21.03 -36.46 -7.83
CA GLN D 221 -22.38 -36.82 -8.24
C GLN D 221 -23.09 -35.65 -8.90
N PHE D 222 -22.88 -34.44 -8.38
CA PHE D 222 -23.51 -33.25 -8.96
C PHE D 222 -23.06 -33.02 -10.39
N VAL D 223 -21.76 -33.17 -10.66
CA VAL D 223 -21.25 -32.98 -12.02
C VAL D 223 -21.79 -34.06 -12.95
N GLU D 224 -21.87 -35.30 -12.46
CA GLU D 224 -22.39 -36.40 -13.27
C GLU D 224 -23.86 -36.16 -13.62
N GLU D 225 -24.65 -35.67 -12.67
CA GLU D 225 -26.06 -35.40 -12.93
C GLU D 225 -26.24 -34.25 -13.91
N THR D 226 -25.53 -33.14 -13.68
CA THR D 226 -25.73 -31.95 -14.51
C THR D 226 -25.20 -32.16 -15.93
N SER D 227 -24.13 -32.95 -16.07
CA SER D 227 -23.54 -33.15 -17.39
C SER D 227 -24.50 -33.87 -18.32
N TYR D 228 -25.25 -34.85 -17.78
CA TYR D 228 -26.25 -35.52 -18.59
C TYR D 228 -27.39 -34.59 -19.00
N LYS D 229 -27.58 -33.49 -18.28
CA LYS D 229 -28.61 -32.51 -18.59
C LYS D 229 -28.06 -31.28 -19.30
N CYS D 230 -26.79 -31.30 -19.70
CA CYS D 230 -26.20 -30.15 -20.37
C CYS D 230 -26.77 -30.01 -21.78
N ASP D 231 -26.57 -28.83 -22.37
CA ASP D 231 -27.14 -28.53 -23.69
C ASP D 231 -26.60 -29.43 -24.79
N PHE D 232 -25.47 -30.11 -24.57
CA PHE D 232 -24.83 -30.90 -25.60
C PHE D 232 -25.21 -32.38 -25.54
N ILE D 233 -25.31 -32.95 -24.33
CA ILE D 233 -25.81 -34.31 -24.19
C ILE D 233 -27.30 -34.37 -24.50
N GLN D 234 -28.06 -33.35 -24.05
CA GLN D 234 -29.48 -33.30 -24.33
C GLN D 234 -29.75 -33.17 -25.82
N LYS D 235 -28.94 -32.38 -26.52
CA LYS D 235 -29.11 -32.23 -27.97
C LYS D 235 -28.92 -33.56 -28.68
N ILE D 236 -27.91 -34.34 -28.30
CA ILE D 236 -27.68 -35.64 -28.91
C ILE D 236 -28.78 -36.62 -28.51
N THR D 237 -29.26 -36.52 -27.26
CA THR D 237 -30.25 -37.47 -26.76
C THR D 237 -31.53 -37.42 -27.59
N LYS D 238 -32.00 -36.22 -27.90
CA LYS D 238 -33.23 -36.08 -28.67
C LYS D 238 -33.06 -36.41 -30.14
N THR D 239 -31.83 -36.61 -30.61
CA THR D 239 -31.59 -36.93 -32.01
C THR D 239 -32.03 -38.35 -32.32
N ASP D 246 -27.44 -43.35 -22.70
CA ASP D 246 -26.61 -44.53 -22.65
C ASP D 246 -25.25 -44.27 -23.28
N PHE D 247 -25.24 -43.41 -24.30
CA PHE D 247 -23.98 -43.10 -24.99
C PHE D 247 -23.05 -42.29 -24.10
N TYR D 248 -23.59 -41.44 -23.22
CA TYR D 248 -22.75 -40.59 -22.39
C TYR D 248 -21.86 -41.41 -21.46
N TYR D 249 -22.42 -42.46 -20.85
CA TYR D 249 -21.63 -43.30 -19.95
C TYR D 249 -20.50 -44.00 -20.70
N GLU D 250 -20.78 -44.48 -21.92
CA GLU D 250 -19.75 -45.16 -22.70
C GLU D 250 -18.59 -44.23 -23.03
N CYS D 251 -18.90 -42.99 -23.42
CA CYS D 251 -17.85 -42.03 -23.71
C CYS D 251 -17.10 -41.62 -22.45
N LYS D 252 -17.80 -41.54 -21.32
CA LYS D 252 -17.16 -41.17 -20.07
C LYS D 252 -16.12 -42.20 -19.65
N GLN D 253 -16.44 -43.49 -19.82
CA GLN D 253 -15.49 -44.54 -19.42
C GLN D 253 -14.22 -44.47 -20.27
N GLU D 254 -14.36 -44.21 -21.57
CA GLU D 254 -13.18 -44.09 -22.43
C GLU D 254 -12.31 -42.91 -22.00
N ARG D 255 -12.93 -41.78 -21.65
CA ARG D 255 -12.16 -40.64 -21.14
C ARG D 255 -11.50 -40.99 -19.81
N ILE D 256 -12.20 -41.73 -18.95
CA ILE D 256 -11.62 -42.15 -17.68
C ILE D 256 -10.40 -43.02 -17.93
N LYS D 257 -10.50 -43.96 -18.87
CA LYS D 257 -9.35 -44.81 -19.20
C LYS D 257 -8.21 -43.99 -19.79
N GLU D 258 -8.53 -43.04 -20.66
CA GLU D 258 -7.49 -42.25 -21.32
C GLU D 258 -6.84 -41.26 -20.37
N TYR D 259 -7.66 -40.55 -19.57
CA TYR D 259 -7.12 -39.47 -18.75
C TYR D 259 -6.38 -40.01 -17.53
N GLU D 260 -6.78 -41.17 -17.00
CA GLU D 260 -6.06 -41.75 -15.87
C GLU D 260 -4.73 -42.33 -16.31
N MET D 261 -4.67 -42.88 -17.52
CA MET D 261 -3.39 -43.38 -18.04
C MET D 261 -2.40 -42.27 -18.31
N LEU D 262 -2.88 -41.03 -18.49
CA LEU D 262 -2.03 -39.89 -18.80
C LEU D 262 -1.75 -39.01 -17.58
N PHE D 263 -2.78 -38.67 -16.81
CA PHE D 263 -2.65 -37.74 -15.70
C PHE D 263 -2.38 -38.43 -14.36
N LEU D 264 -2.35 -39.75 -14.33
CA LEU D 264 -2.15 -40.48 -13.08
C LEU D 264 -1.07 -41.54 -13.27
N VAL D 265 -0.37 -41.83 -12.17
CA VAL D 265 0.58 -42.92 -12.12
C VAL D 265 -0.13 -44.08 -11.43
N SER D 266 -0.56 -45.07 -12.21
CA SER D 266 -1.34 -46.17 -11.66
C SER D 266 -0.53 -47.00 -10.68
N ASN D 267 0.74 -47.25 -11.00
CA ASN D 267 1.56 -48.09 -10.14
C ASN D 267 1.83 -47.40 -8.81
N GLU D 268 1.63 -48.14 -7.72
CA GLU D 268 1.91 -47.60 -6.38
C GLU D 268 3.39 -47.28 -6.22
N GLU D 269 4.26 -48.17 -6.70
CA GLU D 269 5.69 -47.97 -6.52
C GLU D 269 6.22 -46.82 -7.38
N MET D 270 5.75 -46.73 -8.63
CA MET D 270 6.25 -45.69 -9.53
C MET D 270 5.88 -44.31 -9.01
N HIS D 271 4.63 -44.12 -8.56
CA HIS D 271 4.23 -42.84 -8.00
C HIS D 271 4.98 -42.55 -6.71
N LYS D 272 5.24 -43.59 -5.91
CA LYS D 272 6.00 -43.41 -4.68
C LYS D 272 7.41 -42.89 -4.99
N GLN D 273 8.04 -43.45 -6.02
CA GLN D 273 9.38 -43.00 -6.41
C GLN D 273 9.36 -41.55 -6.89
N ILE D 274 8.33 -41.17 -7.66
CA ILE D 274 8.27 -39.82 -8.21
C ILE D 274 8.12 -38.80 -7.10
N LEU D 275 7.23 -39.07 -6.14
CA LEU D 275 7.05 -38.14 -5.03
C LEU D 275 8.31 -38.00 -4.19
N MET D 276 9.13 -39.06 -4.12
CA MET D 276 10.43 -38.94 -3.46
C MET D 276 11.39 -38.10 -4.29
N THR D 277 11.32 -38.23 -5.61
CA THR D 277 12.25 -37.52 -6.50
C THR D 277 11.92 -36.04 -6.61
N ILE D 278 10.64 -35.67 -6.53
CA ILE D 278 10.22 -34.29 -6.72
C ILE D 278 10.07 -33.55 -5.39
N GLY D 279 10.71 -34.04 -4.34
CA GLY D 279 10.68 -33.37 -3.05
C GLY D 279 9.33 -33.35 -2.39
N LEU D 280 8.61 -34.47 -2.41
CA LEU D 280 7.33 -34.62 -1.74
C LEU D 280 7.37 -35.80 -0.78
N GLU D 281 8.46 -35.91 -0.01
CA GLU D 281 8.58 -37.00 0.95
C GLU D 281 7.53 -36.92 2.03
N ASN D 282 7.04 -35.72 2.34
CA ASN D 282 5.98 -35.55 3.31
C ASN D 282 4.66 -36.18 2.86
N LEU D 283 4.51 -36.45 1.56
CA LEU D 283 3.30 -37.07 1.03
C LEU D 283 3.54 -38.52 0.61
N CYS D 284 4.67 -39.11 1.00
CA CYS D 284 4.99 -40.48 0.63
C CYS D 284 4.53 -41.50 1.67
N GLU D 285 3.97 -41.06 2.78
CA GLU D 285 3.55 -41.96 3.86
C GLU D 285 2.04 -41.93 4.01
N ASN D 286 1.46 -43.09 4.27
CA ASN D 286 0.03 -43.17 4.50
C ASN D 286 -0.34 -42.45 5.80
N PRO D 287 -1.53 -41.86 5.87
CA PRO D 287 -2.59 -41.84 4.86
C PRO D 287 -2.41 -40.73 3.83
N TYR D 288 -1.33 -39.95 3.94
CA TYR D 288 -1.11 -38.85 3.02
C TYR D 288 -0.77 -39.32 1.61
N PHE D 289 -0.22 -40.53 1.46
CA PHE D 289 -0.03 -41.08 0.13
C PHE D 289 -1.37 -41.49 -0.49
N SER D 290 -2.22 -42.15 0.29
CA SER D 290 -3.52 -42.56 -0.22
C SER D 290 -4.46 -41.37 -0.38
N ASN D 291 -4.33 -40.35 0.48
CA ASN D 291 -5.17 -39.17 0.35
C ASN D 291 -4.88 -38.43 -0.94
N LEU D 292 -3.61 -38.18 -1.23
CA LEU D 292 -3.25 -37.49 -2.47
C LEU D 292 -3.65 -38.31 -3.69
N ARG D 293 -3.42 -39.62 -3.66
CA ARG D 293 -3.79 -40.46 -4.79
C ARG D 293 -5.30 -40.49 -4.99
N GLN D 294 -6.06 -40.57 -3.90
CA GLN D 294 -7.51 -40.58 -4.02
C GLN D 294 -8.05 -39.27 -4.57
N ASN D 295 -7.53 -38.14 -4.08
CA ASN D 295 -7.96 -36.84 -4.57
C ASN D 295 -7.57 -36.65 -6.03
N MET D 296 -6.38 -37.13 -6.41
CA MET D 296 -5.97 -37.06 -7.81
C MET D 296 -6.91 -37.85 -8.70
N LYS D 297 -7.34 -39.02 -8.24
CA LYS D 297 -8.31 -39.81 -9.00
C LYS D 297 -9.66 -39.12 -9.06
N ASP D 298 -10.04 -38.40 -8.00
CA ASP D 298 -11.33 -37.72 -7.97
C ASP D 298 -11.39 -36.63 -9.05
N LEU D 299 -10.29 -35.90 -9.24
CA LEU D 299 -10.27 -34.81 -10.21
C LEU D 299 -10.21 -35.32 -11.65
N ILE D 300 -9.51 -36.43 -11.88
CA ILE D 300 -9.50 -37.01 -13.22
C ILE D 300 -10.87 -37.58 -13.55
N LEU D 301 -11.54 -38.17 -12.56
CA LEU D 301 -12.93 -38.58 -12.75
C LEU D 301 -13.81 -37.37 -13.03
N LEU D 302 -13.57 -36.25 -12.33
CA LEU D 302 -14.31 -35.03 -12.61
C LEU D 302 -14.01 -34.50 -14.00
N LEU D 303 -12.73 -34.49 -14.39
CA LEU D 303 -12.37 -33.99 -15.71
C LEU D 303 -12.95 -34.86 -16.82
N ALA D 304 -12.85 -36.18 -16.66
CA ALA D 304 -13.44 -37.08 -17.67
C ALA D 304 -14.95 -36.96 -17.72
N THR D 305 -15.58 -36.58 -16.61
CA THR D 305 -17.02 -36.36 -16.61
C THR D 305 -17.37 -35.08 -17.36
N VAL D 306 -16.61 -34.00 -17.12
CA VAL D 306 -16.86 -32.75 -17.81
C VAL D 306 -16.47 -32.85 -19.29
N ALA D 307 -15.32 -33.48 -19.58
CA ALA D 307 -14.85 -33.58 -20.95
C ALA D 307 -15.80 -34.40 -21.81
N SER D 308 -16.57 -35.30 -21.20
CA SER D 308 -17.54 -36.10 -21.94
C SER D 308 -18.86 -35.38 -22.14
N SER D 309 -19.08 -34.26 -21.47
CA SER D 309 -20.30 -33.49 -21.67
C SER D 309 -20.33 -32.79 -23.02
N VAL D 310 -19.19 -32.70 -23.69
CA VAL D 310 -19.09 -32.18 -25.06
C VAL D 310 -18.41 -33.27 -25.87
N PRO D 311 -19.11 -34.35 -26.18
CA PRO D 311 -18.44 -35.56 -26.69
C PRO D 311 -18.23 -35.52 -28.19
N ASN D 312 -17.25 -36.31 -28.62
CA ASN D 312 -17.04 -36.58 -30.05
C ASN D 312 -17.87 -37.80 -30.46
N PHE D 313 -19.19 -37.61 -30.44
CA PHE D 313 -20.14 -38.67 -30.74
C PHE D 313 -20.71 -38.45 -32.13
N LYS D 314 -20.55 -39.44 -32.99
CA LYS D 314 -21.02 -39.39 -34.40
C LYS D 314 -20.40 -38.15 -35.04
N HIS D 315 -21.14 -37.43 -35.88
CA HIS D 315 -20.63 -36.22 -36.55
C HIS D 315 -21.18 -34.96 -35.92
N PHE D 316 -21.35 -34.96 -34.60
CA PHE D 316 -21.84 -33.78 -33.91
C PHE D 316 -20.72 -32.76 -33.73
N GLY D 317 -21.06 -31.49 -33.89
CA GLY D 317 -20.09 -30.43 -33.74
C GLY D 317 -20.76 -29.09 -33.74
N PHE D 318 -19.94 -28.03 -33.82
CA PHE D 318 -20.42 -26.66 -33.81
C PHE D 318 -20.48 -26.16 -35.25
N TYR D 319 -21.68 -26.08 -35.80
CA TYR D 319 -21.90 -25.62 -37.16
C TYR D 319 -22.90 -24.46 -37.16
N ARG D 320 -22.83 -23.64 -38.20
CA ARG D 320 -23.66 -22.45 -38.26
C ARG D 320 -25.13 -22.83 -38.34
N SER D 321 -25.97 -22.05 -37.65
CA SER D 321 -27.41 -22.32 -37.62
C SER D 321 -28.04 -22.19 -39.00
N ASN D 322 -27.65 -21.16 -39.75
CA ASN D 322 -28.25 -20.92 -41.06
C ASN D 322 -27.42 -21.56 -42.17
N HIS D 330 -14.59 -13.80 -38.77
CA HIS D 330 -14.77 -14.55 -40.01
C HIS D 330 -15.86 -15.61 -39.85
N ASN D 331 -16.59 -15.86 -40.94
CA ASN D 331 -17.67 -16.84 -40.92
C ASN D 331 -17.17 -18.28 -40.80
N GLN D 332 -15.88 -18.52 -41.02
CA GLN D 332 -15.35 -19.88 -40.97
C GLN D 332 -15.28 -20.37 -39.53
N SER D 333 -15.63 -21.64 -39.34
CA SER D 333 -15.66 -22.22 -38.02
C SER D 333 -14.28 -22.74 -37.61
N LEU D 334 -14.09 -22.88 -36.31
CA LEU D 334 -12.86 -23.45 -35.78
C LEU D 334 -12.81 -24.94 -36.05
N PRO D 335 -11.62 -25.55 -36.00
CA PRO D 335 -11.54 -27.01 -36.04
C PRO D 335 -12.34 -27.61 -34.89
N GLN D 336 -12.99 -28.74 -35.17
CA GLN D 336 -13.91 -29.33 -34.20
C GLN D 336 -13.18 -29.73 -32.92
N GLU D 337 -11.92 -30.16 -33.02
CA GLU D 337 -11.15 -30.49 -31.82
C GLU D 337 -10.94 -29.26 -30.95
N ILE D 338 -10.67 -28.11 -31.57
CA ILE D 338 -10.46 -26.89 -30.80
C ILE D 338 -11.78 -26.40 -30.19
N ALA D 339 -12.86 -26.42 -30.97
CA ALA D 339 -14.13 -25.93 -30.49
C ALA D 339 -14.62 -26.73 -29.29
N ARG D 340 -14.51 -28.07 -29.37
CA ARG D 340 -14.92 -28.91 -28.25
C ARG D 340 -14.03 -28.66 -27.04
N HIS D 341 -12.72 -28.52 -27.25
CA HIS D 341 -11.81 -28.27 -26.14
C HIS D 341 -12.11 -26.94 -25.45
N CYS D 342 -12.37 -25.89 -26.24
CA CYS D 342 -12.68 -24.59 -25.65
C CYS D 342 -14.04 -24.58 -24.99
N MET D 343 -14.97 -25.41 -25.47
CA MET D 343 -16.29 -25.48 -24.85
C MET D 343 -16.23 -26.19 -23.50
N VAL D 344 -15.36 -27.20 -23.37
CA VAL D 344 -15.19 -27.87 -22.08
C VAL D 344 -14.63 -26.90 -21.05
N GLN D 345 -13.76 -25.99 -21.47
CA GLN D 345 -13.28 -24.94 -20.58
C GLN D 345 -14.46 -24.13 -20.04
N ALA D 346 -15.37 -23.72 -20.92
CA ALA D 346 -16.59 -23.07 -20.46
C ALA D 346 -17.43 -24.01 -19.62
N ARG D 347 -17.48 -25.29 -20.00
CA ARG D 347 -18.24 -26.27 -19.23
C ARG D 347 -17.63 -26.49 -17.85
N LEU D 348 -16.31 -26.31 -17.73
CA LEU D 348 -15.66 -26.45 -16.43
C LEU D 348 -16.00 -25.29 -15.51
N LEU D 349 -15.98 -24.06 -16.04
CA LEU D 349 -16.31 -22.90 -15.23
C LEU D 349 -17.78 -22.86 -14.86
N ALA D 350 -18.62 -23.61 -15.56
CA ALA D 350 -20.04 -23.68 -15.21
C ALA D 350 -20.24 -24.20 -13.80
N TYR D 351 -19.31 -25.03 -13.31
CA TYR D 351 -19.38 -25.57 -11.96
C TYR D 351 -18.78 -24.65 -10.92
N ARG D 352 -18.24 -23.51 -11.34
CA ARG D 352 -17.81 -22.45 -10.44
C ARG D 352 -18.95 -21.48 -10.13
N THR D 353 -20.13 -21.71 -10.71
CA THR D 353 -21.27 -20.83 -10.51
C THR D 353 -21.63 -20.73 -9.03
N GLU D 354 -21.92 -19.50 -8.58
CA GLU D 354 -22.14 -19.23 -7.17
C GLU D 354 -23.32 -20.04 -6.62
N ASP D 355 -24.53 -19.76 -7.10
CA ASP D 355 -25.70 -20.51 -6.64
C ASP D 355 -26.74 -20.53 -7.76
N HIS D 356 -26.72 -21.58 -8.57
CA HIS D 356 -27.71 -21.81 -9.61
C HIS D 356 -27.72 -23.29 -9.95
N LYS D 357 -28.91 -23.89 -9.95
CA LYS D 357 -29.02 -25.25 -10.48
C LYS D 357 -28.64 -25.31 -11.94
N THR D 358 -28.78 -24.19 -12.66
CA THR D 358 -28.37 -24.10 -14.06
C THR D 358 -27.12 -23.23 -14.14
N GLY D 359 -25.96 -23.87 -13.99
CA GLY D 359 -24.71 -23.15 -14.06
C GLY D 359 -24.31 -22.84 -15.49
N VAL D 360 -23.78 -21.63 -15.70
CA VAL D 360 -23.35 -21.18 -17.01
C VAL D 360 -21.92 -20.68 -16.91
N GLY D 361 -21.09 -21.09 -17.87
CA GLY D 361 -19.72 -20.62 -17.93
C GLY D 361 -19.36 -20.21 -19.33
N ALA D 362 -18.50 -19.19 -19.43
CA ALA D 362 -18.10 -18.63 -20.71
C ALA D 362 -16.59 -18.47 -20.76
N VAL D 363 -16.05 -18.58 -21.97
CA VAL D 363 -14.63 -18.36 -22.22
C VAL D 363 -14.50 -17.66 -23.58
N ILE D 364 -13.60 -16.68 -23.66
CA ILE D 364 -13.36 -15.95 -24.90
C ILE D 364 -11.97 -16.29 -25.40
N TRP D 365 -11.87 -16.63 -26.68
CA TRP D 365 -10.60 -16.92 -27.33
C TRP D 365 -10.49 -16.09 -28.60
N ALA D 366 -9.25 -15.75 -28.95
CA ALA D 366 -8.98 -14.99 -30.16
C ALA D 366 -7.87 -15.67 -30.95
N GLU D 367 -7.89 -15.47 -32.26
CA GLU D 367 -6.93 -16.09 -33.18
C GLU D 367 -6.06 -14.99 -33.77
N GLY D 368 -4.78 -15.00 -33.41
CA GLY D 368 -3.85 -14.04 -33.97
C GLY D 368 -3.59 -14.30 -35.44
N LYS D 369 -3.32 -13.23 -36.17
CA LYS D 369 -3.06 -13.32 -37.61
C LYS D 369 -1.63 -13.72 -37.93
N SER D 370 -0.75 -13.80 -36.94
CA SER D 370 0.67 -14.07 -37.16
C SER D 370 1.07 -15.35 -36.42
N ARG D 371 2.35 -15.66 -36.48
CA ARG D 371 2.89 -16.84 -35.82
C ARG D 371 2.93 -16.64 -34.31
N SER D 372 2.85 -17.75 -33.58
CA SER D 372 2.88 -17.72 -32.13
C SER D 372 3.76 -18.84 -31.61
N CYS D 373 4.30 -18.63 -30.41
CA CYS D 373 5.15 -19.61 -29.75
C CYS D 373 4.39 -20.57 -28.85
N ASP D 374 3.09 -20.34 -28.65
CA ASP D 374 2.32 -21.15 -27.71
C ASP D 374 2.02 -22.52 -28.30
N GLY D 375 1.65 -23.45 -27.40
CA GLY D 375 1.21 -24.76 -27.82
C GLY D 375 -0.20 -24.80 -28.36
N THR D 376 -0.96 -23.71 -28.19
CA THR D 376 -2.30 -23.60 -28.76
C THR D 376 -2.28 -23.08 -30.18
N GLY D 377 -1.12 -22.67 -30.69
CA GLY D 377 -1.03 -22.09 -32.02
C GLY D 377 -1.20 -20.59 -32.00
N ALA D 378 -1.74 -20.03 -33.09
CA ALA D 378 -2.02 -18.60 -33.14
C ALA D 378 -3.16 -18.21 -32.21
N MET D 379 -3.88 -19.18 -31.68
CA MET D 379 -5.03 -18.92 -30.82
C MET D 379 -4.57 -18.62 -29.41
N TYR D 380 -5.12 -17.54 -28.83
CA TYR D 380 -4.78 -17.14 -27.48
C TYR D 380 -6.05 -16.85 -26.69
N PHE D 381 -5.90 -16.73 -25.37
CA PHE D 381 -7.01 -16.67 -24.44
C PHE D 381 -7.28 -15.22 -24.06
N VAL D 382 -8.56 -14.82 -24.13
CA VAL D 382 -8.96 -13.44 -23.87
C VAL D 382 -9.58 -13.28 -22.49
N GLY D 383 -10.57 -14.09 -22.16
CA GLY D 383 -11.22 -13.95 -20.86
C GLY D 383 -12.09 -15.16 -20.56
N CYS D 384 -12.59 -15.17 -19.32
CA CYS D 384 -13.44 -16.26 -18.84
C CYS D 384 -14.36 -15.72 -17.76
N GLY D 385 -15.45 -16.45 -17.54
CA GLY D 385 -16.43 -16.02 -16.55
C GLY D 385 -17.50 -17.07 -16.37
N TYR D 386 -18.37 -16.81 -15.40
CA TYR D 386 -19.46 -17.71 -15.04
C TYR D 386 -20.53 -16.88 -14.34
N ASN D 387 -21.70 -17.50 -14.15
CA ASN D 387 -22.76 -16.83 -13.41
C ASN D 387 -22.31 -16.58 -11.98
N ALA D 388 -22.49 -15.34 -11.52
CA ALA D 388 -22.14 -14.98 -10.15
C ALA D 388 -22.78 -13.64 -9.82
N PHE D 389 -23.04 -13.44 -8.55
CA PHE D 389 -23.48 -12.14 -8.06
C PHE D 389 -22.32 -11.15 -8.15
N PRO D 390 -22.62 -9.85 -8.25
CA PRO D 390 -21.55 -8.86 -8.33
C PRO D 390 -20.64 -8.95 -7.12
N VAL D 391 -19.33 -8.79 -7.35
CA VAL D 391 -18.37 -8.87 -6.27
C VAL D 391 -18.59 -7.69 -5.33
N GLY D 392 -18.55 -7.96 -4.03
CA GLY D 392 -18.86 -6.96 -3.03
C GLY D 392 -20.09 -7.33 -2.21
N SER D 393 -20.29 -8.64 -2.03
CA SER D 393 -21.38 -9.21 -1.24
C SER D 393 -22.76 -8.89 -1.80
N GLU D 394 -22.87 -8.60 -3.10
CA GLU D 394 -24.18 -8.40 -3.70
C GLU D 394 -24.95 -9.72 -3.72
N TYR D 395 -26.28 -9.62 -3.67
CA TYR D 395 -27.11 -10.80 -3.55
C TYR D 395 -28.50 -10.52 -4.12
N ARG D 411 -36.85 -12.65 -7.72
CA ARG D 411 -36.09 -11.68 -8.52
C ARG D 411 -34.60 -11.79 -8.20
N LYS D 412 -34.18 -12.95 -7.72
CA LYS D 412 -32.77 -13.16 -7.40
C LYS D 412 -31.91 -13.11 -8.65
N PHE D 413 -32.42 -13.65 -9.77
CA PHE D 413 -31.66 -13.69 -11.01
C PHE D 413 -31.40 -12.31 -11.60
N ARG D 414 -32.19 -11.30 -11.21
CA ARG D 414 -31.99 -9.95 -11.72
C ARG D 414 -30.66 -9.35 -11.31
N TYR D 415 -30.06 -9.82 -10.21
CA TYR D 415 -28.78 -9.31 -9.72
C TYR D 415 -27.65 -10.31 -9.95
N ILE D 416 -27.68 -11.01 -11.07
CA ILE D 416 -26.66 -11.99 -11.42
C ILE D 416 -25.96 -11.52 -12.69
N ILE D 417 -24.63 -11.46 -12.62
CA ILE D 417 -23.81 -11.14 -13.79
C ILE D 417 -23.63 -12.44 -14.57
N HIS D 418 -24.05 -12.43 -15.83
CA HIS D 418 -24.03 -13.65 -16.62
C HIS D 418 -22.60 -14.04 -16.97
N ALA D 419 -22.46 -15.25 -17.51
CA ALA D 419 -21.14 -15.77 -17.85
C ALA D 419 -20.47 -14.92 -18.92
N ALA D 420 -21.23 -14.51 -19.94
CA ALA D 420 -20.67 -13.67 -20.99
C ALA D 420 -20.23 -12.33 -20.43
N GLN D 421 -21.01 -11.76 -19.50
CA GLN D 421 -20.69 -10.45 -18.96
C GLN D 421 -19.42 -10.50 -18.10
N ASN D 422 -19.25 -11.55 -17.30
CA ASN D 422 -18.02 -11.68 -16.52
C ASN D 422 -16.81 -11.88 -17.42
N ALA D 423 -16.98 -12.61 -18.53
CA ALA D 423 -15.86 -12.82 -19.45
C ALA D 423 -15.40 -11.51 -20.07
N LEU D 424 -16.34 -10.64 -20.44
CA LEU D 424 -15.96 -9.35 -21.00
C LEU D 424 -15.43 -8.40 -19.92
N THR D 425 -15.93 -8.52 -18.70
CA THR D 425 -15.48 -7.63 -17.62
C THR D 425 -14.06 -7.95 -17.21
N PHE D 426 -13.75 -9.24 -17.01
CA PHE D 426 -12.47 -9.67 -16.47
C PHE D 426 -11.55 -10.25 -17.53
N ARG D 427 -11.67 -9.79 -18.77
CA ARG D 427 -10.75 -10.22 -19.81
C ARG D 427 -9.37 -9.63 -19.59
N CYS D 428 -8.35 -10.38 -20.00
CA CYS D 428 -6.97 -9.90 -19.91
C CYS D 428 -6.53 -9.24 -21.21
N GLN D 429 -6.71 -9.93 -22.34
CA GLN D 429 -6.38 -9.38 -23.64
C GLN D 429 -7.57 -8.63 -24.22
N GLU D 430 -7.28 -7.59 -25.00
CA GLU D 430 -8.31 -6.81 -25.66
C GLU D 430 -8.76 -7.50 -26.94
N ILE D 431 -10.01 -7.25 -27.32
CA ILE D 431 -10.59 -7.82 -28.53
C ILE D 431 -10.13 -6.97 -29.71
N LYS D 432 -9.19 -7.49 -30.49
CA LYS D 432 -8.65 -6.76 -31.64
C LYS D 432 -9.59 -6.92 -32.83
N PRO D 433 -10.03 -5.81 -33.45
CA PRO D 433 -10.99 -5.93 -34.56
C PRO D 433 -10.48 -6.72 -35.74
N GLU D 434 -9.17 -6.67 -36.02
CA GLU D 434 -8.64 -7.38 -37.18
C GLU D 434 -8.60 -8.88 -36.96
N GLU D 435 -8.54 -9.32 -35.71
CA GLU D 435 -8.41 -10.74 -35.40
C GLU D 435 -9.79 -11.41 -35.36
N ARG D 436 -9.77 -12.74 -35.39
CA ARG D 436 -10.98 -13.55 -35.26
C ARG D 436 -11.09 -13.99 -33.81
N SER D 437 -12.04 -13.41 -33.09
CA SER D 437 -12.28 -13.72 -31.69
C SER D 437 -13.64 -14.39 -31.56
N MET D 438 -13.70 -15.44 -30.74
CA MET D 438 -14.92 -16.22 -30.56
C MET D 438 -15.14 -16.47 -29.07
N ILE D 439 -16.40 -16.61 -28.69
CA ILE D 439 -16.80 -16.84 -27.31
C ILE D 439 -17.53 -18.17 -27.23
N PHE D 440 -17.27 -18.92 -26.16
CA PHE D 440 -17.89 -20.22 -25.93
C PHE D 440 -18.71 -20.14 -24.66
N VAL D 441 -20.04 -20.14 -24.81
CA VAL D 441 -20.97 -20.10 -23.69
C VAL D 441 -21.74 -21.41 -23.65
N THR D 442 -21.84 -22.00 -22.45
CA THR D 442 -22.49 -23.30 -22.32
C THR D 442 -23.98 -23.21 -22.68
N LYS D 443 -24.67 -22.19 -22.19
CA LYS D 443 -26.06 -21.96 -22.51
C LYS D 443 -26.20 -20.93 -23.61
N CYS D 444 -27.38 -20.88 -24.22
CA CYS D 444 -27.64 -19.88 -25.24
C CYS D 444 -27.56 -18.49 -24.63
N PRO D 445 -26.83 -17.55 -25.25
CA PRO D 445 -26.76 -16.20 -24.68
C PRO D 445 -28.13 -15.55 -24.59
N CYS D 446 -28.37 -14.87 -23.47
CA CYS D 446 -29.64 -14.22 -23.23
C CYS D 446 -29.75 -12.95 -24.06
N ASP D 447 -30.93 -12.33 -24.01
CA ASP D 447 -31.14 -11.06 -24.69
C ASP D 447 -30.29 -9.94 -24.09
N GLU D 448 -29.74 -10.15 -22.89
CA GLU D 448 -28.89 -9.15 -22.26
C GLU D 448 -27.43 -9.29 -22.66
N CYS D 449 -26.97 -10.51 -22.92
CA CYS D 449 -25.57 -10.75 -23.23
C CYS D 449 -25.27 -10.63 -24.72
N VAL D 450 -26.25 -10.87 -25.57
CA VAL D 450 -26.02 -10.77 -27.02
C VAL D 450 -25.58 -9.37 -27.44
N PRO D 451 -26.22 -8.28 -26.99
CA PRO D 451 -25.71 -6.95 -27.36
C PRO D 451 -24.29 -6.69 -26.88
N LEU D 452 -23.92 -7.22 -25.71
CA LEU D 452 -22.57 -7.01 -25.21
C LEU D 452 -21.55 -7.81 -26.02
N ILE D 453 -21.87 -9.05 -26.37
CA ILE D 453 -20.97 -9.85 -27.19
C ILE D 453 -20.82 -9.22 -28.57
N LYS D 454 -21.93 -8.79 -29.17
CA LYS D 454 -21.87 -8.10 -30.46
C LYS D 454 -21.15 -6.77 -30.33
N GLY D 455 -21.44 -6.02 -29.27
CA GLY D 455 -20.81 -4.71 -29.09
C GLY D 455 -19.32 -4.80 -28.83
N ALA D 456 -18.90 -5.82 -28.09
CA ALA D 456 -17.48 -5.97 -27.76
C ALA D 456 -16.62 -6.30 -28.98
N GLY D 457 -17.24 -6.69 -30.09
CA GLY D 457 -16.52 -7.03 -31.29
C GLY D 457 -16.22 -8.50 -31.47
N ILE D 458 -16.84 -9.38 -30.68
CA ILE D 458 -16.61 -10.81 -30.83
C ILE D 458 -17.23 -11.29 -32.14
N LYS D 459 -16.42 -11.95 -32.96
CA LYS D 459 -16.84 -12.31 -34.31
C LYS D 459 -17.73 -13.54 -34.35
N GLN D 460 -17.49 -14.53 -33.50
CA GLN D 460 -18.22 -15.78 -33.55
C GLN D 460 -18.70 -16.18 -32.16
N ILE D 461 -19.84 -16.87 -32.12
CA ILE D 461 -20.42 -17.36 -30.86
C ILE D 461 -20.61 -18.87 -31.00
N TYR D 462 -20.14 -19.61 -30.00
CA TYR D 462 -20.36 -21.04 -29.90
C TYR D 462 -21.21 -21.30 -28.66
N ALA D 463 -22.34 -21.96 -28.83
CA ALA D 463 -23.30 -22.15 -27.73
C ALA D 463 -24.12 -23.40 -27.98
N GLY D 464 -25.00 -23.70 -27.04
CA GLY D 464 -25.95 -24.78 -27.18
C GLY D 464 -27.37 -24.29 -27.31
N ASP D 465 -27.96 -24.46 -28.49
CA ASP D 465 -29.28 -23.90 -28.80
C ASP D 465 -30.40 -24.81 -28.31
N VAL D 466 -30.40 -25.06 -27.01
CA VAL D 466 -31.47 -25.82 -26.40
C VAL D 466 -32.61 -24.91 -25.93
N ASP D 467 -32.28 -23.83 -25.24
CA ASP D 467 -33.26 -22.86 -24.78
C ASP D 467 -33.27 -21.59 -25.61
N VAL D 468 -32.98 -21.72 -26.91
CA VAL D 468 -33.02 -20.59 -27.82
C VAL D 468 -34.46 -20.31 -28.21
N GLY D 469 -34.83 -19.03 -28.22
CA GLY D 469 -36.18 -18.62 -28.54
C GLY D 469 -37.13 -18.63 -27.37
N LYS D 470 -36.73 -19.20 -26.24
CA LYS D 470 -37.59 -19.22 -25.06
C LYS D 470 -37.61 -17.84 -24.41
N LYS D 471 -38.71 -17.55 -23.71
CA LYS D 471 -38.89 -16.28 -23.01
C LYS D 471 -39.36 -16.57 -21.60
N LYS D 472 -38.44 -16.56 -20.64
CA LYS D 472 -38.77 -16.76 -19.24
C LYS D 472 -39.30 -15.46 -18.65
N ALA D 473 -39.41 -15.41 -17.32
CA ALA D 473 -39.94 -14.20 -16.68
C ALA D 473 -38.91 -13.07 -16.70
N ASP D 474 -37.74 -13.31 -16.12
CA ASP D 474 -36.70 -12.29 -16.00
C ASP D 474 -35.52 -12.52 -16.94
N ILE D 475 -35.69 -13.38 -17.94
CA ILE D 475 -34.64 -13.64 -18.92
C ILE D 475 -35.30 -14.11 -20.21
N SER D 476 -34.74 -13.69 -21.34
CA SER D 476 -35.26 -14.06 -22.65
C SER D 476 -34.10 -14.46 -23.55
N TYR D 477 -34.39 -15.32 -24.52
CA TYR D 477 -33.41 -15.81 -25.48
C TYR D 477 -33.90 -15.57 -26.91
N MET D 478 -34.45 -14.39 -27.15
CA MET D 478 -35.01 -14.06 -28.45
C MET D 478 -34.03 -13.35 -29.39
N ARG D 479 -33.14 -12.53 -28.84
CA ARG D 479 -32.21 -11.77 -29.67
C ARG D 479 -31.14 -12.63 -30.31
N PHE D 480 -30.88 -13.83 -29.78
CA PHE D 480 -29.86 -14.69 -30.35
C PHE D 480 -30.28 -15.21 -31.73
N GLY D 481 -31.58 -15.46 -31.91
CA GLY D 481 -32.04 -16.04 -33.16
C GLY D 481 -31.82 -15.16 -34.37
N GLU D 482 -31.97 -13.85 -34.20
CA GLU D 482 -31.85 -12.88 -35.29
C GLU D 482 -30.63 -11.97 -35.08
N LEU D 483 -29.53 -12.56 -34.62
CA LEU D 483 -28.29 -11.81 -34.38
C LEU D 483 -27.52 -11.73 -35.69
N GLU D 484 -27.49 -10.54 -36.27
CA GLU D 484 -26.76 -10.29 -37.51
C GLU D 484 -25.45 -9.58 -37.22
N GLY D 485 -24.40 -9.98 -37.92
CA GLY D 485 -23.08 -9.43 -37.73
C GLY D 485 -22.13 -10.30 -36.93
N VAL D 486 -22.66 -11.29 -36.22
CA VAL D 486 -21.85 -12.23 -35.44
C VAL D 486 -22.21 -13.64 -35.88
N SER D 487 -21.20 -14.41 -36.28
CA SER D 487 -21.43 -15.79 -36.69
C SER D 487 -21.82 -16.64 -35.48
N LYS D 488 -22.88 -17.43 -35.63
CA LYS D 488 -23.39 -18.25 -34.54
C LYS D 488 -23.23 -19.71 -34.90
N PHE D 489 -22.47 -20.44 -34.09
CA PHE D 489 -22.28 -21.88 -34.24
C PHE D 489 -22.88 -22.59 -33.04
N THR D 490 -23.71 -23.59 -33.30
CA THR D 490 -24.43 -24.29 -32.24
C THR D 490 -24.20 -25.78 -32.36
N TRP D 491 -24.28 -26.46 -31.23
CA TRP D 491 -24.09 -27.91 -31.19
C TRP D 491 -25.20 -28.60 -31.97
N GLN D 492 -24.83 -29.23 -33.08
CA GLN D 492 -25.81 -29.87 -33.95
C GLN D 492 -25.08 -30.86 -34.85
N LEU D 493 -25.85 -31.66 -35.57
CA LEU D 493 -25.30 -32.59 -36.54
C LEU D 493 -24.77 -31.83 -37.75
N ASN D 494 -23.80 -32.44 -38.42
CA ASN D 494 -23.17 -31.78 -39.57
C ASN D 494 -24.17 -31.68 -40.71
N PRO D 495 -24.42 -30.49 -41.25
CA PRO D 495 -25.33 -30.34 -42.40
C PRO D 495 -24.66 -30.73 -43.72
N SER D 496 -24.11 -31.94 -43.75
CA SER D 496 -23.43 -32.45 -44.94
C SER D 496 -23.30 -33.97 -44.88
N ILE E 50 34.49 -10.09 -8.65
CA ILE E 50 34.66 -9.18 -9.77
C ILE E 50 33.93 -7.87 -9.52
N PRO E 51 34.43 -6.77 -10.06
CA PRO E 51 33.72 -5.50 -9.92
C PRO E 51 32.34 -5.57 -10.59
N ARG E 52 31.37 -4.90 -9.97
CA ARG E 52 30.01 -4.84 -10.48
C ARG E 52 29.62 -3.38 -10.64
N LEU E 53 29.20 -3.01 -11.85
CA LEU E 53 28.84 -1.62 -12.11
C LEU E 53 27.63 -1.22 -11.29
N SER E 54 27.69 -0.02 -10.72
CA SER E 54 26.57 0.50 -9.95
C SER E 54 25.39 0.82 -10.86
N LYS E 55 24.19 0.72 -10.31
CA LYS E 55 22.99 0.99 -11.09
C LYS E 55 22.96 2.44 -11.56
N VAL E 56 23.20 3.38 -10.65
CA VAL E 56 23.17 4.80 -11.02
C VAL E 56 24.33 5.14 -11.94
N ASN E 57 25.42 4.36 -11.87
CA ASN E 57 26.53 4.57 -12.79
C ASN E 57 26.22 4.02 -14.18
N LEU E 58 25.49 2.91 -14.25
CA LEU E 58 25.08 2.38 -15.55
C LEU E 58 24.05 3.28 -16.22
N PHE E 59 23.04 3.72 -15.46
CA PHE E 59 22.03 4.61 -16.02
C PHE E 59 22.64 5.95 -16.42
N THR E 60 23.69 6.38 -15.73
CA THR E 60 24.41 7.58 -16.15
C THR E 60 25.22 7.31 -17.42
N LEU E 61 25.89 6.16 -17.48
CA LEU E 61 26.68 5.82 -18.66
C LEU E 61 25.79 5.61 -19.88
N LEU E 62 24.64 4.96 -19.69
CA LEU E 62 23.73 4.74 -20.81
C LEU E 62 23.17 6.06 -21.32
N SER E 63 22.87 6.99 -20.40
CA SER E 63 22.37 8.30 -20.81
C SER E 63 23.40 9.05 -21.65
N LEU E 64 24.66 9.00 -21.24
CA LEU E 64 25.73 9.59 -22.05
C LEU E 64 25.85 8.88 -23.39
N TRP E 65 25.73 7.56 -23.40
CA TRP E 65 25.83 6.81 -24.65
C TRP E 65 24.64 7.11 -25.56
N MET E 66 23.44 7.25 -24.98
CA MET E 66 22.27 7.55 -25.79
C MET E 66 22.40 8.90 -26.49
N GLU E 67 23.17 9.82 -25.91
CA GLU E 67 23.46 11.09 -26.57
C GLU E 67 24.20 10.90 -27.88
N LEU E 68 24.96 9.81 -28.03
CA LEU E 68 25.74 9.56 -29.22
C LEU E 68 25.02 8.65 -30.22
N PHE E 69 23.69 8.59 -30.15
CA PHE E 69 22.94 7.79 -31.10
C PHE E 69 23.05 8.42 -32.49
N PRO E 70 23.40 7.65 -33.51
CA PRO E 70 23.56 8.24 -34.84
C PRO E 70 22.27 8.83 -35.37
N ALA E 71 22.39 9.93 -36.11
CA ALA E 71 21.24 10.61 -36.69
C ALA E 71 21.48 10.93 -38.16
N GLN E 104 23.86 26.59 -29.45
CA GLN E 104 22.46 26.84 -29.12
C GLN E 104 21.97 25.82 -28.10
N VAL E 105 21.39 24.74 -28.60
CA VAL E 105 20.89 23.65 -27.75
C VAL E 105 21.62 22.38 -28.15
N LYS E 106 22.18 21.70 -27.15
CA LYS E 106 23.00 20.50 -27.37
C LYS E 106 22.12 19.25 -27.28
N ARG E 107 22.50 18.24 -28.07
CA ARG E 107 21.78 16.96 -28.05
C ARG E 107 21.91 16.31 -26.68
N THR E 108 20.82 15.71 -26.21
CA THR E 108 20.76 15.11 -24.88
C THR E 108 20.22 13.69 -24.95
N GLY E 109 20.90 12.77 -24.29
CA GLY E 109 20.41 11.42 -24.12
C GLY E 109 19.66 11.29 -22.82
N LEU E 110 18.84 10.24 -22.72
CA LEU E 110 17.99 10.09 -21.55
C LEU E 110 17.73 8.61 -21.31
N VAL E 111 17.65 8.25 -20.02
CA VAL E 111 17.31 6.90 -19.59
C VAL E 111 16.13 7.01 -18.62
N VAL E 112 15.04 6.32 -18.94
CA VAL E 112 13.86 6.28 -18.07
C VAL E 112 13.88 4.95 -17.32
N VAL E 113 13.86 5.01 -16.00
CA VAL E 113 14.02 3.83 -15.15
C VAL E 113 12.80 3.73 -14.26
N LYS E 114 12.13 2.58 -14.31
CA LYS E 114 10.96 2.29 -13.49
C LYS E 114 11.22 1.01 -12.71
N ASN E 115 11.11 1.09 -11.38
CA ASN E 115 11.37 -0.03 -10.49
C ASN E 115 12.77 -0.61 -10.73
N MET E 116 13.75 0.28 -10.90
CA MET E 116 15.14 -0.09 -11.13
C MET E 116 15.31 -0.91 -12.40
N LYS E 117 14.39 -0.74 -13.36
CA LYS E 117 14.46 -1.40 -14.65
C LYS E 117 14.30 -0.34 -15.74
N ILE E 118 15.16 -0.40 -16.75
CA ILE E 118 15.12 0.57 -17.83
C ILE E 118 13.87 0.33 -18.66
N VAL E 119 13.04 1.38 -18.81
CA VAL E 119 11.81 1.30 -19.57
C VAL E 119 11.80 2.29 -20.73
N GLY E 120 12.98 2.80 -21.10
CA GLY E 120 13.07 3.70 -22.23
C GLY E 120 14.45 4.31 -22.39
N LEU E 121 14.92 4.37 -23.64
CA LEU E 121 16.20 4.99 -23.98
C LEU E 121 15.93 6.01 -25.07
N HIS E 122 16.06 7.29 -24.74
CA HIS E 122 15.70 8.37 -25.65
C HIS E 122 16.92 9.22 -25.99
N CYS E 123 16.78 9.97 -27.08
CA CYS E 123 17.79 10.91 -27.52
C CYS E 123 17.08 12.16 -28.03
N SER E 124 17.79 13.29 -28.01
CA SER E 124 17.21 14.55 -28.43
C SER E 124 17.17 14.61 -29.95
N SER E 125 15.98 14.73 -30.52
CA SER E 125 15.85 14.86 -31.96
C SER E 125 16.18 16.27 -32.41
N GLU E 126 16.28 16.45 -33.73
CA GLU E 126 16.55 17.77 -34.29
C GLU E 126 15.39 18.74 -34.09
N ASP E 127 14.22 18.24 -33.70
CA ASP E 127 13.04 19.09 -33.49
C ASP E 127 12.60 19.17 -32.04
N LEU E 128 12.79 18.12 -31.26
CA LEU E 128 12.32 18.05 -29.88
C LEU E 128 13.49 17.88 -28.94
N HIS E 129 13.17 17.86 -27.64
CA HIS E 129 14.16 17.64 -26.58
C HIS E 129 13.96 16.27 -25.95
N ALA E 130 14.99 15.81 -25.25
CA ALA E 130 14.93 14.48 -24.64
C ALA E 130 13.84 14.41 -23.57
N GLY E 131 13.71 15.47 -22.76
CA GLY E 131 12.67 15.49 -21.75
C GLY E 131 11.27 15.55 -22.35
N GLN E 132 11.12 16.24 -23.47
CA GLN E 132 9.82 16.33 -24.13
C GLN E 132 9.48 15.05 -24.88
N ILE E 133 10.48 14.35 -25.43
CA ILE E 133 10.24 13.09 -26.12
C ILE E 133 9.78 12.02 -25.14
N ALA E 134 10.35 12.01 -23.94
CA ALA E 134 9.93 11.05 -22.92
C ALA E 134 8.47 11.25 -22.55
N LEU E 135 8.02 12.50 -22.45
CA LEU E 135 6.62 12.77 -22.15
C LEU E 135 5.70 12.25 -23.24
N ILE E 136 6.10 12.41 -24.50
CA ILE E 136 5.29 11.91 -25.61
C ILE E 136 5.24 10.39 -25.60
N LYS E 137 6.40 9.75 -25.40
CA LYS E 137 6.47 8.30 -25.47
C LYS E 137 5.78 7.64 -24.28
N HIS E 138 5.89 8.23 -23.10
CA HIS E 138 5.39 7.62 -21.87
C HIS E 138 4.15 8.30 -21.31
N GLY E 139 4.10 9.63 -21.33
CA GLY E 139 2.93 10.31 -20.80
C GLY E 139 2.89 10.25 -19.29
N SER E 140 1.72 9.90 -18.75
CA SER E 140 1.56 9.77 -17.32
C SER E 140 2.30 8.58 -16.74
N ARG E 141 2.83 7.69 -17.59
CA ARG E 141 3.59 6.54 -17.12
C ARG E 141 4.95 6.93 -16.54
N LEU E 142 5.35 8.19 -16.69
CA LEU E 142 6.57 8.67 -16.04
C LEU E 142 6.42 8.79 -14.53
N LYS E 143 5.22 8.53 -14.00
CA LYS E 143 5.01 8.57 -12.55
C LYS E 143 5.93 7.58 -11.84
N ASN E 144 6.59 8.05 -10.78
CA ASN E 144 7.51 7.24 -9.99
C ASN E 144 8.63 6.66 -10.84
N CYS E 145 9.14 7.45 -11.79
CA CYS E 145 10.25 7.05 -12.64
C CYS E 145 11.47 7.90 -12.33
N ASP E 146 12.64 7.28 -12.40
CA ASP E 146 13.91 7.98 -12.24
C ASP E 146 14.47 8.27 -13.63
N LEU E 147 14.60 9.55 -13.96
CA LEU E 147 15.07 9.98 -15.27
C LEU E 147 16.52 10.43 -15.16
N TYR E 148 17.37 9.86 -16.01
CA TYR E 148 18.81 10.15 -16.02
C TYR E 148 19.14 10.86 -17.32
N PHE E 149 19.13 12.19 -17.28
CA PHE E 149 19.55 12.96 -18.44
C PHE E 149 21.07 13.05 -18.51
N SER E 150 21.58 13.32 -19.70
CA SER E 150 22.99 13.62 -19.88
C SER E 150 23.28 15.11 -19.81
N ARG E 151 22.24 15.94 -19.78
CA ARG E 151 22.37 17.38 -19.56
C ARG E 151 21.19 17.82 -18.72
N LYS E 152 21.41 18.87 -17.93
CA LYS E 152 20.33 19.36 -17.07
C LYS E 152 19.16 19.82 -17.95
N PRO E 153 17.96 19.30 -17.72
CA PRO E 153 16.82 19.67 -18.58
C PRO E 153 16.48 21.14 -18.44
N CYS E 154 15.98 21.72 -19.53
CA CYS E 154 15.57 23.11 -19.53
C CYS E 154 14.30 23.28 -18.68
N SER E 155 13.86 24.53 -18.56
CA SER E 155 12.66 24.82 -17.78
C SER E 155 11.44 24.15 -18.39
N ALA E 156 11.32 24.17 -19.71
CA ALA E 156 10.19 23.53 -20.38
C ALA E 156 10.17 22.03 -20.13
N CYS E 157 11.33 21.38 -20.27
CA CYS E 157 11.39 19.93 -20.07
C CYS E 157 11.22 19.56 -18.60
N LEU E 158 11.75 20.38 -17.69
CA LEU E 158 11.65 20.04 -16.28
C LEU E 158 10.22 20.17 -15.77
N LYS E 159 9.51 21.22 -16.17
CA LYS E 159 8.16 21.44 -15.66
C LYS E 159 7.20 20.35 -16.13
N MET E 160 7.43 19.79 -17.32
CA MET E 160 6.54 18.76 -17.84
C MET E 160 6.79 17.41 -17.18
N ILE E 161 8.05 17.07 -16.90
CA ILE E 161 8.34 15.77 -16.32
C ILE E 161 7.93 15.72 -14.85
N VAL E 162 8.12 16.84 -14.12
CA VAL E 162 7.66 16.88 -12.73
C VAL E 162 6.15 16.88 -12.67
N ASN E 163 5.50 17.43 -13.70
CA ASN E 163 4.04 17.34 -13.81
C ASN E 163 3.61 15.90 -13.99
N ALA E 164 4.36 15.12 -14.78
CA ALA E 164 4.03 13.71 -14.99
C ALA E 164 4.12 12.94 -13.68
N GLY E 165 5.12 13.24 -12.85
CA GLY E 165 5.26 12.60 -11.56
C GLY E 165 6.55 11.85 -11.38
N VAL E 166 7.61 12.27 -12.08
CA VAL E 166 8.90 11.60 -11.97
C VAL E 166 9.42 11.71 -10.54
N ASN E 167 10.12 10.67 -10.09
CA ASN E 167 10.65 10.64 -8.74
C ASN E 167 11.97 11.40 -8.64
N ARG E 168 12.98 10.96 -9.38
CA ARG E 168 14.29 11.57 -9.37
C ARG E 168 14.69 11.98 -10.78
N ILE E 169 15.42 13.09 -10.87
CA ILE E 169 15.90 13.61 -12.15
C ILE E 169 17.41 13.80 -12.01
N SER E 170 18.17 12.78 -12.37
CA SER E 170 19.62 12.88 -12.37
C SER E 170 20.10 13.50 -13.67
N TYR E 171 21.30 14.09 -13.62
CA TYR E 171 21.86 14.71 -14.81
C TYR E 171 23.38 14.68 -14.72
N TRP E 172 24.01 14.81 -15.87
CA TRP E 172 25.47 14.86 -15.96
C TRP E 172 25.90 16.32 -15.78
N PRO E 173 26.60 16.65 -14.70
CA PRO E 173 26.88 18.07 -14.39
C PRO E 173 28.05 18.63 -15.18
N ALA E 174 27.90 18.66 -16.51
CA ALA E 174 28.88 19.27 -17.40
C ALA E 174 28.34 20.50 -18.11
N ASP E 175 27.23 20.38 -18.82
CA ASP E 175 26.63 21.50 -19.53
C ASP E 175 25.16 21.20 -19.80
N PRO E 176 24.23 22.07 -19.39
CA PRO E 176 22.80 21.78 -19.56
C PRO E 176 22.40 21.80 -21.03
N GLU E 177 21.11 21.53 -21.26
CA GLU E 177 20.58 21.51 -22.62
C GLU E 177 20.76 22.87 -23.29
N ILE E 178 20.32 23.94 -22.62
CA ILE E 178 20.54 25.30 -23.10
C ILE E 178 21.99 25.64 -22.78
N SER E 179 22.86 25.56 -23.78
CA SER E 179 24.29 25.63 -23.55
C SER E 179 24.69 26.96 -22.93
N LEU E 180 25.48 26.89 -21.86
CA LEU E 180 26.04 28.07 -21.22
C LEU E 180 27.36 28.52 -21.83
N LEU E 181 27.93 27.73 -22.74
CA LEU E 181 29.20 28.06 -23.39
C LEU E 181 28.90 28.75 -24.72
N THR E 182 28.44 30.00 -24.61
CA THR E 182 28.12 30.80 -25.78
C THR E 182 28.70 32.20 -25.66
N SER E 187 25.21 33.26 -22.87
CA SER E 187 24.05 33.99 -23.37
C SER E 187 23.11 34.37 -22.23
N GLU E 188 22.43 35.50 -22.38
CA GLU E 188 21.49 35.95 -21.36
C GLU E 188 20.32 34.99 -21.24
N ASP E 189 19.80 34.51 -22.37
CA ASP E 189 18.68 33.56 -22.34
C ASP E 189 19.09 32.25 -21.68
N ALA E 190 20.29 31.75 -21.99
CA ALA E 190 20.74 30.48 -21.43
C ALA E 190 20.93 30.58 -19.93
N LYS E 191 21.58 31.65 -19.46
CA LYS E 191 21.82 31.81 -18.03
C LYS E 191 20.54 32.10 -17.27
N LEU E 192 19.61 32.82 -17.90
CA LEU E 192 18.31 33.07 -17.27
C LEU E 192 17.53 31.77 -17.12
N ASP E 193 17.57 30.90 -18.12
CA ASP E 193 16.84 29.65 -18.06
C ASP E 193 17.40 28.73 -16.99
N ALA E 194 18.72 28.74 -16.78
CA ALA E 194 19.31 27.91 -15.73
C ALA E 194 18.78 28.31 -14.35
N LYS E 195 18.67 29.61 -14.09
CA LYS E 195 18.06 30.06 -12.85
C LYS E 195 16.59 29.68 -12.78
N ALA E 196 15.89 29.70 -13.92
CA ALA E 196 14.49 29.31 -13.95
C ALA E 196 14.32 27.84 -13.55
N VAL E 197 15.23 26.98 -13.99
CA VAL E 197 15.20 25.59 -13.59
C VAL E 197 15.43 25.45 -12.09
N GLU E 198 16.27 26.31 -11.51
CA GLU E 198 16.65 26.16 -10.11
C GLU E 198 15.48 26.46 -9.17
N ARG E 199 14.74 27.55 -9.40
CA ARG E 199 13.62 27.85 -8.52
C ARG E 199 12.46 26.90 -8.78
N LEU E 200 12.37 26.35 -10.00
CA LEU E 200 11.38 25.31 -10.26
C LEU E 200 11.70 24.05 -9.48
N LYS E 201 12.99 23.76 -9.30
CA LYS E 201 13.39 22.65 -8.44
C LYS E 201 12.98 22.89 -6.99
N SER E 202 13.10 24.14 -6.52
CA SER E 202 12.88 24.43 -5.10
C SER E 202 11.43 24.21 -4.71
N ASN E 203 10.48 24.77 -5.46
CA ASN E 203 9.08 24.66 -5.11
C ASN E 203 8.46 23.34 -5.53
N SER E 204 9.13 22.57 -6.37
CA SER E 204 8.63 21.26 -6.76
C SER E 204 9.17 20.18 -5.81
N ARG E 205 8.61 18.98 -5.93
CA ARG E 205 8.95 17.89 -5.03
C ARG E 205 9.96 16.91 -5.63
N ALA E 206 10.12 16.90 -6.95
CA ALA E 206 11.01 15.94 -7.59
C ALA E 206 12.47 16.19 -7.18
N HIS E 207 13.19 15.09 -6.96
CA HIS E 207 14.59 15.15 -6.53
C HIS E 207 15.47 15.38 -7.76
N VAL E 208 15.64 16.64 -8.11
CA VAL E 208 16.57 17.03 -9.18
C VAL E 208 17.96 17.05 -8.56
N CYS E 209 18.68 15.94 -8.68
CA CYS E 209 19.97 15.75 -8.03
C CYS E 209 20.97 15.18 -9.02
N VAL E 210 22.16 14.85 -8.51
CA VAL E 210 23.21 14.22 -9.28
C VAL E 210 23.54 12.90 -8.59
N LEU E 211 23.25 11.79 -9.27
CA LEU E 211 23.48 10.46 -8.73
C LEU E 211 24.80 9.87 -9.18
N LEU E 212 25.65 10.66 -9.80
CA LEU E 212 26.98 10.21 -10.20
C LEU E 212 27.77 9.71 -8.99
N GLN E 213 28.43 8.57 -9.15
CA GLN E 213 29.15 7.93 -8.05
C GLN E 213 30.56 7.59 -8.49
N PRO E 214 31.52 7.57 -7.56
CA PRO E 214 32.88 7.13 -7.90
C PRO E 214 32.91 5.64 -8.22
N LEU E 215 33.74 5.29 -9.19
CA LEU E 215 33.89 3.89 -9.58
C LEU E 215 34.73 3.13 -8.55
N VAL E 216 34.58 1.80 -8.58
CA VAL E 216 35.42 0.96 -7.74
C VAL E 216 36.86 1.04 -8.26
N CYS E 217 37.81 0.78 -7.36
CA CYS E 217 39.22 0.92 -7.72
C CYS E 217 39.61 -0.03 -8.84
N TYR E 218 39.14 -1.27 -8.77
CA TYR E 218 39.45 -2.29 -9.76
C TYR E 218 38.53 -2.21 -10.98
N MET E 219 37.51 -1.35 -10.95
CA MET E 219 36.50 -1.35 -12.01
C MET E 219 37.10 -0.94 -13.35
N VAL E 220 37.84 0.17 -13.39
CA VAL E 220 38.38 0.66 -14.66
C VAL E 220 39.35 -0.34 -15.26
N GLN E 221 40.22 -0.91 -14.43
CA GLN E 221 41.16 -1.93 -14.92
C GLN E 221 40.41 -3.17 -15.38
N PHE E 222 39.36 -3.56 -14.65
CA PHE E 222 38.57 -4.72 -15.03
C PHE E 222 37.91 -4.54 -16.39
N VAL E 223 37.37 -3.36 -16.65
CA VAL E 223 36.75 -3.08 -17.94
C VAL E 223 37.79 -3.13 -19.05
N GLU E 224 38.96 -2.53 -18.80
CA GLU E 224 40.03 -2.54 -19.80
C GLU E 224 40.52 -3.96 -20.07
N GLU E 225 40.65 -4.78 -19.03
CA GLU E 225 41.09 -6.15 -19.21
C GLU E 225 40.06 -6.97 -19.98
N THR E 226 38.79 -6.86 -19.59
CA THR E 226 37.75 -7.66 -20.23
C THR E 226 37.44 -7.20 -21.65
N SER E 227 37.78 -5.96 -22.00
CA SER E 227 37.46 -5.46 -23.33
C SER E 227 38.38 -6.03 -24.40
N TYR E 228 39.65 -6.28 -24.06
CA TYR E 228 40.56 -6.88 -25.02
C TYR E 228 40.21 -8.34 -25.28
N LYS E 229 39.49 -8.99 -24.37
CA LYS E 229 39.11 -10.39 -24.50
C LYS E 229 37.66 -10.56 -24.94
N CYS E 230 36.99 -9.50 -25.36
CA CYS E 230 35.59 -9.58 -25.74
C CYS E 230 35.45 -10.28 -27.10
N ASP E 231 34.21 -10.64 -27.43
CA ASP E 231 33.94 -11.37 -28.66
C ASP E 231 34.15 -10.54 -29.92
N PHE E 232 34.34 -9.23 -29.78
CA PHE E 232 34.51 -8.35 -30.93
C PHE E 232 35.96 -7.94 -31.17
N ILE E 233 36.70 -7.64 -30.12
CA ILE E 233 38.13 -7.36 -30.28
C ILE E 233 38.88 -8.64 -30.63
N GLN E 234 38.50 -9.76 -30.01
CA GLN E 234 39.15 -11.04 -30.30
C GLN E 234 38.91 -11.45 -31.75
N LYS E 235 37.71 -11.17 -32.28
CA LYS E 235 37.42 -11.49 -33.67
C LYS E 235 38.34 -10.72 -34.61
N ILE E 236 38.56 -9.44 -34.34
CA ILE E 236 39.49 -8.65 -35.16
C ILE E 236 40.92 -9.11 -34.95
N THR E 237 41.26 -9.48 -33.72
CA THR E 237 42.64 -9.85 -33.41
C THR E 237 43.09 -11.07 -34.21
N LYS E 238 42.24 -12.08 -34.32
CA LYS E 238 42.58 -13.29 -35.06
C LYS E 238 42.44 -13.15 -36.57
N THR E 239 42.11 -11.95 -37.05
CA THR E 239 41.99 -11.71 -38.49
C THR E 239 43.36 -11.48 -39.12
N ASP E 246 46.94 -4.24 -30.40
CA ASP E 246 47.56 -2.92 -30.51
C ASP E 246 46.56 -1.91 -31.07
N PHE E 247 45.66 -2.38 -31.93
CA PHE E 247 44.67 -1.50 -32.53
C PHE E 247 43.66 -1.00 -31.51
N TYR E 248 43.35 -1.81 -30.50
CA TYR E 248 42.33 -1.43 -29.53
C TYR E 248 42.75 -0.19 -28.74
N TYR E 249 44.01 -0.11 -28.35
CA TYR E 249 44.48 1.05 -27.60
C TYR E 249 44.41 2.31 -28.46
N GLU E 250 44.75 2.21 -29.74
CA GLU E 250 44.69 3.38 -30.62
C GLU E 250 43.27 3.90 -30.75
N CYS E 251 42.30 3.01 -30.91
CA CYS E 251 40.90 3.44 -30.98
C CYS E 251 40.41 3.97 -29.64
N LYS E 252 40.89 3.39 -28.55
CA LYS E 252 40.47 3.84 -27.22
C LYS E 252 40.91 5.28 -26.96
N GLN E 253 42.13 5.63 -27.37
CA GLN E 253 42.61 6.99 -27.16
C GLN E 253 41.79 8.00 -27.96
N GLU E 254 41.43 7.66 -29.19
CA GLU E 254 40.61 8.56 -30.00
C GLU E 254 39.25 8.78 -29.36
N ARG E 255 38.63 7.73 -28.84
CA ARG E 255 37.36 7.88 -28.14
C ARG E 255 37.53 8.72 -26.88
N ILE E 256 38.64 8.53 -26.17
CA ILE E 256 38.90 9.34 -24.98
C ILE E 256 39.00 10.81 -25.36
N LYS E 257 39.72 11.12 -26.44
CA LYS E 257 39.81 12.51 -26.89
C LYS E 257 38.46 13.05 -27.31
N GLU E 258 37.65 12.24 -28.01
CA GLU E 258 36.36 12.71 -28.49
C GLU E 258 35.35 12.84 -27.36
N TYR E 259 35.29 11.84 -26.48
CA TYR E 259 34.25 11.82 -25.46
C TYR E 259 34.52 12.81 -24.33
N GLU E 260 35.79 13.08 -24.02
CA GLU E 260 36.10 14.06 -23.00
C GLU E 260 35.88 15.48 -23.50
N MET E 261 36.11 15.71 -24.80
CA MET E 261 35.83 17.02 -25.39
C MET E 261 34.33 17.30 -25.45
N LEU E 262 33.49 16.27 -25.39
CA LEU E 262 32.05 16.41 -25.50
C LEU E 262 31.33 16.32 -24.16
N PHE E 263 31.69 15.33 -23.34
CA PHE E 263 31.00 15.09 -22.08
C PHE E 263 31.66 15.75 -20.88
N LEU E 264 32.78 16.45 -21.08
CA LEU E 264 33.51 17.06 -19.98
C LEU E 264 33.84 18.50 -20.31
N VAL E 265 33.95 19.32 -19.26
CA VAL E 265 34.43 20.69 -19.38
C VAL E 265 35.89 20.67 -18.94
N SER E 266 36.80 20.73 -19.91
CA SER E 266 38.23 20.62 -19.60
C SER E 266 38.70 21.80 -18.76
N ASN E 267 38.24 23.00 -19.07
CA ASN E 267 38.66 24.19 -18.33
C ASN E 267 38.03 24.20 -16.95
N GLU E 268 38.88 24.30 -15.92
CA GLU E 268 38.37 24.33 -14.54
C GLU E 268 37.55 25.59 -14.29
N GLU E 269 37.99 26.72 -14.83
CA GLU E 269 37.25 27.97 -14.64
C GLU E 269 35.87 27.89 -15.28
N MET E 270 35.79 27.32 -16.48
CA MET E 270 34.49 27.20 -17.14
C MET E 270 33.55 26.27 -16.38
N HIS E 271 34.09 25.16 -15.86
CA HIS E 271 33.25 24.22 -15.12
C HIS E 271 32.77 24.82 -13.81
N LYS E 272 33.60 25.64 -13.16
CA LYS E 272 33.18 26.32 -11.95
C LYS E 272 31.99 27.23 -12.23
N GLN E 273 32.04 27.97 -13.35
CA GLN E 273 30.93 28.84 -13.71
C GLN E 273 29.65 28.06 -13.95
N ILE E 274 29.75 26.92 -14.64
CA ILE E 274 28.56 26.12 -14.94
C ILE E 274 27.98 25.55 -13.66
N LEU E 275 28.83 25.02 -12.77
CA LEU E 275 28.33 24.44 -11.53
C LEU E 275 27.69 25.50 -10.64
N MET E 276 28.20 26.73 -10.67
CA MET E 276 27.55 27.82 -9.95
C MET E 276 26.22 28.18 -10.60
N THR E 277 26.15 28.11 -11.93
CA THR E 277 24.94 28.52 -12.65
C THR E 277 23.81 27.51 -12.53
N ILE E 278 24.13 26.23 -12.36
CA ILE E 278 23.11 25.19 -12.35
C ILE E 278 22.79 24.78 -10.92
N GLY E 279 23.06 25.67 -9.98
CA GLY E 279 22.71 25.43 -8.59
C GLY E 279 23.45 24.28 -7.95
N LEU E 280 24.77 24.23 -8.15
CA LEU E 280 25.65 23.23 -7.55
C LEU E 280 26.80 23.93 -6.83
N GLU E 281 26.46 24.93 -6.03
CA GLU E 281 27.49 25.71 -5.34
C GLU E 281 28.29 24.86 -4.36
N ASN E 282 27.62 23.95 -3.66
CA ASN E 282 28.32 23.10 -2.69
C ASN E 282 29.31 22.16 -3.36
N LEU E 283 29.21 21.96 -4.67
CA LEU E 283 30.16 21.16 -5.42
C LEU E 283 31.22 22.00 -6.12
N CYS E 284 31.28 23.30 -5.82
CA CYS E 284 32.25 24.20 -6.44
C CYS E 284 33.51 24.37 -5.62
N GLU E 285 33.59 23.76 -4.43
CA GLU E 285 34.72 23.92 -3.54
C GLU E 285 35.46 22.61 -3.38
N ASN E 286 36.79 22.68 -3.36
CA ASN E 286 37.60 21.49 -3.16
C ASN E 286 37.39 20.93 -1.75
N PRO E 287 37.48 19.61 -1.59
CA PRO E 287 37.80 18.59 -2.59
C PRO E 287 36.58 18.12 -3.37
N TYR E 288 35.41 18.69 -3.09
CA TYR E 288 34.20 18.26 -3.78
C TYR E 288 34.22 18.63 -5.26
N PHE E 289 34.82 19.77 -5.60
CA PHE E 289 35.00 20.12 -7.01
C PHE E 289 35.93 19.13 -7.71
N SER E 290 37.02 18.75 -7.05
CA SER E 290 37.94 17.79 -7.65
C SER E 290 37.38 16.38 -7.63
N ASN E 291 36.60 16.03 -6.61
CA ASN E 291 35.99 14.70 -6.55
C ASN E 291 35.02 14.50 -7.70
N LEU E 292 34.13 15.48 -7.92
CA LEU E 292 33.17 15.37 -9.02
C LEU E 292 33.89 15.34 -10.37
N ARG E 293 34.90 16.19 -10.54
CA ARG E 293 35.64 16.21 -11.79
C ARG E 293 36.38 14.90 -12.04
N GLN E 294 36.99 14.33 -10.99
CA GLN E 294 37.70 13.06 -11.14
C GLN E 294 36.75 11.93 -11.47
N ASN E 295 35.60 11.86 -10.78
CA ASN E 295 34.63 10.81 -11.06
C ASN E 295 34.04 10.96 -12.46
N MET E 296 33.81 12.20 -12.90
CA MET E 296 33.33 12.42 -14.26
C MET E 296 34.34 11.93 -15.28
N LYS E 297 35.63 12.18 -15.02
CA LYS E 297 36.67 11.67 -15.91
C LYS E 297 36.72 10.14 -15.88
N ASP E 298 36.49 9.55 -14.71
CA ASP E 298 36.53 8.10 -14.58
C ASP E 298 35.44 7.43 -15.40
N LEU E 299 34.23 8.00 -15.39
CA LEU E 299 33.12 7.40 -16.13
C LEU E 299 33.31 7.56 -17.63
N ILE E 300 33.84 8.71 -18.07
CA ILE E 300 34.09 8.89 -19.50
C ILE E 300 35.21 7.97 -19.97
N LEU E 301 36.22 7.76 -19.13
CA LEU E 301 37.27 6.80 -19.45
C LEU E 301 36.70 5.39 -19.57
N LEU E 302 35.76 5.03 -18.68
CA LEU E 302 35.10 3.74 -18.79
C LEU E 302 34.24 3.66 -20.04
N LEU E 303 33.51 4.74 -20.35
CA LEU E 303 32.67 4.73 -21.54
C LEU E 303 33.49 4.60 -22.81
N ALA E 304 34.59 5.35 -22.91
CA ALA E 304 35.46 5.23 -24.07
C ALA E 304 36.12 3.86 -24.14
N THR E 305 36.29 3.20 -22.99
CA THR E 305 36.81 1.84 -22.98
C THR E 305 35.78 0.85 -23.51
N VAL E 306 34.53 1.01 -23.08
CA VAL E 306 33.46 0.12 -23.55
C VAL E 306 33.13 0.41 -25.01
N ALA E 307 33.04 1.69 -25.37
CA ALA E 307 32.68 2.05 -26.75
C ALA E 307 33.71 1.58 -27.74
N SER E 308 34.99 1.54 -27.35
CA SER E 308 36.03 1.07 -28.24
C SER E 308 36.04 -0.44 -28.40
N SER E 309 35.38 -1.17 -27.49
CA SER E 309 35.33 -2.62 -27.57
C SER E 309 34.54 -3.11 -28.78
N VAL E 310 33.63 -2.30 -29.29
CA VAL E 310 32.92 -2.58 -30.54
C VAL E 310 33.38 -1.52 -31.54
N PRO E 311 34.59 -1.63 -32.07
CA PRO E 311 35.20 -0.51 -32.79
C PRO E 311 34.82 -0.45 -34.26
N ASN E 312 34.90 0.75 -34.80
CA ASN E 312 34.79 0.96 -36.25
C ASN E 312 36.19 0.83 -36.87
N PHE E 313 36.66 -0.42 -36.91
CA PHE E 313 37.99 -0.74 -37.39
C PHE E 313 37.87 -1.48 -38.72
N LYS E 314 38.49 -0.92 -39.76
CA LYS E 314 38.45 -1.48 -41.10
C LYS E 314 36.99 -1.62 -41.53
N HIS E 315 36.67 -2.66 -42.31
CA HIS E 315 35.31 -2.91 -42.77
C HIS E 315 34.56 -3.89 -41.88
N PHE E 316 34.93 -3.98 -40.60
CA PHE E 316 34.24 -4.89 -39.69
C PHE E 316 32.86 -4.35 -39.34
N GLY E 317 31.91 -5.26 -39.15
CA GLY E 317 30.56 -4.89 -38.81
C GLY E 317 29.71 -6.12 -38.61
N PHE E 318 28.43 -5.89 -38.38
CA PHE E 318 27.47 -6.97 -38.15
C PHE E 318 26.85 -7.35 -39.49
N TYR E 319 27.39 -8.39 -40.11
CA TYR E 319 26.93 -8.86 -41.41
C TYR E 319 26.33 -10.26 -41.26
N ARG E 320 25.38 -10.57 -42.14
CA ARG E 320 24.64 -11.83 -42.02
C ARG E 320 25.56 -13.02 -42.21
N SER E 321 25.44 -14.00 -41.33
CA SER E 321 26.18 -15.25 -41.42
C SER E 321 25.41 -16.21 -42.31
N ASN E 322 25.71 -16.16 -43.61
CA ASN E 322 25.00 -16.97 -44.60
C ASN E 322 25.29 -18.46 -44.41
N HIS E 330 12.33 -8.76 -40.52
CA HIS E 330 12.81 -8.72 -41.90
C HIS E 330 14.16 -9.44 -42.03
N ASN E 331 14.92 -9.09 -43.08
CA ASN E 331 16.23 -9.67 -43.32
C ASN E 331 17.29 -8.62 -43.65
N GLN E 332 16.94 -7.34 -43.58
CA GLN E 332 17.86 -6.26 -43.92
C GLN E 332 18.63 -5.83 -42.67
N SER E 333 19.95 -5.72 -42.80
CA SER E 333 20.78 -5.33 -41.68
C SER E 333 20.55 -3.86 -41.31
N LEU E 334 20.73 -3.55 -40.03
CA LEU E 334 20.69 -2.18 -39.57
C LEU E 334 21.91 -1.42 -40.07
N PRO E 335 21.84 -0.09 -40.10
CA PRO E 335 23.06 0.69 -40.38
C PRO E 335 24.14 0.37 -39.36
N GLN E 336 25.38 0.32 -39.85
CA GLN E 336 26.48 -0.12 -38.99
C GLN E 336 26.67 0.79 -37.79
N GLU E 337 26.40 2.09 -37.95
CA GLU E 337 26.49 3.01 -36.82
C GLU E 337 25.47 2.66 -35.74
N ILE E 338 24.25 2.28 -36.15
CA ILE E 338 23.23 1.91 -35.17
C ILE E 338 23.57 0.57 -34.53
N ALA E 339 24.00 -0.41 -35.34
CA ALA E 339 24.28 -1.74 -34.81
C ALA E 339 25.40 -1.69 -33.78
N ARG E 340 26.47 -0.96 -34.07
CA ARG E 340 27.55 -0.82 -33.11
C ARG E 340 27.09 -0.07 -31.85
N HIS E 341 26.28 0.96 -32.03
CA HIS E 341 25.79 1.72 -30.88
C HIS E 341 24.93 0.86 -29.97
N CYS E 342 24.01 0.09 -30.56
CA CYS E 342 23.15 -0.77 -29.74
C CYS E 342 23.93 -1.92 -29.11
N MET E 343 24.99 -2.39 -29.78
CA MET E 343 25.81 -3.44 -29.19
C MET E 343 26.58 -2.94 -27.98
N VAL E 344 27.04 -1.69 -28.01
CA VAL E 344 27.72 -1.11 -26.85
C VAL E 344 26.75 -0.98 -25.68
N GLN E 345 25.48 -0.67 -25.96
CA GLN E 345 24.46 -0.68 -24.90
C GLN E 345 24.38 -2.05 -24.26
N ALA E 346 24.27 -3.10 -25.07
CA ALA E 346 24.31 -4.46 -24.55
C ALA E 346 25.63 -4.76 -23.87
N ARG E 347 26.72 -4.12 -24.30
CA ARG E 347 28.01 -4.33 -23.68
C ARG E 347 28.14 -3.61 -22.35
N LEU E 348 27.52 -2.44 -22.21
CA LEU E 348 27.49 -1.76 -20.91
C LEU E 348 26.71 -2.58 -19.88
N LEU E 349 25.60 -3.20 -20.31
CA LEU E 349 24.83 -4.04 -19.41
C LEU E 349 25.63 -5.26 -18.96
N ALA E 350 26.58 -5.71 -19.78
CA ALA E 350 27.38 -6.88 -19.44
C ALA E 350 28.21 -6.69 -18.19
N TYR E 351 28.44 -5.44 -17.77
CA TYR E 351 29.23 -5.16 -16.58
C TYR E 351 28.38 -5.06 -15.33
N ARG E 352 27.08 -5.31 -15.43
CA ARG E 352 26.23 -5.52 -14.26
C ARG E 352 26.11 -6.98 -13.90
N THR E 353 26.83 -7.87 -14.59
CA THR E 353 26.75 -9.30 -14.35
C THR E 353 27.10 -9.61 -12.89
N GLU E 354 26.27 -10.46 -12.27
CA GLU E 354 26.36 -10.65 -10.82
C GLU E 354 27.57 -11.48 -10.45
N ASP E 355 27.65 -12.72 -10.92
CA ASP E 355 28.62 -13.67 -10.39
C ASP E 355 29.70 -14.06 -11.39
N HIS E 356 29.33 -14.53 -12.58
CA HIS E 356 30.30 -15.13 -13.48
C HIS E 356 31.33 -14.11 -13.95
N LYS E 357 32.59 -14.57 -14.05
CA LYS E 357 33.68 -13.69 -14.45
C LYS E 357 33.45 -13.12 -15.84
N THR E 358 32.88 -13.92 -16.74
CA THR E 358 32.50 -13.44 -18.06
C THR E 358 31.07 -12.88 -17.98
N GLY E 359 30.86 -11.71 -18.55
CA GLY E 359 29.58 -11.03 -18.49
C GLY E 359 28.93 -10.98 -19.87
N VAL E 360 27.62 -11.22 -19.89
CA VAL E 360 26.82 -11.14 -21.10
C VAL E 360 25.69 -10.14 -20.86
N GLY E 361 25.53 -9.22 -21.80
CA GLY E 361 24.44 -8.26 -21.73
C GLY E 361 23.65 -8.27 -23.01
N ALA E 362 22.34 -8.06 -22.87
CA ALA E 362 21.43 -8.08 -24.00
C ALA E 362 20.56 -6.84 -24.01
N VAL E 363 20.25 -6.37 -25.20
CA VAL E 363 19.33 -5.26 -25.41
C VAL E 363 18.46 -5.58 -26.62
N ILE E 364 17.16 -5.29 -26.52
CA ILE E 364 16.21 -5.53 -27.61
C ILE E 364 15.73 -4.20 -28.14
N TRP E 365 15.82 -4.03 -29.45
CA TRP E 365 15.33 -2.83 -30.13
C TRP E 365 14.36 -3.24 -31.22
N ALA E 366 13.35 -2.40 -31.44
CA ALA E 366 12.35 -2.63 -32.48
C ALA E 366 12.25 -1.38 -33.35
N GLU E 367 11.95 -1.61 -34.63
CA GLU E 367 11.88 -0.54 -35.62
C GLU E 367 10.43 -0.35 -36.02
N GLY E 368 9.85 0.77 -35.60
CA GLY E 368 8.48 1.07 -35.96
C GLY E 368 8.33 1.35 -37.45
N LYS E 369 7.17 1.00 -37.99
CA LYS E 369 6.91 1.17 -39.40
C LYS E 369 6.48 2.59 -39.78
N SER E 370 6.26 3.45 -38.79
CA SER E 370 5.75 4.81 -39.02
C SER E 370 6.76 5.84 -38.51
N ARG E 371 6.37 7.11 -38.60
CA ARG E 371 7.22 8.20 -38.15
C ARG E 371 7.26 8.25 -36.63
N SER E 372 8.37 8.79 -36.11
CA SER E 372 8.57 8.90 -34.67
C SER E 372 9.14 10.26 -34.34
N CYS E 373 8.88 10.69 -33.10
CA CYS E 373 9.38 11.97 -32.59
C CYS E 373 10.72 11.83 -31.88
N ASP E 374 11.21 10.60 -31.67
CA ASP E 374 12.42 10.39 -30.91
C ASP E 374 13.66 10.78 -31.73
N GLY E 375 14.77 10.97 -31.01
CA GLY E 375 16.04 11.22 -31.66
C GLY E 375 16.72 9.98 -32.20
N THR E 376 16.22 8.80 -31.86
CA THR E 376 16.73 7.55 -32.39
C THR E 376 16.10 7.18 -33.73
N GLY E 377 15.08 7.91 -34.16
CA GLY E 377 14.38 7.60 -35.39
C GLY E 377 13.19 6.69 -35.16
N ALA E 378 12.93 5.80 -36.10
CA ALA E 378 11.82 4.86 -35.95
C ALA E 378 12.09 3.84 -34.86
N MET E 379 13.36 3.61 -34.53
CA MET E 379 13.71 2.59 -33.55
C MET E 379 13.30 3.01 -32.15
N TYR E 380 12.91 2.03 -31.34
CA TYR E 380 12.59 2.26 -29.94
C TYR E 380 13.09 1.08 -29.12
N PHE E 381 13.20 1.31 -27.82
CA PHE E 381 13.83 0.37 -26.90
C PHE E 381 12.77 -0.58 -26.33
N VAL E 382 13.06 -1.88 -26.38
CA VAL E 382 12.12 -2.91 -25.94
C VAL E 382 12.49 -3.45 -24.56
N GLY E 383 13.74 -3.86 -24.38
CA GLY E 383 14.16 -4.40 -23.10
C GLY E 383 15.66 -4.57 -23.04
N CYS E 384 16.14 -4.85 -21.83
CA CYS E 384 17.56 -5.03 -21.59
C CYS E 384 17.73 -6.02 -20.44
N GLY E 385 18.91 -6.63 -20.38
CA GLY E 385 19.18 -7.61 -19.34
C GLY E 385 20.62 -8.06 -19.36
N TYR E 386 20.97 -8.85 -18.35
CA TYR E 386 22.32 -9.37 -18.17
C TYR E 386 22.22 -10.65 -17.35
N ASN E 387 23.34 -11.36 -17.27
CA ASN E 387 23.40 -12.53 -16.40
C ASN E 387 23.17 -12.13 -14.95
N ALA E 388 22.28 -12.86 -14.28
CA ALA E 388 21.99 -12.61 -12.87
C ALA E 388 21.18 -13.78 -12.33
N PHE E 389 21.36 -14.08 -11.05
CA PHE E 389 20.54 -15.07 -10.40
C PHE E 389 19.11 -14.55 -10.29
N PRO E 390 18.13 -15.44 -10.12
CA PRO E 390 16.75 -14.98 -9.98
C PRO E 390 16.63 -14.01 -8.82
N VAL E 391 15.76 -13.00 -8.99
CA VAL E 391 15.63 -11.95 -7.99
C VAL E 391 15.29 -12.54 -6.64
N GLY E 392 15.98 -12.06 -5.60
CA GLY E 392 15.90 -12.66 -4.29
C GLY E 392 17.09 -13.51 -3.89
N SER E 393 18.21 -13.44 -4.63
CA SER E 393 19.43 -14.19 -4.35
C SER E 393 19.13 -15.70 -4.32
N GLU E 394 18.74 -16.19 -5.49
CA GLU E 394 18.38 -17.59 -5.69
C GLU E 394 19.52 -18.42 -6.27
N TYR E 395 20.75 -18.12 -5.87
CA TYR E 395 21.93 -18.84 -6.36
C TYR E 395 21.85 -20.35 -6.07
N ARG E 411 27.49 -26.49 -11.70
CA ARG E 411 26.07 -26.47 -11.37
C ARG E 411 25.64 -25.08 -10.92
N LYS E 412 26.63 -24.23 -10.61
CA LYS E 412 26.31 -22.85 -10.24
C LYS E 412 25.73 -22.09 -11.43
N PHE E 413 26.18 -22.41 -12.64
CA PHE E 413 25.62 -21.79 -13.84
C PHE E 413 24.17 -22.19 -14.08
N ARG E 414 23.73 -23.32 -13.55
CA ARG E 414 22.38 -23.82 -13.81
C ARG E 414 21.31 -22.94 -13.19
N TYR E 415 21.65 -22.07 -12.24
CA TYR E 415 20.69 -21.23 -11.55
C TYR E 415 20.86 -19.76 -11.87
N ILE E 416 21.27 -19.42 -13.10
CA ILE E 416 21.46 -18.05 -13.52
C ILE E 416 20.57 -17.77 -14.72
N ILE E 417 20.02 -16.56 -14.77
CA ILE E 417 19.18 -16.13 -15.88
C ILE E 417 20.07 -15.41 -16.88
N HIS E 418 20.08 -15.89 -18.13
CA HIS E 418 20.95 -15.32 -19.13
C HIS E 418 20.50 -13.92 -19.53
N ALA E 419 21.37 -13.23 -20.26
CA ALA E 419 21.06 -11.86 -20.69
C ALA E 419 19.84 -11.83 -21.61
N ALA E 420 19.77 -12.79 -22.54
CA ALA E 420 18.65 -12.83 -23.48
C ALA E 420 17.33 -13.16 -22.80
N GLN E 421 17.38 -13.77 -21.62
CA GLN E 421 16.16 -14.10 -20.88
C GLN E 421 15.70 -12.97 -19.97
N ASN E 422 16.63 -12.22 -19.40
CA ASN E 422 16.25 -11.04 -18.62
C ASN E 422 15.62 -9.98 -19.50
N ALA E 423 16.15 -9.82 -20.72
CA ALA E 423 15.59 -8.83 -21.65
C ALA E 423 14.16 -9.16 -22.03
N LEU E 424 13.86 -10.43 -22.27
CA LEU E 424 12.50 -10.81 -22.62
C LEU E 424 11.58 -10.77 -21.41
N THR E 425 12.13 -10.94 -20.21
CA THR E 425 11.32 -10.89 -19.00
C THR E 425 11.00 -9.46 -18.60
N PHE E 426 12.02 -8.64 -18.37
CA PHE E 426 11.85 -7.26 -17.94
C PHE E 426 11.84 -6.30 -19.13
N ARG E 427 10.96 -6.55 -20.09
CA ARG E 427 10.79 -5.69 -21.25
C ARG E 427 9.61 -4.77 -21.01
N CYS E 428 9.69 -3.56 -21.57
CA CYS E 428 8.61 -2.58 -21.44
C CYS E 428 7.65 -2.66 -22.62
N GLN E 429 8.15 -2.53 -23.84
CA GLN E 429 7.33 -2.62 -25.03
C GLN E 429 7.21 -4.06 -25.49
N GLU E 430 6.04 -4.40 -26.04
CA GLU E 430 5.82 -5.72 -26.58
C GLU E 430 6.43 -5.84 -27.98
N ILE E 431 6.73 -7.07 -28.37
CA ILE E 431 7.31 -7.35 -29.69
C ILE E 431 6.18 -7.40 -30.70
N LYS E 432 6.05 -6.36 -31.51
CA LYS E 432 5.01 -6.32 -32.53
C LYS E 432 5.39 -7.24 -33.68
N PRO E 433 4.53 -8.19 -34.06
CA PRO E 433 4.89 -9.10 -35.17
C PRO E 433 5.14 -8.39 -36.49
N GLU E 434 4.44 -7.28 -36.75
CA GLU E 434 4.62 -6.58 -38.01
C GLU E 434 5.94 -5.81 -38.05
N GLU E 435 6.46 -5.40 -36.89
CA GLU E 435 7.65 -4.59 -36.84
C GLU E 435 8.90 -5.44 -36.95
N ARG E 436 10.01 -4.78 -37.26
CA ARG E 436 11.33 -5.43 -37.28
C ARG E 436 11.99 -5.21 -35.92
N SER E 437 12.11 -6.28 -35.16
CA SER E 437 12.72 -6.23 -33.83
C SER E 437 14.00 -7.06 -33.83
N MET E 438 15.04 -6.51 -33.23
CA MET E 438 16.35 -7.13 -33.20
C MET E 438 16.90 -7.12 -31.79
N ILE E 439 17.68 -8.14 -31.46
CA ILE E 439 18.29 -8.29 -30.14
C ILE E 439 19.81 -8.28 -30.31
N PHE E 440 20.49 -7.57 -29.40
CA PHE E 440 21.94 -7.47 -29.41
C PHE E 440 22.46 -8.14 -28.14
N VAL E 441 23.16 -9.26 -28.31
CA VAL E 441 23.75 -10.00 -27.19
C VAL E 441 25.27 -10.04 -27.40
N THR E 442 26.01 -9.78 -26.33
CA THR E 442 27.47 -9.70 -26.45
C THR E 442 28.08 -11.04 -26.84
N LYS E 443 27.66 -12.11 -26.18
CA LYS E 443 28.13 -13.46 -26.48
C LYS E 443 27.10 -14.18 -27.35
N CYS E 444 27.55 -15.29 -27.94
CA CYS E 444 26.67 -16.08 -28.78
C CYS E 444 25.52 -16.64 -27.94
N PRO E 445 24.27 -16.51 -28.39
CA PRO E 445 23.15 -17.07 -27.61
C PRO E 445 23.29 -18.57 -27.43
N CYS E 446 22.95 -19.04 -26.24
CA CYS E 446 23.07 -20.46 -25.92
C CYS E 446 21.89 -21.23 -26.52
N ASP E 447 21.96 -22.56 -26.36
CA ASP E 447 20.85 -23.40 -26.80
C ASP E 447 19.60 -23.18 -25.96
N GLU E 448 19.72 -22.49 -24.83
CA GLU E 448 18.57 -22.20 -23.98
C GLU E 448 17.88 -20.91 -24.39
N CYS E 449 18.66 -19.91 -24.83
CA CYS E 449 18.12 -18.60 -25.16
C CYS E 449 17.64 -18.50 -26.61
N VAL E 450 18.21 -19.29 -27.51
CA VAL E 450 17.79 -19.25 -28.92
C VAL E 450 16.31 -19.60 -29.07
N PRO E 451 15.77 -20.65 -28.45
CA PRO E 451 14.32 -20.88 -28.57
C PRO E 451 13.49 -19.74 -28.01
N LEU E 452 13.95 -19.09 -26.94
CA LEU E 452 13.20 -17.97 -26.38
C LEU E 452 13.21 -16.77 -27.31
N ILE E 453 14.37 -16.47 -27.91
CA ILE E 453 14.46 -15.36 -28.85
C ILE E 453 13.61 -15.63 -30.08
N LYS E 454 13.70 -16.85 -30.62
CA LYS E 454 12.89 -17.21 -31.77
C LYS E 454 11.42 -17.24 -31.42
N GLY E 455 11.08 -17.79 -30.24
CA GLY E 455 9.68 -17.87 -29.84
C GLY E 455 9.05 -16.52 -29.58
N ALA E 456 9.82 -15.59 -29.01
CA ALA E 456 9.30 -14.28 -28.68
C ALA E 456 8.96 -13.44 -29.90
N GLY E 457 9.40 -13.85 -31.09
CA GLY E 457 9.13 -13.10 -32.30
C GLY E 457 10.21 -12.14 -32.73
N ILE E 458 11.39 -12.20 -32.12
CA ILE E 458 12.49 -11.32 -32.51
C ILE E 458 12.96 -11.70 -33.91
N LYS E 459 13.07 -10.72 -34.79
CA LYS E 459 13.33 -11.00 -36.20
C LYS E 459 14.81 -11.21 -36.49
N GLN E 460 15.68 -10.44 -35.82
CA GLN E 460 17.11 -10.49 -36.10
C GLN E 460 17.90 -10.60 -34.82
N ILE E 461 19.05 -11.27 -34.91
CA ILE E 461 19.97 -11.45 -33.78
C ILE E 461 21.32 -10.89 -34.16
N TYR E 462 21.87 -10.03 -33.31
CA TYR E 462 23.23 -9.51 -33.47
C TYR E 462 24.05 -10.03 -32.30
N ALA E 463 25.17 -10.69 -32.61
CA ALA E 463 25.96 -11.36 -31.58
C ALA E 463 27.40 -11.51 -32.06
N GLY E 464 28.25 -11.97 -31.15
CA GLY E 464 29.63 -12.27 -31.48
C GLY E 464 29.86 -13.77 -31.58
N ASP E 465 30.07 -14.26 -32.80
CA ASP E 465 30.18 -15.71 -33.05
C ASP E 465 31.59 -16.21 -32.73
N VAL E 466 32.00 -16.00 -31.49
CA VAL E 466 33.26 -16.54 -30.99
C VAL E 466 33.07 -17.91 -30.36
N ASP E 467 32.17 -17.99 -29.37
CA ASP E 467 31.82 -19.26 -28.75
C ASP E 467 30.58 -19.85 -29.40
N VAL E 468 30.66 -20.07 -30.71
CA VAL E 468 29.58 -20.63 -31.50
C VAL E 468 29.96 -22.05 -31.91
N GLY E 469 29.02 -22.98 -31.77
CA GLY E 469 29.27 -24.37 -32.07
C GLY E 469 29.97 -25.14 -30.97
N LYS E 470 30.30 -24.50 -29.86
CA LYS E 470 31.01 -25.15 -28.76
C LYS E 470 30.01 -25.66 -27.73
N LYS E 471 30.29 -26.84 -27.18
CA LYS E 471 29.43 -27.47 -26.18
C LYS E 471 30.22 -27.61 -24.88
N LYS E 472 29.74 -26.92 -23.83
CA LYS E 472 30.33 -27.02 -22.51
C LYS E 472 29.55 -28.04 -21.68
N ALA E 473 29.87 -28.10 -20.39
CA ALA E 473 29.21 -29.05 -19.49
C ALA E 473 27.77 -28.67 -19.25
N ASP E 474 27.52 -27.40 -18.94
CA ASP E 474 26.18 -26.93 -18.60
C ASP E 474 25.57 -26.01 -19.66
N ILE E 475 26.36 -25.51 -20.60
CA ILE E 475 25.88 -24.61 -21.63
C ILE E 475 26.32 -25.13 -22.99
N SER E 476 25.48 -24.92 -24.00
CA SER E 476 25.78 -25.34 -25.37
C SER E 476 25.41 -24.23 -26.33
N TYR E 477 26.15 -24.15 -27.44
CA TYR E 477 25.94 -23.14 -28.46
C TYR E 477 25.76 -23.79 -29.82
N MET E 478 24.95 -24.85 -29.88
CA MET E 478 24.75 -25.58 -31.12
C MET E 478 23.52 -25.12 -31.89
N ARG E 479 22.51 -24.61 -31.20
CA ARG E 479 21.27 -24.21 -31.86
C ARG E 479 21.41 -22.91 -32.64
N PHE E 480 22.35 -22.05 -32.27
CA PHE E 480 22.50 -20.77 -32.96
C PHE E 480 22.92 -20.98 -34.42
N GLY E 481 23.84 -21.90 -34.67
CA GLY E 481 24.32 -22.11 -36.03
C GLY E 481 23.23 -22.61 -36.97
N GLU E 482 22.37 -23.49 -36.48
CA GLU E 482 21.30 -24.07 -37.28
C GLU E 482 19.96 -23.37 -37.08
N LEU E 483 20.00 -22.11 -36.63
CA LEU E 483 18.76 -21.38 -36.40
C LEU E 483 18.05 -21.08 -37.72
N GLU E 484 16.72 -21.22 -37.71
CA GLU E 484 15.90 -20.99 -38.87
C GLU E 484 14.78 -20.01 -38.53
N GLY E 485 14.50 -19.08 -39.45
CA GLY E 485 13.45 -18.12 -39.28
C GLY E 485 13.86 -16.82 -38.61
N VAL E 486 15.08 -16.73 -38.10
CA VAL E 486 15.60 -15.51 -37.48
C VAL E 486 16.91 -15.16 -38.16
N SER E 487 17.02 -13.94 -38.66
CA SER E 487 18.25 -13.49 -39.30
C SER E 487 19.35 -13.31 -38.27
N LYS E 488 20.52 -13.86 -38.55
CA LYS E 488 21.65 -13.82 -37.63
C LYS E 488 22.76 -12.96 -38.24
N PHE E 489 23.11 -11.89 -37.55
CA PHE E 489 24.22 -11.01 -37.93
C PHE E 489 25.31 -11.12 -36.89
N THR E 490 26.53 -11.40 -37.34
CA THR E 490 27.65 -11.61 -36.43
C THR E 490 28.80 -10.71 -36.81
N TRP E 491 29.61 -10.37 -35.81
CA TRP E 491 30.77 -9.51 -36.02
C TRP E 491 31.77 -10.20 -36.94
N GLN E 492 31.98 -9.62 -38.12
CA GLN E 492 32.87 -10.21 -39.11
C GLN E 492 33.20 -9.15 -40.16
N LEU E 493 34.21 -9.45 -40.97
CA LEU E 493 34.55 -8.58 -42.07
C LEU E 493 33.46 -8.59 -43.13
N ASN E 494 33.35 -7.48 -43.86
CA ASN E 494 32.30 -7.35 -44.85
C ASN E 494 32.54 -8.32 -46.01
N PRO E 495 31.60 -9.22 -46.32
CA PRO E 495 31.78 -10.09 -47.48
C PRO E 495 31.61 -9.33 -48.79
N SER E 496 32.72 -9.11 -49.49
CA SER E 496 32.72 -8.36 -50.75
C SER E 496 32.08 -6.98 -50.59
N ILE F 50 -9.72 34.11 -9.83
CA ILE F 50 -10.81 33.77 -10.75
C ILE F 50 -11.56 32.55 -10.24
N PRO F 51 -12.85 32.47 -10.55
CA PRO F 51 -13.63 31.29 -10.15
C PRO F 51 -13.14 30.04 -10.87
N ARG F 52 -12.76 29.03 -10.10
CA ARG F 52 -12.29 27.76 -10.64
C ARG F 52 -13.40 26.73 -10.52
N LEU F 53 -13.74 26.10 -11.65
CA LEU F 53 -14.80 25.11 -11.65
C LEU F 53 -14.40 23.90 -10.82
N SER F 54 -15.37 23.34 -10.11
CA SER F 54 -15.11 22.17 -9.28
C SER F 54 -14.93 20.92 -10.14
N LYS F 55 -14.20 19.95 -9.61
CA LYS F 55 -13.99 18.70 -10.35
C LYS F 55 -15.31 17.95 -10.56
N VAL F 56 -16.07 17.75 -9.49
CA VAL F 56 -17.33 17.02 -9.61
C VAL F 56 -18.35 17.79 -10.42
N ASN F 57 -18.24 19.11 -10.48
CA ASN F 57 -19.11 19.91 -11.34
C ASN F 57 -18.71 19.78 -12.81
N LEU F 58 -17.41 19.68 -13.08
CA LEU F 58 -16.96 19.51 -14.46
C LEU F 58 -17.32 18.11 -14.97
N PHE F 59 -17.05 17.08 -14.16
CA PHE F 59 -17.40 15.72 -14.56
C PHE F 59 -18.91 15.56 -14.72
N THR F 60 -19.69 16.29 -13.93
CA THR F 60 -21.14 16.30 -14.12
C THR F 60 -21.51 17.05 -15.40
N LEU F 61 -20.86 18.19 -15.64
CA LEU F 61 -21.15 18.98 -16.85
C LEU F 61 -20.75 18.22 -18.11
N LEU F 62 -19.60 17.55 -18.07
CA LEU F 62 -19.16 16.79 -19.24
C LEU F 62 -20.09 15.61 -19.52
N SER F 63 -20.60 14.97 -18.46
CA SER F 63 -21.54 13.87 -18.64
C SER F 63 -22.81 14.35 -19.32
N LEU F 64 -23.32 15.51 -18.91
CA LEU F 64 -24.47 16.10 -19.60
C LEU F 64 -24.13 16.44 -21.04
N TRP F 65 -22.94 16.99 -21.27
CA TRP F 65 -22.53 17.34 -22.63
C TRP F 65 -22.35 16.10 -23.49
N MET F 66 -21.81 15.01 -22.91
CA MET F 66 -21.61 13.79 -23.68
C MET F 66 -22.93 13.19 -24.13
N GLU F 67 -24.01 13.46 -23.41
CA GLU F 67 -25.35 13.04 -23.85
C GLU F 67 -25.75 13.71 -25.16
N LEU F 68 -25.17 14.86 -25.48
CA LEU F 68 -25.50 15.60 -26.69
C LEU F 68 -24.56 15.29 -27.85
N PHE F 69 -23.83 14.19 -27.79
CA PHE F 69 -22.94 13.84 -28.89
C PHE F 69 -23.78 13.51 -30.13
N PRO F 70 -23.50 14.13 -31.27
CA PRO F 70 -24.31 13.88 -32.46
C PRO F 70 -24.24 12.43 -32.92
N ALA F 71 -25.35 11.95 -33.45
CA ALA F 71 -25.44 10.57 -33.94
C ALA F 71 -26.04 10.52 -35.34
N GLN F 104 -38.96 5.32 -24.12
CA GLN F 104 -38.79 4.35 -23.05
C GLN F 104 -37.43 4.50 -22.38
N VAL F 105 -36.37 4.42 -23.19
CA VAL F 105 -35.00 4.56 -22.72
C VAL F 105 -34.38 5.78 -23.39
N LYS F 106 -33.81 6.66 -22.59
CA LYS F 106 -33.25 7.92 -23.08
C LYS F 106 -31.74 7.82 -23.20
N ARG F 107 -31.19 8.60 -24.12
CA ARG F 107 -29.74 8.64 -24.31
C ARG F 107 -29.06 9.18 -23.06
N THR F 108 -27.91 8.58 -22.73
CA THR F 108 -27.19 8.91 -21.50
C THR F 108 -25.71 9.12 -21.81
N GLY F 109 -25.16 10.23 -21.33
CA GLY F 109 -23.73 10.44 -21.38
C GLY F 109 -23.03 9.92 -20.14
N LEU F 110 -21.71 9.79 -20.24
CA LEU F 110 -20.97 9.20 -19.14
C LEU F 110 -19.53 9.71 -19.16
N VAL F 111 -18.98 9.91 -17.98
CA VAL F 111 -17.58 10.29 -17.79
C VAL F 111 -16.95 9.30 -16.84
N VAL F 112 -15.88 8.65 -17.28
CA VAL F 112 -15.13 7.70 -16.46
C VAL F 112 -13.89 8.41 -15.95
N VAL F 113 -13.74 8.51 -14.63
CA VAL F 113 -12.68 9.27 -14.00
C VAL F 113 -11.85 8.32 -13.14
N LYS F 114 -10.54 8.30 -13.36
CA LYS F 114 -9.61 7.49 -12.59
C LYS F 114 -8.51 8.40 -12.07
N ASN F 115 -8.30 8.38 -10.74
CA ASN F 115 -7.31 9.23 -10.09
C ASN F 115 -7.55 10.70 -10.40
N MET F 116 -8.82 11.10 -10.42
CA MET F 116 -9.24 12.47 -10.71
C MET F 116 -8.77 12.92 -12.09
N LYS F 117 -8.64 11.98 -13.02
CA LYS F 117 -8.30 12.26 -14.41
C LYS F 117 -9.28 11.51 -15.30
N ILE F 118 -9.82 12.20 -16.30
CA ILE F 118 -10.80 11.58 -17.19
C ILE F 118 -10.12 10.54 -18.06
N VAL F 119 -10.63 9.31 -18.05
CA VAL F 119 -10.07 8.22 -18.82
C VAL F 119 -11.10 7.66 -19.80
N GLY F 120 -12.18 8.39 -20.05
CA GLY F 120 -13.17 7.96 -21.01
C GLY F 120 -14.42 8.83 -21.03
N LEU F 121 -14.90 9.14 -22.23
CA LEU F 121 -16.13 9.90 -22.43
C LEU F 121 -17.03 9.07 -23.33
N HIS F 122 -18.18 8.64 -22.80
CA HIS F 122 -19.06 7.71 -23.51
C HIS F 122 -20.43 8.34 -23.70
N CYS F 123 -21.19 7.75 -24.62
CA CYS F 123 -22.56 8.13 -24.88
C CYS F 123 -23.35 6.87 -25.19
N SER F 124 -24.67 6.95 -24.98
CA SER F 124 -25.53 5.78 -25.17
C SER F 124 -25.83 5.63 -26.66
N SER F 125 -25.39 4.52 -27.25
CA SER F 125 -25.68 4.25 -28.64
C SER F 125 -27.13 3.79 -28.80
N GLU F 126 -27.56 3.70 -30.07
CA GLU F 126 -28.91 3.25 -30.34
C GLU F 126 -29.13 1.78 -29.98
N ASP F 127 -28.04 1.03 -29.75
CA ASP F 127 -28.12 -0.38 -29.39
C ASP F 127 -27.80 -0.65 -27.92
N LEU F 128 -26.73 -0.05 -27.41
CA LEU F 128 -26.26 -0.30 -26.05
C LEU F 128 -26.55 0.88 -25.15
N HIS F 129 -26.20 0.72 -23.88
CA HIS F 129 -26.34 1.76 -22.87
C HIS F 129 -24.98 2.34 -22.51
N ALA F 130 -25.01 3.50 -21.86
CA ALA F 130 -23.76 4.16 -21.48
C ALA F 130 -22.99 3.33 -20.46
N GLY F 131 -23.68 2.74 -19.49
CA GLY F 131 -23.02 1.91 -18.50
C GLY F 131 -22.51 0.60 -19.04
N GLN F 132 -23.08 0.10 -20.13
CA GLN F 132 -22.62 -1.12 -20.76
C GLN F 132 -21.50 -0.88 -21.75
N ILE F 133 -21.47 0.30 -22.38
CA ILE F 133 -20.36 0.64 -23.28
C ILE F 133 -19.08 0.83 -22.49
N ALA F 134 -19.17 1.42 -21.29
CA ALA F 134 -17.99 1.60 -20.45
C ALA F 134 -17.39 0.26 -20.06
N LEU F 135 -18.24 -0.73 -19.78
CA LEU F 135 -17.73 -2.07 -19.44
C LEU F 135 -17.01 -2.69 -20.62
N ILE F 136 -17.55 -2.51 -21.83
CA ILE F 136 -16.89 -3.05 -23.02
C ILE F 136 -15.57 -2.35 -23.27
N LYS F 137 -15.56 -1.01 -23.18
CA LYS F 137 -14.36 -0.25 -23.51
C LYS F 137 -13.27 -0.42 -22.45
N HIS F 138 -13.64 -0.55 -21.18
CA HIS F 138 -12.68 -0.63 -20.10
C HIS F 138 -12.59 -2.01 -19.47
N GLY F 139 -13.70 -2.57 -19.02
CA GLY F 139 -13.66 -3.89 -18.41
C GLY F 139 -13.23 -3.80 -16.97
N SER F 140 -12.19 -4.56 -16.61
CA SER F 140 -11.67 -4.53 -15.25
C SER F 140 -11.00 -3.21 -14.91
N ARG F 141 -10.69 -2.40 -15.92
CA ARG F 141 -10.07 -1.10 -15.67
C ARG F 141 -11.02 -0.11 -14.99
N LEU F 142 -12.31 -0.44 -14.91
CA LEU F 142 -13.25 0.38 -14.14
C LEU F 142 -13.02 0.30 -12.64
N LYS F 143 -12.15 -0.60 -12.19
CA LYS F 143 -11.84 -0.72 -10.77
C LYS F 143 -11.32 0.59 -10.22
N ASN F 144 -11.87 1.02 -9.08
CA ASN F 144 -11.49 2.26 -8.41
C ASN F 144 -11.67 3.48 -9.33
N CYS F 145 -12.74 3.49 -10.12
CA CYS F 145 -13.04 4.60 -11.00
C CYS F 145 -14.34 5.28 -10.56
N ASP F 146 -14.41 6.58 -10.77
CA ASP F 146 -15.60 7.38 -10.48
C ASP F 146 -16.36 7.59 -11.78
N LEU F 147 -17.59 7.07 -11.83
CA LEU F 147 -18.42 7.17 -13.02
C LEU F 147 -19.49 8.22 -12.80
N TYR F 148 -19.60 9.14 -13.74
CA TYR F 148 -20.56 10.25 -13.68
C TYR F 148 -21.54 10.09 -14.82
N PHE F 149 -22.69 9.48 -14.54
CA PHE F 149 -23.74 9.37 -15.55
C PHE F 149 -24.58 10.63 -15.59
N SER F 150 -25.25 10.85 -16.72
CA SER F 150 -26.23 11.91 -16.84
C SER F 150 -27.63 11.44 -16.52
N ARG F 151 -27.83 10.14 -16.37
CA ARG F 151 -29.08 9.56 -15.91
C ARG F 151 -28.74 8.39 -15.01
N LYS F 152 -29.60 8.11 -14.05
CA LYS F 152 -29.34 7.01 -13.12
C LYS F 152 -29.30 5.70 -13.90
N PRO F 153 -28.22 4.92 -13.79
CA PRO F 153 -28.12 3.68 -14.57
C PRO F 153 -29.17 2.67 -14.15
N CYS F 154 -29.60 1.86 -15.13
CA CYS F 154 -30.58 0.83 -14.87
C CYS F 154 -29.96 -0.29 -14.04
N SER F 155 -30.79 -1.30 -13.72
CA SER F 155 -30.30 -2.43 -12.94
C SER F 155 -29.23 -3.20 -13.69
N ALA F 156 -29.41 -3.39 -15.01
CA ALA F 156 -28.42 -4.12 -15.80
C ALA F 156 -27.10 -3.37 -15.83
N CYS F 157 -27.13 -2.06 -16.02
CA CYS F 157 -25.90 -1.29 -16.07
C CYS F 157 -25.24 -1.15 -14.70
N LEU F 158 -26.04 -1.05 -13.64
CA LEU F 158 -25.48 -0.89 -12.30
C LEU F 158 -24.78 -2.16 -11.84
N LYS F 159 -25.41 -3.32 -12.06
CA LYS F 159 -24.82 -4.57 -11.56
C LYS F 159 -23.52 -4.88 -12.27
N MET F 160 -23.38 -4.50 -13.54
CA MET F 160 -22.16 -4.80 -14.28
C MET F 160 -21.00 -3.89 -13.90
N ILE F 161 -21.29 -2.65 -13.49
CA ILE F 161 -20.19 -1.73 -13.15
C ILE F 161 -19.76 -1.91 -11.71
N VAL F 162 -20.68 -2.28 -10.82
CA VAL F 162 -20.28 -2.58 -9.44
C VAL F 162 -19.49 -3.88 -9.40
N ASN F 163 -19.77 -4.79 -10.33
CA ASN F 163 -18.93 -5.99 -10.47
C ASN F 163 -17.53 -5.62 -10.92
N ALA F 164 -17.41 -4.66 -11.84
CA ALA F 164 -16.10 -4.25 -12.33
C ALA F 164 -15.25 -3.67 -11.21
N GLY F 165 -15.88 -2.98 -10.26
CA GLY F 165 -15.17 -2.46 -9.11
C GLY F 165 -15.13 -0.95 -9.04
N VAL F 166 -16.13 -0.29 -9.61
CA VAL F 166 -16.17 1.16 -9.59
C VAL F 166 -16.28 1.65 -8.15
N ASN F 167 -15.81 2.88 -7.93
CA ASN F 167 -15.79 3.47 -6.59
C ASN F 167 -17.06 4.26 -6.31
N ARG F 168 -17.33 5.28 -7.12
CA ARG F 168 -18.50 6.13 -6.97
C ARG F 168 -19.28 6.18 -8.27
N ILE F 169 -20.59 6.16 -8.17
CA ILE F 169 -21.47 6.26 -9.33
C ILE F 169 -22.35 7.49 -9.11
N SER F 170 -21.90 8.63 -9.62
CA SER F 170 -22.70 9.85 -9.58
C SER F 170 -23.68 9.87 -10.74
N TYR F 171 -24.74 10.64 -10.57
CA TYR F 171 -25.75 10.74 -11.62
C TYR F 171 -26.47 12.07 -11.50
N TRP F 172 -27.12 12.46 -12.60
CA TRP F 172 -27.89 13.69 -12.66
C TRP F 172 -29.31 13.38 -12.22
N PRO F 173 -29.78 13.90 -11.09
CA PRO F 173 -31.07 13.48 -10.54
C PRO F 173 -32.26 14.18 -11.21
N ALA F 174 -32.40 13.95 -12.51
CA ALA F 174 -33.53 14.45 -13.28
C ALA F 174 -34.45 13.34 -13.76
N ASP F 175 -33.91 12.36 -14.49
CA ASP F 175 -34.69 11.24 -15.00
C ASP F 175 -33.75 10.08 -15.31
N PRO F 176 -34.01 8.89 -14.75
CA PRO F 176 -33.09 7.76 -14.96
C PRO F 176 -33.08 7.26 -16.40
N GLU F 177 -32.25 6.25 -16.68
CA GLU F 177 -32.17 5.71 -18.02
C GLU F 177 -33.51 5.17 -18.49
N ILE F 178 -34.13 4.31 -17.68
CA ILE F 178 -35.49 3.82 -17.96
C ILE F 178 -36.44 4.95 -17.58
N SER F 179 -36.94 5.67 -18.58
CA SER F 179 -37.67 6.90 -18.34
C SER F 179 -38.92 6.65 -17.50
N LEU F 180 -39.10 7.47 -16.46
CA LEU F 180 -40.29 7.42 -15.62
C LEU F 180 -41.41 8.32 -16.14
N LEU F 181 -41.15 9.09 -17.19
CA LEU F 181 -42.16 10.00 -17.75
C LEU F 181 -42.85 9.30 -18.92
N THR F 182 -43.64 8.29 -18.57
CA THR F 182 -44.38 7.51 -19.56
C THR F 182 -45.85 7.43 -19.19
N SER F 187 -44.41 4.01 -16.36
CA SER F 187 -44.61 2.60 -16.70
C SER F 187 -44.30 1.69 -15.52
N GLU F 188 -44.97 0.54 -15.47
CA GLU F 188 -44.72 -0.41 -14.39
C GLU F 188 -43.30 -0.96 -14.45
N ASP F 189 -42.81 -1.26 -15.67
CA ASP F 189 -41.45 -1.78 -15.80
C ASP F 189 -40.42 -0.75 -15.37
N ALA F 190 -40.62 0.52 -15.75
CA ALA F 190 -39.67 1.57 -15.37
C ALA F 190 -39.65 1.78 -13.86
N LYS F 191 -40.83 1.83 -13.25
CA LYS F 191 -40.91 2.05 -11.81
C LYS F 191 -40.35 0.84 -11.05
N LEU F 192 -40.61 -0.37 -11.55
CA LEU F 192 -40.08 -1.56 -10.91
C LEU F 192 -38.55 -1.61 -11.01
N ASP F 193 -38.00 -1.19 -12.15
CA ASP F 193 -36.56 -1.24 -12.33
C ASP F 193 -35.85 -0.30 -11.37
N ALA F 194 -36.43 0.88 -11.12
CA ALA F 194 -35.81 1.82 -10.20
C ALA F 194 -35.69 1.24 -8.79
N LYS F 195 -36.69 0.47 -8.36
CA LYS F 195 -36.61 -0.18 -7.06
C LYS F 195 -35.50 -1.21 -7.03
N ALA F 196 -35.30 -1.93 -8.14
CA ALA F 196 -34.22 -2.91 -8.20
C ALA F 196 -32.86 -2.24 -8.07
N VAL F 197 -32.70 -1.05 -8.67
CA VAL F 197 -31.47 -0.29 -8.51
C VAL F 197 -31.25 0.08 -7.05
N GLU F 198 -32.33 0.42 -6.35
CA GLU F 198 -32.22 0.81 -4.95
C GLU F 198 -31.77 -0.35 -4.08
N ARG F 199 -32.34 -1.53 -4.29
CA ARG F 199 -31.91 -2.71 -3.53
C ARG F 199 -30.47 -3.09 -3.88
N LEU F 200 -30.10 -2.96 -5.16
CA LEU F 200 -28.74 -3.25 -5.58
C LEU F 200 -27.75 -2.28 -4.94
N LYS F 201 -28.14 -1.01 -4.80
CA LYS F 201 -27.30 -0.04 -4.14
C LYS F 201 -27.09 -0.39 -2.67
N SER F 202 -28.15 -0.87 -2.00
CA SER F 202 -28.09 -1.08 -0.56
C SER F 202 -27.11 -2.19 -0.20
N ASN F 203 -27.21 -3.33 -0.87
CA ASN F 203 -26.38 -4.48 -0.52
C ASN F 203 -25.01 -4.46 -1.19
N SER F 204 -24.71 -3.44 -1.98
CA SER F 204 -23.40 -3.28 -2.59
C SER F 204 -22.63 -2.14 -1.91
N ARG F 205 -21.31 -2.18 -2.06
CA ARG F 205 -20.44 -1.21 -1.42
C ARG F 205 -20.13 0.00 -2.30
N ALA F 206 -20.69 0.06 -3.51
CA ALA F 206 -20.44 1.18 -4.40
C ALA F 206 -21.23 2.40 -3.97
N HIS F 207 -20.55 3.56 -4.00
CA HIS F 207 -21.17 4.81 -3.57
C HIS F 207 -22.00 5.37 -4.72
N VAL F 208 -23.23 4.89 -4.85
CA VAL F 208 -24.17 5.43 -5.83
C VAL F 208 -24.78 6.68 -5.21
N CYS F 209 -24.21 7.84 -5.52
CA CYS F 209 -24.63 9.09 -4.88
C CYS F 209 -24.83 10.19 -5.90
N VAL F 210 -25.04 11.41 -5.42
CA VAL F 210 -25.18 12.60 -6.27
C VAL F 210 -24.12 13.58 -5.82
N LEU F 211 -23.09 13.77 -6.64
CA LEU F 211 -21.98 14.66 -6.33
C LEU F 211 -22.19 16.07 -6.86
N LEU F 212 -23.41 16.41 -7.27
CA LEU F 212 -23.71 17.75 -7.76
C LEU F 212 -23.47 18.77 -6.65
N GLN F 213 -22.82 19.88 -6.99
CA GLN F 213 -22.47 20.90 -6.02
C GLN F 213 -22.93 22.27 -6.50
N PRO F 214 -23.27 23.17 -5.58
CA PRO F 214 -23.60 24.54 -5.98
C PRO F 214 -22.39 25.26 -6.54
N LEU F 215 -22.65 26.16 -7.49
CA LEU F 215 -21.59 26.93 -8.11
C LEU F 215 -21.20 28.11 -7.24
N VAL F 216 -20.01 28.65 -7.49
CA VAL F 216 -19.59 29.89 -6.86
C VAL F 216 -20.46 31.03 -7.36
N CYS F 217 -20.63 32.05 -6.50
CA CYS F 217 -21.50 33.17 -6.85
C CYS F 217 -21.02 33.88 -8.11
N TYR F 218 -19.71 34.09 -8.23
CA TYR F 218 -19.14 34.75 -9.40
C TYR F 218 -18.94 33.81 -10.57
N MET F 219 -19.16 32.51 -10.38
CA MET F 219 -18.86 31.53 -11.43
C MET F 219 -19.70 31.76 -12.67
N VAL F 220 -21.02 31.88 -12.50
CA VAL F 220 -21.90 32.02 -13.67
C VAL F 220 -21.62 33.33 -14.40
N GLN F 221 -21.41 34.41 -13.65
CA GLN F 221 -21.06 35.68 -14.28
C GLN F 221 -19.71 35.60 -14.97
N PHE F 222 -18.75 34.90 -14.36
CA PHE F 222 -17.44 34.74 -14.95
C PHE F 222 -17.50 33.99 -16.28
N VAL F 223 -18.31 32.92 -16.33
CA VAL F 223 -18.43 32.13 -17.55
C VAL F 223 -19.07 32.97 -18.66
N GLU F 224 -20.12 33.73 -18.32
CA GLU F 224 -20.82 34.52 -19.33
C GLU F 224 -19.92 35.61 -19.90
N GLU F 225 -19.19 36.34 -19.05
CA GLU F 225 -18.35 37.42 -19.53
C GLU F 225 -17.16 36.89 -20.33
N THR F 226 -16.55 35.80 -19.87
CA THR F 226 -15.42 35.22 -20.58
C THR F 226 -15.83 34.57 -21.90
N SER F 227 -17.10 34.19 -22.05
CA SER F 227 -17.55 33.56 -23.28
C SER F 227 -17.70 34.56 -24.41
N TYR F 228 -18.12 35.79 -24.11
CA TYR F 228 -18.19 36.81 -25.14
C TYR F 228 -16.82 37.23 -25.63
N LYS F 229 -15.77 36.99 -24.84
CA LYS F 229 -14.40 37.34 -25.20
C LYS F 229 -13.61 36.13 -25.69
N CYS F 230 -14.27 35.00 -25.91
CA CYS F 230 -13.57 33.79 -26.33
C CYS F 230 -13.12 33.90 -27.78
N ASP F 231 -12.26 32.97 -28.19
CA ASP F 231 -11.68 32.99 -29.52
C ASP F 231 -12.69 32.70 -30.62
N PHE F 232 -13.89 32.23 -30.28
CA PHE F 232 -14.90 31.87 -31.26
C PHE F 232 -16.00 32.90 -31.40
N ILE F 233 -16.46 33.49 -30.30
CA ILE F 233 -17.43 34.57 -30.39
C ILE F 233 -16.77 35.82 -30.96
N GLN F 234 -15.52 36.09 -30.56
CA GLN F 234 -14.82 37.26 -31.06
C GLN F 234 -14.57 37.17 -32.56
N LYS F 235 -14.32 35.95 -33.05
CA LYS F 235 -14.11 35.75 -34.49
C LYS F 235 -15.35 36.14 -35.28
N ILE F 236 -16.54 35.75 -34.80
CA ILE F 236 -17.77 36.10 -35.48
C ILE F 236 -18.04 37.60 -35.37
N THR F 237 -17.70 38.19 -34.22
CA THR F 237 -18.02 39.60 -33.99
C THR F 237 -17.31 40.51 -34.99
N LYS F 238 -16.05 40.22 -35.29
CA LYS F 238 -15.27 41.03 -36.22
C LYS F 238 -15.60 40.75 -37.69
N THR F 239 -16.58 39.89 -37.96
CA THR F 239 -17.00 39.61 -39.33
C THR F 239 -18.29 40.34 -39.66
N ASP F 246 -24.42 40.77 -29.89
CA ASP F 246 -25.87 40.65 -29.74
C ASP F 246 -26.35 39.25 -30.10
N PHE F 247 -25.64 38.62 -31.05
CA PHE F 247 -26.03 37.29 -31.50
C PHE F 247 -25.78 36.24 -30.42
N TYR F 248 -24.77 36.45 -29.57
CA TYR F 248 -24.43 35.44 -28.58
C TYR F 248 -25.57 35.24 -27.58
N TYR F 249 -26.19 36.33 -27.13
CA TYR F 249 -27.30 36.20 -26.19
C TYR F 249 -28.48 35.49 -26.81
N GLU F 250 -28.78 35.77 -28.08
CA GLU F 250 -29.88 35.11 -28.76
C GLU F 250 -29.64 33.60 -28.88
N CYS F 251 -28.40 33.21 -29.20
CA CYS F 251 -28.07 31.79 -29.27
C CYS F 251 -28.08 31.15 -27.89
N LYS F 252 -27.71 31.91 -26.86
CA LYS F 252 -27.69 31.37 -25.50
C LYS F 252 -29.10 31.07 -25.01
N GLN F 253 -30.05 31.95 -25.33
CA GLN F 253 -31.41 31.78 -24.82
C GLN F 253 -32.05 30.50 -25.38
N GLU F 254 -31.87 30.24 -26.67
CA GLU F 254 -32.46 29.04 -27.26
C GLU F 254 -31.79 27.77 -26.76
N ARG F 255 -30.49 27.85 -26.44
CA ARG F 255 -29.83 26.71 -25.81
C ARG F 255 -30.37 26.48 -24.40
N ILE F 256 -30.70 27.56 -23.69
CA ILE F 256 -31.28 27.42 -22.36
C ILE F 256 -32.62 26.69 -22.44
N LYS F 257 -33.46 27.06 -23.41
CA LYS F 257 -34.74 26.39 -23.57
C LYS F 257 -34.56 24.92 -23.91
N GLU F 258 -33.62 24.60 -24.81
CA GLU F 258 -33.41 23.22 -25.22
C GLU F 258 -32.82 22.39 -24.08
N TYR F 259 -31.83 22.94 -23.37
CA TYR F 259 -31.12 22.16 -22.37
C TYR F 259 -31.92 21.97 -21.09
N GLU F 260 -32.75 22.96 -20.72
CA GLU F 260 -33.58 22.82 -19.55
C GLU F 260 -34.75 21.89 -19.80
N MET F 261 -35.30 21.90 -21.01
CA MET F 261 -36.37 20.97 -21.36
C MET F 261 -35.89 19.54 -21.40
N LEU F 262 -34.59 19.32 -21.57
CA LEU F 262 -34.01 17.97 -21.65
C LEU F 262 -33.38 17.51 -20.35
N PHE F 263 -32.62 18.38 -19.67
CA PHE F 263 -31.89 18.00 -18.48
C PHE F 263 -32.61 18.35 -17.17
N LEU F 264 -33.75 19.04 -17.24
CA LEU F 264 -34.48 19.45 -16.06
C LEU F 264 -35.94 19.03 -16.17
N VAL F 265 -36.51 18.61 -15.05
CA VAL F 265 -37.94 18.35 -14.95
C VAL F 265 -38.59 19.65 -14.52
N SER F 266 -39.30 20.29 -15.46
CA SER F 266 -39.88 21.60 -15.18
C SER F 266 -40.92 21.54 -14.06
N ASN F 267 -41.77 20.52 -14.09
CA ASN F 267 -42.82 20.40 -13.09
C ASN F 267 -42.23 19.99 -11.75
N GLU F 268 -42.58 20.76 -10.70
CA GLU F 268 -42.09 20.43 -9.36
C GLU F 268 -42.69 19.13 -8.86
N GLU F 269 -43.98 18.90 -9.15
CA GLU F 269 -44.62 17.65 -8.74
C GLU F 269 -44.00 16.45 -9.44
N MET F 270 -43.74 16.58 -10.74
CA MET F 270 -43.15 15.48 -11.49
C MET F 270 -41.75 15.16 -11.01
N HIS F 271 -40.94 16.20 -10.77
CA HIS F 271 -39.58 15.97 -10.25
C HIS F 271 -39.64 15.43 -8.83
N LYS F 272 -40.64 15.82 -8.06
CA LYS F 272 -40.81 15.28 -6.71
C LYS F 272 -41.04 13.77 -6.75
N GLN F 273 -41.87 13.31 -7.70
CA GLN F 273 -42.12 11.88 -7.84
C GLN F 273 -40.86 11.12 -8.21
N ILE F 274 -40.05 11.68 -9.12
CA ILE F 274 -38.85 11.00 -9.58
C ILE F 274 -37.86 10.83 -8.44
N LEU F 275 -37.65 11.88 -7.64
CA LEU F 275 -36.72 11.80 -6.53
C LEU F 275 -37.20 10.79 -5.48
N MET F 276 -38.50 10.62 -5.35
CA MET F 276 -39.02 9.57 -4.46
C MET F 276 -38.78 8.19 -5.07
N THR F 277 -38.89 8.08 -6.39
CA THR F 277 -38.75 6.80 -7.07
C THR F 277 -37.30 6.32 -7.11
N ILE F 278 -36.35 7.24 -7.22
CA ILE F 278 -34.95 6.89 -7.38
C ILE F 278 -34.20 6.92 -6.04
N GLY F 279 -34.90 6.79 -4.93
CA GLY F 279 -34.26 6.73 -3.63
C GLY F 279 -33.58 8.02 -3.19
N LEU F 280 -34.24 9.15 -3.39
CA LEU F 280 -33.71 10.43 -2.93
C LEU F 280 -34.74 11.14 -2.07
N GLU F 281 -35.33 10.40 -1.11
CA GLU F 281 -36.39 10.95 -0.28
C GLU F 281 -35.88 12.11 0.57
N ASN F 282 -34.65 12.00 1.08
CA ASN F 282 -34.08 13.08 1.89
C ASN F 282 -33.90 14.37 1.11
N LEU F 283 -33.89 14.30 -0.23
CA LEU F 283 -33.82 15.48 -1.07
C LEU F 283 -35.18 15.94 -1.56
N CYS F 284 -36.27 15.32 -1.08
CA CYS F 284 -37.61 15.67 -1.49
C CYS F 284 -38.25 16.74 -0.62
N GLU F 285 -37.59 17.16 0.45
CA GLU F 285 -38.14 18.13 1.39
C GLU F 285 -37.37 19.44 1.31
N ASN F 286 -38.10 20.56 1.36
CA ASN F 286 -37.47 21.86 1.33
C ASN F 286 -36.66 22.07 2.61
N PRO F 287 -35.55 22.82 2.54
CA PRO F 287 -35.02 23.53 1.36
C PRO F 287 -34.16 22.65 0.48
N TYR F 288 -34.00 21.36 0.81
CA TYR F 288 -33.16 20.46 0.03
C TYR F 288 -33.76 20.15 -1.33
N PHE F 289 -35.09 20.27 -1.48
CA PHE F 289 -35.69 20.14 -2.80
C PHE F 289 -35.42 21.37 -3.66
N SER F 290 -35.51 22.56 -3.07
CA SER F 290 -35.23 23.79 -3.82
C SER F 290 -33.74 24.00 -4.03
N ASN F 291 -32.90 23.56 -3.08
CA ASN F 291 -31.46 23.70 -3.26
C ASN F 291 -30.97 22.86 -4.43
N LEU F 292 -31.39 21.59 -4.48
CA LEU F 292 -30.99 20.72 -5.58
C LEU F 292 -31.53 21.24 -6.90
N ARG F 293 -32.79 21.67 -6.92
CA ARG F 293 -33.37 22.21 -8.15
C ARG F 293 -32.65 23.47 -8.61
N GLN F 294 -32.33 24.37 -7.68
CA GLN F 294 -31.62 25.58 -8.04
C GLN F 294 -30.21 25.28 -8.55
N ASN F 295 -29.51 24.34 -7.89
CA ASN F 295 -28.18 23.97 -8.34
C ASN F 295 -28.23 23.30 -9.71
N MET F 296 -29.25 22.48 -9.97
CA MET F 296 -29.40 21.86 -11.27
C MET F 296 -29.61 22.90 -12.36
N LYS F 297 -30.43 23.92 -12.09
CA LYS F 297 -30.61 25.00 -13.05
C LYS F 297 -29.34 25.82 -13.22
N ASP F 298 -28.55 25.97 -12.16
CA ASP F 298 -27.31 26.73 -12.24
C ASP F 298 -26.31 26.07 -13.18
N LEU F 299 -26.21 24.74 -13.14
CA LEU F 299 -25.27 24.04 -14.00
C LEU F 299 -25.75 24.01 -15.45
N ILE F 300 -27.06 23.90 -15.66
CA ILE F 300 -27.59 23.92 -17.02
C ILE F 300 -27.41 25.30 -17.65
N LEU F 301 -27.58 26.35 -16.84
CA LEU F 301 -27.32 27.70 -17.33
C LEU F 301 -25.86 27.87 -17.71
N LEU F 302 -24.95 27.30 -16.92
CA LEU F 302 -23.53 27.36 -17.26
C LEU F 302 -23.24 26.55 -18.51
N LEU F 303 -23.86 25.36 -18.63
CA LEU F 303 -23.64 24.54 -19.81
C LEU F 303 -24.15 25.23 -21.07
N ALA F 304 -25.35 25.82 -21.00
CA ALA F 304 -25.87 26.55 -22.15
C ALA F 304 -25.04 27.78 -22.45
N THR F 305 -24.36 28.32 -21.43
CA THR F 305 -23.45 29.45 -21.67
C THR F 305 -22.18 28.99 -22.38
N VAL F 306 -21.61 27.85 -21.96
CA VAL F 306 -20.41 27.34 -22.60
C VAL F 306 -20.73 26.81 -23.98
N ALA F 307 -21.84 26.09 -24.13
CA ALA F 307 -22.19 25.50 -25.42
C ALA F 307 -22.44 26.59 -26.47
N SER F 308 -23.08 27.68 -26.07
CA SER F 308 -23.34 28.77 -27.00
C SER F 308 -22.07 29.51 -27.39
N SER F 309 -20.99 29.36 -26.62
CA SER F 309 -19.75 30.05 -26.94
C SER F 309 -19.10 29.52 -28.22
N VAL F 310 -19.39 28.28 -28.59
CA VAL F 310 -18.99 27.74 -29.88
C VAL F 310 -20.27 27.55 -30.69
N PRO F 311 -20.83 28.62 -31.24
CA PRO F 311 -22.21 28.56 -31.75
C PRO F 311 -22.31 28.09 -33.19
N ASN F 312 -23.48 27.52 -33.50
CA ASN F 312 -23.84 27.20 -34.88
C ASN F 312 -24.53 28.43 -35.49
N PHE F 313 -23.73 29.46 -35.69
CA PHE F 313 -24.19 30.74 -36.21
C PHE F 313 -23.74 30.88 -37.66
N LYS F 314 -24.69 31.07 -38.56
CA LYS F 314 -24.43 31.18 -39.99
C LYS F 314 -23.65 29.96 -40.48
N HIS F 315 -22.71 30.19 -41.41
CA HIS F 315 -21.90 29.13 -41.98
C HIS F 315 -20.51 29.06 -41.33
N PHE F 316 -20.42 29.38 -40.05
CA PHE F 316 -19.15 29.32 -39.34
C PHE F 316 -18.82 27.89 -38.93
N GLY F 317 -17.53 27.58 -38.93
CA GLY F 317 -17.09 26.25 -38.57
C GLY F 317 -15.58 26.16 -38.59
N PHE F 318 -15.09 24.94 -38.45
CA PHE F 318 -13.65 24.66 -38.43
C PHE F 318 -13.24 24.23 -39.83
N TYR F 319 -12.53 25.11 -40.54
CA TYR F 319 -12.12 24.85 -41.91
C TYR F 319 -10.63 25.11 -42.06
N ARG F 320 -10.02 24.42 -43.02
CA ARG F 320 -8.59 24.56 -43.27
C ARG F 320 -8.30 25.90 -43.94
N SER F 321 -7.03 26.29 -43.90
CA SER F 321 -6.54 27.51 -44.54
C SER F 321 -5.63 27.08 -45.69
N ASN F 322 -6.20 27.01 -46.88
CA ASN F 322 -5.48 26.56 -48.07
C ASN F 322 -4.38 27.54 -48.46
N HIS F 330 -5.01 11.95 -41.11
CA HIS F 330 -5.50 12.26 -42.44
C HIS F 330 -5.58 13.77 -42.67
N ASN F 331 -6.44 14.17 -43.60
CA ASN F 331 -6.61 15.59 -43.91
C ASN F 331 -8.08 16.01 -43.99
N GLN F 332 -9.01 15.07 -43.90
CA GLN F 332 -10.43 15.41 -44.00
C GLN F 332 -10.94 15.99 -42.69
N SER F 333 -11.76 17.04 -42.81
CA SER F 333 -12.34 17.67 -41.63
C SER F 333 -13.42 16.80 -41.00
N LEU F 334 -13.54 16.91 -39.69
CA LEU F 334 -14.63 16.25 -38.99
C LEU F 334 -15.96 16.92 -39.32
N PRO F 335 -17.07 16.21 -39.15
CA PRO F 335 -18.38 16.87 -39.29
C PRO F 335 -18.50 18.03 -38.31
N GLN F 336 -19.15 19.10 -38.76
CA GLN F 336 -19.18 20.34 -37.98
C GLN F 336 -19.86 20.14 -36.63
N GLU F 337 -20.89 19.29 -36.58
CA GLU F 337 -21.55 19.02 -35.30
C GLU F 337 -20.58 18.36 -34.32
N ILE F 338 -19.75 17.44 -34.81
CA ILE F 338 -18.77 16.78 -33.94
C ILE F 338 -17.69 17.75 -33.51
N ALA F 339 -17.18 18.56 -34.44
CA ALA F 339 -16.10 19.49 -34.12
C ALA F 339 -16.55 20.50 -33.07
N ARG F 340 -17.76 21.04 -33.22
CA ARG F 340 -18.28 21.99 -32.25
C ARG F 340 -18.48 21.31 -30.89
N HIS F 341 -18.99 20.09 -30.88
CA HIS F 341 -19.21 19.37 -29.62
C HIS F 341 -17.89 19.11 -28.90
N CYS F 342 -16.87 18.67 -29.65
CA CYS F 342 -15.58 18.40 -29.04
C CYS F 342 -14.87 19.68 -28.60
N MET F 343 -15.11 20.79 -29.30
CA MET F 343 -14.53 22.06 -28.89
C MET F 343 -15.13 22.57 -27.59
N VAL F 344 -16.43 22.35 -27.38
CA VAL F 344 -17.06 22.73 -26.12
C VAL F 344 -16.49 21.91 -24.97
N GLN F 345 -16.17 20.63 -25.22
CA GLN F 345 -15.47 19.84 -24.22
C GLN F 345 -14.14 20.49 -23.85
N ALA F 346 -13.36 20.88 -24.85
CA ALA F 346 -12.13 21.61 -24.58
C ALA F 346 -12.40 22.96 -23.94
N ARG F 347 -13.59 23.52 -24.16
CA ARG F 347 -13.95 24.79 -23.56
C ARG F 347 -14.44 24.66 -22.13
N LEU F 348 -15.07 23.53 -21.78
CA LEU F 348 -15.45 23.30 -20.39
C LEU F 348 -14.22 23.07 -19.52
N LEU F 349 -13.20 22.39 -20.07
CA LEU F 349 -11.96 22.19 -19.33
C LEU F 349 -11.25 23.51 -19.09
N ALA F 350 -11.48 24.50 -19.95
CA ALA F 350 -10.81 25.79 -19.83
C ALA F 350 -11.16 26.50 -18.53
N TYR F 351 -12.25 26.11 -17.88
CA TYR F 351 -12.67 26.75 -16.63
C TYR F 351 -12.12 26.03 -15.40
N ARG F 352 -11.26 25.05 -15.58
CA ARG F 352 -10.47 24.47 -14.49
C ARG F 352 -9.12 25.12 -14.36
N THR F 353 -8.87 26.21 -15.09
CA THR F 353 -7.55 26.82 -15.15
C THR F 353 -7.08 27.26 -13.77
N GLU F 354 -5.82 26.96 -13.48
CA GLU F 354 -5.23 27.24 -12.17
C GLU F 354 -4.47 28.57 -12.21
N ASP F 355 -5.03 29.57 -11.54
CA ASP F 355 -4.37 30.86 -11.32
C ASP F 355 -3.84 31.46 -12.62
N HIS F 356 -4.76 31.70 -13.54
CA HIS F 356 -4.41 32.30 -14.83
C HIS F 356 -5.68 32.91 -15.41
N LYS F 357 -5.66 34.22 -15.64
CA LYS F 357 -6.90 34.95 -15.92
C LYS F 357 -7.60 34.43 -17.17
N THR F 358 -6.84 34.18 -18.23
CA THR F 358 -7.41 33.60 -19.44
C THR F 358 -7.24 32.08 -19.38
N GLY F 359 -8.33 31.36 -19.63
CA GLY F 359 -8.34 29.91 -19.50
C GLY F 359 -8.18 29.21 -20.84
N VAL F 360 -7.37 28.16 -20.83
CA VAL F 360 -7.13 27.34 -22.02
C VAL F 360 -7.41 25.89 -21.66
N GLY F 361 -8.17 25.21 -22.51
CA GLY F 361 -8.46 23.81 -22.32
C GLY F 361 -8.27 23.04 -23.60
N ALA F 362 -7.90 21.78 -23.46
CA ALA F 362 -7.60 20.92 -24.60
C ALA F 362 -8.26 19.56 -24.42
N VAL F 363 -8.55 18.92 -25.55
CA VAL F 363 -9.09 17.56 -25.57
C VAL F 363 -8.60 16.88 -26.84
N ILE F 364 -8.24 15.61 -26.74
CA ILE F 364 -7.74 14.83 -27.86
C ILE F 364 -8.72 13.71 -28.16
N TRP F 365 -9.14 13.62 -29.42
CA TRP F 365 -10.03 12.57 -29.89
C TRP F 365 -9.37 11.86 -31.07
N ALA F 366 -9.57 10.55 -31.14
CA ALA F 366 -9.06 9.74 -32.24
C ALA F 366 -10.20 8.95 -32.86
N GLU F 367 -10.11 8.76 -34.17
CA GLU F 367 -11.14 8.09 -34.95
C GLU F 367 -10.66 6.69 -35.32
N GLY F 368 -11.27 5.68 -34.71
CA GLY F 368 -10.90 4.31 -35.03
C GLY F 368 -11.30 3.93 -36.44
N LYS F 369 -10.51 3.03 -37.02
CA LYS F 369 -10.74 2.59 -38.39
C LYS F 369 -11.80 1.51 -38.51
N SER F 370 -12.26 0.95 -37.39
CA SER F 370 -13.19 -0.16 -37.38
C SER F 370 -14.50 0.25 -36.72
N ARG F 371 -15.41 -0.71 -36.61
CA ARG F 371 -16.70 -0.47 -35.97
C ARG F 371 -16.53 -0.35 -34.46
N SER F 372 -17.44 0.40 -33.85
CA SER F 372 -17.40 0.62 -32.41
C SER F 372 -18.80 0.51 -31.83
N CYS F 373 -18.86 0.14 -30.56
CA CYS F 373 -20.13 0.01 -29.84
C CYS F 373 -20.55 1.28 -29.14
N ASP F 374 -19.71 2.31 -29.14
CA ASP F 374 -20.01 3.53 -28.40
C ASP F 374 -21.06 4.36 -29.12
N GLY F 375 -21.66 5.29 -28.37
CA GLY F 375 -22.58 6.24 -28.95
C GLY F 375 -21.93 7.38 -29.68
N THR F 376 -20.62 7.54 -29.54
CA THR F 376 -19.86 8.55 -30.28
C THR F 376 -19.44 8.07 -31.66
N GLY F 377 -19.67 6.80 -31.98
CA GLY F 377 -19.25 6.25 -33.25
C GLY F 377 -17.85 5.66 -33.20
N ALA F 378 -17.12 5.79 -34.31
CA ALA F 378 -15.76 5.26 -34.35
C ALA F 378 -14.83 6.05 -33.44
N MET F 379 -15.16 7.29 -33.14
CA MET F 379 -14.28 8.15 -32.36
C MET F 379 -14.24 7.70 -30.89
N TYR F 380 -13.08 7.90 -30.27
CA TYR F 380 -12.91 7.63 -28.85
C TYR F 380 -12.06 8.74 -28.25
N PHE F 381 -12.12 8.84 -26.92
CA PHE F 381 -11.48 9.93 -26.19
C PHE F 381 -10.06 9.51 -25.81
N VAL F 382 -9.08 10.32 -26.19
CA VAL F 382 -7.67 10.00 -25.93
C VAL F 382 -7.18 10.66 -24.65
N GLY F 383 -7.40 11.97 -24.51
CA GLY F 383 -6.97 12.66 -23.32
C GLY F 383 -7.51 14.06 -23.27
N CYS F 384 -7.53 14.61 -22.07
CA CYS F 384 -7.97 15.98 -21.84
C CYS F 384 -7.03 16.67 -20.87
N GLY F 385 -6.97 17.99 -20.96
CA GLY F 385 -6.13 18.76 -20.07
C GLY F 385 -6.41 20.24 -20.15
N TYR F 386 -6.09 20.96 -19.08
CA TYR F 386 -6.30 22.41 -19.01
C TYR F 386 -5.01 23.09 -18.61
N ASN F 387 -4.87 24.34 -19.03
CA ASN F 387 -3.70 25.14 -18.69
C ASN F 387 -3.62 25.34 -17.19
N ALA F 388 -2.64 24.70 -16.55
CA ALA F 388 -2.55 24.74 -15.10
C ALA F 388 -1.09 24.50 -14.70
N PHE F 389 -0.83 24.59 -13.41
CA PHE F 389 0.49 24.40 -12.83
C PHE F 389 0.79 22.93 -12.64
N PRO F 390 2.06 22.57 -12.41
CA PRO F 390 2.40 21.17 -12.09
C PRO F 390 1.61 20.62 -10.90
N VAL F 391 1.71 19.31 -10.68
CA VAL F 391 0.90 18.65 -9.66
C VAL F 391 1.17 19.22 -8.27
N GLY F 392 2.38 19.72 -8.04
CA GLY F 392 2.67 20.36 -6.77
C GLY F 392 2.51 21.86 -6.84
N SER F 393 3.62 22.58 -6.72
CA SER F 393 3.62 24.03 -6.88
C SER F 393 4.82 24.43 -7.73
N GLU F 394 4.65 25.49 -8.52
CA GLU F 394 5.72 25.98 -9.37
C GLU F 394 5.79 27.50 -9.39
N TYR F 395 5.20 28.15 -8.38
CA TYR F 395 5.16 29.61 -8.28
C TYR F 395 4.36 30.25 -9.42
N ARG F 411 6.95 35.98 -16.00
CA ARG F 411 7.81 34.97 -15.40
C ARG F 411 6.99 33.89 -14.73
N LYS F 412 5.84 34.29 -14.16
CA LYS F 412 4.96 33.30 -13.52
C LYS F 412 4.33 32.37 -14.56
N PHE F 413 4.26 32.79 -15.81
CA PHE F 413 3.74 31.94 -16.87
C PHE F 413 4.75 30.88 -17.31
N ARG F 414 6.03 31.07 -16.98
CA ARG F 414 7.07 30.14 -17.40
C ARG F 414 6.96 28.78 -16.72
N TYR F 415 6.15 28.66 -15.67
CA TYR F 415 6.06 27.43 -14.88
C TYR F 415 4.65 26.83 -14.92
N ILE F 416 3.89 27.13 -15.96
CA ILE F 416 2.51 26.67 -16.08
C ILE F 416 2.43 25.70 -17.24
N ILE F 417 1.76 24.57 -17.01
CA ILE F 417 1.64 23.53 -18.04
C ILE F 417 0.46 23.88 -18.93
N HIS F 418 0.71 23.97 -20.23
CA HIS F 418 -0.32 24.36 -21.17
C HIS F 418 -1.37 23.26 -21.30
N ALA F 419 -2.50 23.62 -21.92
CA ALA F 419 -3.59 22.67 -22.07
C ALA F 419 -3.19 21.50 -22.97
N ALA F 420 -2.47 21.79 -24.06
CA ALA F 420 -2.04 20.71 -24.95
C ALA F 420 -1.06 19.77 -24.25
N GLN F 421 -0.15 20.31 -23.44
CA GLN F 421 0.82 19.48 -22.75
C GLN F 421 0.15 18.60 -21.70
N ASN F 422 -0.86 19.13 -21.01
CA ASN F 422 -1.60 18.33 -20.04
C ASN F 422 -2.33 17.18 -20.71
N ALA F 423 -2.93 17.44 -21.88
CA ALA F 423 -3.65 16.40 -22.60
C ALA F 423 -2.73 15.27 -23.04
N LEU F 424 -1.52 15.61 -23.53
CA LEU F 424 -0.57 14.59 -23.94
C LEU F 424 0.05 13.87 -22.75
N THR F 425 0.05 14.49 -21.57
CA THR F 425 0.61 13.85 -20.39
C THR F 425 -0.39 12.87 -19.78
N PHE F 426 -1.56 13.35 -19.40
CA PHE F 426 -2.58 12.53 -18.76
C PHE F 426 -3.59 12.03 -19.80
N ARG F 427 -3.11 11.19 -20.70
CA ARG F 427 -3.95 10.57 -21.71
C ARG F 427 -4.12 9.09 -21.38
N CYS F 428 -5.34 8.58 -21.61
CA CYS F 428 -5.61 7.17 -21.37
C CYS F 428 -5.19 6.33 -22.56
N GLN F 429 -5.77 6.59 -23.72
CA GLN F 429 -5.43 5.84 -24.93
C GLN F 429 -4.19 6.42 -25.59
N GLU F 430 -3.47 5.58 -26.31
CA GLU F 430 -2.30 6.01 -27.06
C GLU F 430 -2.71 6.49 -28.45
N ILE F 431 -1.86 7.30 -29.05
CA ILE F 431 -2.10 7.85 -30.38
C ILE F 431 -1.65 6.83 -31.41
N LYS F 432 -2.60 6.17 -32.05
CA LYS F 432 -2.28 5.18 -33.07
C LYS F 432 -1.86 5.88 -34.36
N PRO F 433 -0.69 5.58 -34.91
CA PRO F 433 -0.28 6.25 -36.16
C PRO F 433 -1.22 6.00 -37.32
N GLU F 434 -1.86 4.82 -37.38
CA GLU F 434 -2.76 4.54 -38.49
C GLU F 434 -4.07 5.30 -38.36
N GLU F 435 -4.49 5.63 -37.14
CA GLU F 435 -5.77 6.27 -36.92
C GLU F 435 -5.69 7.77 -37.18
N ARG F 436 -6.85 8.40 -37.32
CA ARG F 436 -6.96 9.84 -37.47
C ARG F 436 -7.27 10.43 -36.10
N SER F 437 -6.28 11.09 -35.49
CA SER F 437 -6.42 11.69 -34.18
C SER F 437 -6.33 13.19 -34.31
N MET F 438 -7.22 13.90 -33.61
CA MET F 438 -7.29 15.35 -33.66
C MET F 438 -7.38 15.91 -32.25
N ILE F 439 -6.83 17.11 -32.08
CA ILE F 439 -6.80 17.80 -30.79
C ILE F 439 -7.56 19.10 -30.92
N PHE F 440 -8.37 19.42 -29.91
CA PHE F 440 -9.17 20.64 -29.88
C PHE F 440 -8.63 21.51 -28.74
N VAL F 441 -8.10 22.68 -29.09
CA VAL F 441 -7.57 23.64 -28.13
C VAL F 441 -8.33 24.95 -28.29
N THR F 442 -8.76 25.52 -27.17
CA THR F 442 -9.57 26.73 -27.22
C THR F 442 -8.78 27.90 -27.82
N LYS F 443 -7.54 28.07 -27.39
CA LYS F 443 -6.66 29.10 -27.92
C LYS F 443 -5.71 28.51 -28.94
N CYS F 444 -5.07 29.38 -29.71
CA CYS F 444 -4.09 28.94 -30.69
C CYS F 444 -2.90 28.29 -29.97
N PRO F 445 -2.47 27.11 -30.40
CA PRO F 445 -1.32 26.47 -29.74
C PRO F 445 -0.08 27.34 -29.83
N CYS F 446 0.64 27.43 -28.71
CA CYS F 446 1.83 28.25 -28.65
C CYS F 446 2.99 27.55 -29.36
N ASP F 447 4.12 28.27 -29.46
CA ASP F 447 5.31 27.71 -30.08
C ASP F 447 5.88 26.56 -29.26
N GLU F 448 5.47 26.41 -28.00
CA GLU F 448 5.93 25.32 -27.18
C GLU F 448 5.11 24.05 -27.36
N CYS F 449 3.79 24.20 -27.59
CA CYS F 449 2.90 23.05 -27.70
C CYS F 449 2.84 22.48 -29.12
N VAL F 450 3.09 23.31 -30.14
CA VAL F 450 3.03 22.82 -31.51
C VAL F 450 4.02 21.68 -31.77
N PRO F 451 5.29 21.77 -31.37
CA PRO F 451 6.17 20.60 -31.55
C PRO F 451 5.69 19.36 -30.81
N LEU F 452 5.08 19.53 -29.64
CA LEU F 452 4.58 18.38 -28.90
C LEU F 452 3.38 17.74 -29.60
N ILE F 453 2.46 18.56 -30.11
CA ILE F 453 1.31 18.04 -30.83
C ILE F 453 1.76 17.35 -32.12
N LYS F 454 2.66 17.99 -32.86
CA LYS F 454 3.19 17.38 -34.08
C LYS F 454 4.02 16.14 -33.74
N GLY F 455 4.83 16.22 -32.69
CA GLY F 455 5.66 15.08 -32.33
C GLY F 455 4.87 13.89 -31.85
N ALA F 456 3.78 14.13 -31.12
CA ALA F 456 2.97 13.05 -30.58
C ALA F 456 2.23 12.26 -31.65
N GLY F 457 2.19 12.75 -32.88
CA GLY F 457 1.50 12.06 -33.95
C GLY F 457 0.05 12.49 -34.16
N ILE F 458 -0.36 13.62 -33.57
CA ILE F 458 -1.72 14.08 -33.76
C ILE F 458 -1.89 14.61 -35.18
N LYS F 459 -2.87 14.07 -35.90
CA LYS F 459 -3.00 14.37 -37.33
C LYS F 459 -3.62 15.73 -37.59
N GLN F 460 -4.57 16.17 -36.77
CA GLN F 460 -5.29 17.40 -37.03
C GLN F 460 -5.35 18.26 -35.77
N ILE F 461 -5.39 19.58 -35.98
CA ILE F 461 -5.51 20.55 -34.89
C ILE F 461 -6.71 21.43 -35.15
N TYR F 462 -7.59 21.54 -34.17
CA TYR F 462 -8.70 22.48 -34.20
C TYR F 462 -8.48 23.54 -33.13
N ALA F 463 -8.52 24.81 -33.54
CA ALA F 463 -8.18 25.89 -32.62
C ALA F 463 -8.86 27.17 -33.08
N GLY F 464 -8.71 28.21 -32.27
CA GLY F 464 -9.19 29.53 -32.61
C GLY F 464 -8.04 30.47 -32.96
N ASP F 465 -7.94 30.84 -34.23
CA ASP F 465 -6.81 31.64 -34.73
C ASP F 465 -7.03 33.13 -34.46
N VAL F 466 -7.27 33.45 -33.20
CA VAL F 466 -7.39 34.85 -32.79
C VAL F 466 -6.04 35.44 -32.43
N ASP F 467 -5.23 34.71 -31.66
CA ASP F 467 -3.91 35.15 -31.24
C ASP F 467 -2.80 34.42 -31.99
N VAL F 468 -3.04 34.13 -33.27
CA VAL F 468 -2.07 33.45 -34.10
C VAL F 468 -1.11 34.47 -34.71
N GLY F 469 0.17 34.14 -34.71
CA GLY F 469 1.19 35.02 -35.24
C GLY F 469 1.67 36.10 -34.31
N LYS F 470 1.12 36.18 -33.09
CA LYS F 470 1.52 37.19 -32.13
C LYS F 470 2.64 36.65 -31.24
N LYS F 471 3.67 37.47 -31.04
CA LYS F 471 4.83 37.11 -30.24
C LYS F 471 4.82 37.96 -28.97
N LYS F 472 4.41 37.37 -27.86
CA LYS F 472 4.40 38.04 -26.58
C LYS F 472 5.75 37.84 -25.89
N ALA F 473 5.83 38.19 -24.61
CA ALA F 473 7.11 38.12 -23.89
C ALA F 473 7.49 36.68 -23.57
N ASP F 474 6.65 35.98 -22.81
CA ASP F 474 6.93 34.63 -22.37
C ASP F 474 6.23 33.57 -23.21
N ILE F 475 5.54 33.98 -24.28
CA ILE F 475 4.80 33.04 -25.12
C ILE F 475 4.80 33.58 -26.55
N SER F 476 4.84 32.67 -27.52
CA SER F 476 4.82 33.02 -28.92
C SER F 476 3.88 32.10 -29.66
N TYR F 477 3.28 32.60 -30.74
CA TYR F 477 2.35 31.84 -31.57
C TYR F 477 2.78 31.90 -33.03
N MET F 478 4.08 31.71 -33.28
CA MET F 478 4.62 31.82 -34.63
C MET F 478 4.71 30.48 -35.34
N ARG F 479 4.88 29.38 -34.61
CA ARG F 479 5.06 28.07 -35.22
C ARG F 479 3.76 27.51 -35.79
N PHE F 480 2.61 28.02 -35.36
CA PHE F 480 1.34 27.50 -35.86
C PHE F 480 1.13 27.83 -37.33
N GLY F 481 1.60 29.01 -37.76
CA GLY F 481 1.34 29.43 -39.13
C GLY F 481 2.00 28.54 -40.16
N GLU F 482 3.23 28.12 -39.91
CA GLU F 482 4.01 27.31 -40.85
C GLU F 482 4.17 25.87 -40.35
N LEU F 483 3.12 25.33 -39.73
CA LEU F 483 3.14 23.96 -39.24
C LEU F 483 2.94 23.00 -40.42
N GLU F 484 3.95 22.18 -40.69
CA GLU F 484 3.90 21.22 -41.77
C GLU F 484 3.69 19.81 -41.22
N GLY F 485 2.83 19.05 -41.89
CA GLY F 485 2.56 17.67 -41.52
C GLY F 485 1.32 17.48 -40.67
N VAL F 486 0.75 18.57 -40.13
CA VAL F 486 -0.45 18.50 -39.32
C VAL F 486 -1.48 19.43 -39.94
N SER F 487 -2.69 18.92 -40.17
CA SER F 487 -3.77 19.71 -40.75
C SER F 487 -4.38 20.60 -39.67
N LYS F 488 -4.40 21.90 -39.92
CA LYS F 488 -4.90 22.86 -38.95
C LYS F 488 -6.26 23.39 -39.41
N PHE F 489 -7.27 23.23 -38.57
CA PHE F 489 -8.60 23.75 -38.82
C PHE F 489 -8.89 24.83 -37.79
N THR F 490 -9.36 25.99 -38.26
CA THR F 490 -9.58 27.14 -37.39
C THR F 490 -11.00 27.65 -37.57
N TRP F 491 -11.52 28.26 -36.52
CA TRP F 491 -12.87 28.79 -36.54
C TRP F 491 -12.97 29.94 -37.53
N GLN F 492 -13.71 29.75 -38.61
CA GLN F 492 -13.82 30.75 -39.66
C GLN F 492 -15.05 30.45 -40.50
N LEU F 493 -15.43 31.43 -41.32
CA LEU F 493 -16.50 31.23 -42.27
C LEU F 493 -16.09 30.23 -43.34
N ASN F 494 -17.08 29.56 -43.91
CA ASN F 494 -16.81 28.53 -44.92
C ASN F 494 -16.18 29.17 -46.14
N PRO F 495 -14.98 28.73 -46.56
CA PRO F 495 -14.36 29.33 -47.74
C PRO F 495 -15.18 29.17 -49.01
N SER F 496 -15.91 28.07 -49.15
CA SER F 496 -16.72 27.83 -50.34
C SER F 496 -17.83 26.82 -50.06
#